data_1AAP
# 
_entry.id   1AAP 
# 
_audit_conform.dict_name       mmcif_pdbx.dic 
_audit_conform.dict_version    5.397 
_audit_conform.dict_location   http://mmcif.pdb.org/dictionaries/ascii/mmcif_pdbx.dic 
# 
loop_
_database_2.database_id 
_database_2.database_code 
_database_2.pdbx_database_accession 
_database_2.pdbx_DOI 
PDB   1AAP         pdb_00001aap 10.2210/pdb1aap/pdb 
WWPDB D_1000170598 ?            ?                   
# 
loop_
_pdbx_audit_revision_history.ordinal 
_pdbx_audit_revision_history.data_content_type 
_pdbx_audit_revision_history.major_revision 
_pdbx_audit_revision_history.minor_revision 
_pdbx_audit_revision_history.revision_date 
1 'Structure model' 1 0 1991-10-15 
2 'Structure model' 1 1 2008-03-24 
3 'Structure model' 1 2 2011-07-13 
4 'Structure model' 1 3 2024-06-05 
5 'Structure model' 1 4 2024-10-30 
# 
_pdbx_audit_revision_details.ordinal             1 
_pdbx_audit_revision_details.revision_ordinal    1 
_pdbx_audit_revision_details.data_content_type   'Structure model' 
_pdbx_audit_revision_details.provider            repository 
_pdbx_audit_revision_details.type                'Initial release' 
_pdbx_audit_revision_details.description         ? 
_pdbx_audit_revision_details.details             ? 
# 
loop_
_pdbx_audit_revision_group.ordinal 
_pdbx_audit_revision_group.revision_ordinal 
_pdbx_audit_revision_group.data_content_type 
_pdbx_audit_revision_group.group 
1 2 'Structure model' 'Version format compliance' 
2 3 'Structure model' 'Version format compliance' 
3 4 'Structure model' 'Data collection'           
4 4 'Structure model' 'Database references'       
5 4 'Structure model' Other                       
6 5 'Structure model' 'Structure summary'         
# 
loop_
_pdbx_audit_revision_category.ordinal 
_pdbx_audit_revision_category.revision_ordinal 
_pdbx_audit_revision_category.data_content_type 
_pdbx_audit_revision_category.category 
1 4 'Structure model' chem_comp_atom            
2 4 'Structure model' chem_comp_bond            
3 4 'Structure model' database_2                
4 4 'Structure model' pdbx_database_status      
5 5 'Structure model' pdbx_entry_details        
6 5 'Structure model' pdbx_modification_feature 
# 
loop_
_pdbx_audit_revision_item.ordinal 
_pdbx_audit_revision_item.revision_ordinal 
_pdbx_audit_revision_item.data_content_type 
_pdbx_audit_revision_item.item 
1 4 'Structure model' '_database_2.pdbx_DOI'                
2 4 'Structure model' '_database_2.pdbx_database_accession' 
3 4 'Structure model' '_pdbx_database_status.process_site'  
# 
_pdbx_database_status.status_code                     REL 
_pdbx_database_status.entry_id                        1AAP 
_pdbx_database_status.recvd_initial_deposition_date   1990-09-14 
_pdbx_database_status.deposit_site                    ? 
_pdbx_database_status.process_site                    BNL 
_pdbx_database_status.SG_entry                        . 
_pdbx_database_status.pdb_format_compatible           Y 
_pdbx_database_status.status_code_mr                  ? 
_pdbx_database_status.status_code_sf                  ? 
_pdbx_database_status.status_code_cs                  ? 
_pdbx_database_status.status_code_nmr_data            ? 
_pdbx_database_status.methods_development_category    ? 
# 
loop_
_audit_author.name 
_audit_author.pdbx_ordinal 
'Hynes, T.R.'      1 
'Randal, M.'       2 
'Kennedy, L.A.'    3 
'Eigenbrot, C.'    4 
'Kossiakoff, A.A.' 5 
# 
_citation.id                        primary 
_citation.title                     
;X-ray crystal structure of the protease inhibitor domain of Alzheimer's amyloid beta-protein precursor.
;
_citation.journal_abbrev            Biochemistry 
_citation.journal_volume            29 
_citation.page_first                10018 
_citation.page_last                 10022 
_citation.year                      1990 
_citation.journal_id_ASTM           BICHAW 
_citation.country                   US 
_citation.journal_id_ISSN           0006-2960 
_citation.journal_id_CSD            0033 
_citation.book_publisher            ? 
_citation.pdbx_database_id_PubMed   2125487 
_citation.pdbx_database_id_DOI      10.1021/bi00495a002 
# 
loop_
_citation_author.citation_id 
_citation_author.name 
_citation_author.ordinal 
_citation_author.identifier_ORCID 
primary 'Hynes, T.R.'      1 ? 
primary 'Randal, M.'       2 ? 
primary 'Kennedy, L.A.'    3 ? 
primary 'Eigenbrot, C.'    4 ? 
primary 'Kossiakoff, A.A.' 5 ? 
# 
loop_
_entity.id 
_entity.type 
_entity.src_method 
_entity.pdbx_description 
_entity.formula_weight 
_entity.pdbx_number_of_molecules 
_entity.pdbx_ec 
_entity.pdbx_mutation 
_entity.pdbx_fragment 
_entity.details 
1 polymer man 
;ALZHEIMER'S DISEASE AMYLOID A4 PROTEIN
;
6420.147 2   ? ? 'INHIBITOR DOMAIN' ? 
2 water   nat water                                    18.015   105 ? ? ?                  ? 
# 
_entity_poly.entity_id                      1 
_entity_poly.type                           'polypeptide(L)' 
_entity_poly.nstd_linkage                   no 
_entity_poly.nstd_monomer                   no 
_entity_poly.pdbx_seq_one_letter_code       VREVCSEQAETGPCRAMISRWYFDVTEGKCAPFFYGGCGGNRNNFDTEEYCMAVCGSA 
_entity_poly.pdbx_seq_one_letter_code_can   VREVCSEQAETGPCRAMISRWYFDVTEGKCAPFFYGGCGGNRNNFDTEEYCMAVCGSA 
_entity_poly.pdbx_strand_id                 A,B 
_entity_poly.pdbx_target_identifier         ? 
# 
_pdbx_entity_nonpoly.entity_id   2 
_pdbx_entity_nonpoly.name        water 
_pdbx_entity_nonpoly.comp_id     HOH 
# 
loop_
_entity_poly_seq.entity_id 
_entity_poly_seq.num 
_entity_poly_seq.mon_id 
_entity_poly_seq.hetero 
1 1  VAL n 
1 2  ARG n 
1 3  GLU n 
1 4  VAL n 
1 5  CYS n 
1 6  SER n 
1 7  GLU n 
1 8  GLN n 
1 9  ALA n 
1 10 GLU n 
1 11 THR n 
1 12 GLY n 
1 13 PRO n 
1 14 CYS n 
1 15 ARG n 
1 16 ALA n 
1 17 MET n 
1 18 ILE n 
1 19 SER n 
1 20 ARG n 
1 21 TRP n 
1 22 TYR n 
1 23 PHE n 
1 24 ASP n 
1 25 VAL n 
1 26 THR n 
1 27 GLU n 
1 28 GLY n 
1 29 LYS n 
1 30 CYS n 
1 31 ALA n 
1 32 PRO n 
1 33 PHE n 
1 34 PHE n 
1 35 TYR n 
1 36 GLY n 
1 37 GLY n 
1 38 CYS n 
1 39 GLY n 
1 40 GLY n 
1 41 ASN n 
1 42 ARG n 
1 43 ASN n 
1 44 ASN n 
1 45 PHE n 
1 46 ASP n 
1 47 THR n 
1 48 GLU n 
1 49 GLU n 
1 50 TYR n 
1 51 CYS n 
1 52 MET n 
1 53 ALA n 
1 54 VAL n 
1 55 CYS n 
1 56 GLY n 
1 57 SER n 
1 58 ALA n 
# 
_entity_src_gen.entity_id                          1 
_entity_src_gen.pdbx_src_id                        1 
_entity_src_gen.pdbx_alt_source_flag               sample 
_entity_src_gen.pdbx_seq_type                      ? 
_entity_src_gen.pdbx_beg_seq_num                   ? 
_entity_src_gen.pdbx_end_seq_num                   ? 
_entity_src_gen.gene_src_common_name               human 
_entity_src_gen.gene_src_genus                     Homo 
_entity_src_gen.pdbx_gene_src_gene                 ? 
_entity_src_gen.gene_src_species                   ? 
_entity_src_gen.gene_src_strain                    ? 
_entity_src_gen.gene_src_tissue                    ? 
_entity_src_gen.gene_src_tissue_fraction           ? 
_entity_src_gen.gene_src_details                   ? 
_entity_src_gen.pdbx_gene_src_fragment             ? 
_entity_src_gen.pdbx_gene_src_scientific_name      'Homo sapiens' 
_entity_src_gen.pdbx_gene_src_ncbi_taxonomy_id     9606 
_entity_src_gen.pdbx_gene_src_variant              ? 
_entity_src_gen.pdbx_gene_src_cell_line            ? 
_entity_src_gen.pdbx_gene_src_atcc                 ? 
_entity_src_gen.pdbx_gene_src_organ                ? 
_entity_src_gen.pdbx_gene_src_organelle            ? 
_entity_src_gen.pdbx_gene_src_cell                 ? 
_entity_src_gen.pdbx_gene_src_cellular_location    ? 
_entity_src_gen.host_org_common_name               ? 
_entity_src_gen.pdbx_host_org_scientific_name      'Escherichia coli' 
_entity_src_gen.pdbx_host_org_ncbi_taxonomy_id     562 
_entity_src_gen.host_org_genus                     Escherichia 
_entity_src_gen.pdbx_host_org_gene                 ? 
_entity_src_gen.pdbx_host_org_organ                ? 
_entity_src_gen.host_org_species                   ? 
_entity_src_gen.pdbx_host_org_tissue               ? 
_entity_src_gen.pdbx_host_org_tissue_fraction      ? 
_entity_src_gen.pdbx_host_org_strain               ? 
_entity_src_gen.pdbx_host_org_variant              ? 
_entity_src_gen.pdbx_host_org_cell_line            ? 
_entity_src_gen.pdbx_host_org_atcc                 ? 
_entity_src_gen.pdbx_host_org_culture_collection   ? 
_entity_src_gen.pdbx_host_org_cell                 ? 
_entity_src_gen.pdbx_host_org_organelle            ? 
_entity_src_gen.pdbx_host_org_cellular_location    ? 
_entity_src_gen.pdbx_host_org_vector_type          ? 
_entity_src_gen.pdbx_host_org_vector               ? 
_entity_src_gen.host_org_details                   ? 
_entity_src_gen.expression_system_id               ? 
_entity_src_gen.plasmid_name                       ? 
_entity_src_gen.plasmid_details                    ? 
_entity_src_gen.pdbx_description                   ? 
# 
loop_
_chem_comp.id 
_chem_comp.type 
_chem_comp.mon_nstd_flag 
_chem_comp.name 
_chem_comp.pdbx_synonyms 
_chem_comp.formula 
_chem_comp.formula_weight 
ALA 'L-peptide linking' y ALANINE         ? 'C3 H7 N O2'     89.093  
ARG 'L-peptide linking' y ARGININE        ? 'C6 H15 N4 O2 1' 175.209 
ASN 'L-peptide linking' y ASPARAGINE      ? 'C4 H8 N2 O3'    132.118 
ASP 'L-peptide linking' y 'ASPARTIC ACID' ? 'C4 H7 N O4'     133.103 
CYS 'L-peptide linking' y CYSTEINE        ? 'C3 H7 N O2 S'   121.158 
GLN 'L-peptide linking' y GLUTAMINE       ? 'C5 H10 N2 O3'   146.144 
GLU 'L-peptide linking' y 'GLUTAMIC ACID' ? 'C5 H9 N O4'     147.129 
GLY 'peptide linking'   y GLYCINE         ? 'C2 H5 N O2'     75.067  
HOH non-polymer         . WATER           ? 'H2 O'           18.015  
ILE 'L-peptide linking' y ISOLEUCINE      ? 'C6 H13 N O2'    131.173 
LYS 'L-peptide linking' y LYSINE          ? 'C6 H15 N2 O2 1' 147.195 
MET 'L-peptide linking' y METHIONINE      ? 'C5 H11 N O2 S'  149.211 
PHE 'L-peptide linking' y PHENYLALANINE   ? 'C9 H11 N O2'    165.189 
PRO 'L-peptide linking' y PROLINE         ? 'C5 H9 N O2'     115.130 
SER 'L-peptide linking' y SERINE          ? 'C3 H7 N O3'     105.093 
THR 'L-peptide linking' y THREONINE       ? 'C4 H9 N O3'     119.119 
TRP 'L-peptide linking' y TRYPTOPHAN      ? 'C11 H12 N2 O2'  204.225 
TYR 'L-peptide linking' y TYROSINE        ? 'C9 H11 N O3'    181.189 
VAL 'L-peptide linking' y VALINE          ? 'C5 H11 N O2'    117.146 
# 
loop_
_pdbx_poly_seq_scheme.asym_id 
_pdbx_poly_seq_scheme.entity_id 
_pdbx_poly_seq_scheme.seq_id 
_pdbx_poly_seq_scheme.mon_id 
_pdbx_poly_seq_scheme.ndb_seq_num 
_pdbx_poly_seq_scheme.pdb_seq_num 
_pdbx_poly_seq_scheme.auth_seq_num 
_pdbx_poly_seq_scheme.pdb_mon_id 
_pdbx_poly_seq_scheme.auth_mon_id 
_pdbx_poly_seq_scheme.pdb_strand_id 
_pdbx_poly_seq_scheme.pdb_ins_code 
_pdbx_poly_seq_scheme.hetero 
A 1 1  VAL 1  1  1  VAL VAL A . n 
A 1 2  ARG 2  2  2  ARG ARG A . n 
A 1 3  GLU 3  3  3  GLU GLU A . n 
A 1 4  VAL 4  4  4  VAL VAL A . n 
A 1 5  CYS 5  5  5  CYS CYS A . n 
A 1 6  SER 6  6  6  SER SER A . n 
A 1 7  GLU 7  7  7  GLU GLU A . n 
A 1 8  GLN 8  8  8  GLN GLN A . n 
A 1 9  ALA 9  9  9  ALA ALA A . n 
A 1 10 GLU 10 10 10 GLU GLU A . n 
A 1 11 THR 11 11 11 THR THR A . n 
A 1 12 GLY 12 12 12 GLY GLY A . n 
A 1 13 PRO 13 13 13 PRO PRO A . n 
A 1 14 CYS 14 14 14 CYS CYS A . n 
A 1 15 ARG 15 15 15 ARG ARG A . n 
A 1 16 ALA 16 16 16 ALA ALA A . n 
A 1 17 MET 17 17 17 MET MET A . n 
A 1 18 ILE 18 18 18 ILE ILE A . n 
A 1 19 SER 19 19 19 SER SER A . n 
A 1 20 ARG 20 20 20 ARG ARG A . n 
A 1 21 TRP 21 21 21 TRP TRP A . n 
A 1 22 TYR 22 22 22 TYR TYR A . n 
A 1 23 PHE 23 23 23 PHE PHE A . n 
A 1 24 ASP 24 24 24 ASP ASP A . n 
A 1 25 VAL 25 25 25 VAL VAL A . n 
A 1 26 THR 26 26 26 THR THR A . n 
A 1 27 GLU 27 27 27 GLU GLU A . n 
A 1 28 GLY 28 28 28 GLY GLY A . n 
A 1 29 LYS 29 29 29 LYS LYS A . n 
A 1 30 CYS 30 30 30 CYS CYS A . n 
A 1 31 ALA 31 31 31 ALA ALA A . n 
A 1 32 PRO 32 32 32 PRO PRO A . n 
A 1 33 PHE 33 33 33 PHE PHE A . n 
A 1 34 PHE 34 34 34 PHE PHE A . n 
A 1 35 TYR 35 35 35 TYR TYR A . n 
A 1 36 GLY 36 36 36 GLY GLY A . n 
A 1 37 GLY 37 37 37 GLY GLY A . n 
A 1 38 CYS 38 38 38 CYS CYS A . n 
A 1 39 GLY 39 39 39 GLY GLY A . n 
A 1 40 GLY 40 40 40 GLY GLY A . n 
A 1 41 ASN 41 41 41 ASN ASN A . n 
A 1 42 ARG 42 42 42 ARG ARG A . n 
A 1 43 ASN 43 43 43 ASN ASN A . n 
A 1 44 ASN 44 44 44 ASN ASN A . n 
A 1 45 PHE 45 45 45 PHE PHE A . n 
A 1 46 ASP 46 46 46 ASP ASP A . n 
A 1 47 THR 47 47 47 THR THR A . n 
A 1 48 GLU 48 48 48 GLU GLU A . n 
A 1 49 GLU 49 49 49 GLU GLU A . n 
A 1 50 TYR 50 50 50 TYR TYR A . n 
A 1 51 CYS 51 51 51 CYS CYS A . n 
A 1 52 MET 52 52 52 MET MET A . n 
A 1 53 ALA 53 53 53 ALA ALA A . n 
A 1 54 VAL 54 54 54 VAL VAL A . n 
A 1 55 CYS 55 55 55 CYS CYS A . n 
A 1 56 GLY 56 56 56 GLY GLY A . n 
A 1 57 SER 57 57 ?  ?   ?   A . n 
A 1 58 ALA 58 58 ?  ?   ?   A . n 
B 1 1  VAL 1  1  1  VAL VAL B . n 
B 1 2  ARG 2  2  2  ARG ARG B . n 
B 1 3  GLU 3  3  3  GLU GLU B . n 
B 1 4  VAL 4  4  4  VAL VAL B . n 
B 1 5  CYS 5  5  5  CYS CYS B . n 
B 1 6  SER 6  6  6  SER SER B . n 
B 1 7  GLU 7  7  7  GLU GLU B . n 
B 1 8  GLN 8  8  8  GLN GLN B . n 
B 1 9  ALA 9  9  9  ALA ALA B . n 
B 1 10 GLU 10 10 10 GLU GLU B . n 
B 1 11 THR 11 11 11 THR THR B . n 
B 1 12 GLY 12 12 12 GLY GLY B . n 
B 1 13 PRO 13 13 13 PRO PRO B . n 
B 1 14 CYS 14 14 14 CYS CYS B . n 
B 1 15 ARG 15 15 15 ARG ARG B . n 
B 1 16 ALA 16 16 16 ALA ALA B . n 
B 1 17 MET 17 17 17 MET MET B . n 
B 1 18 ILE 18 18 18 ILE ILE B . n 
B 1 19 SER 19 19 19 SER SER B . n 
B 1 20 ARG 20 20 20 ARG ARG B . n 
B 1 21 TRP 21 21 21 TRP TRP B . n 
B 1 22 TYR 22 22 22 TYR TYR B . n 
B 1 23 PHE 23 23 23 PHE PHE B . n 
B 1 24 ASP 24 24 24 ASP ASP B . n 
B 1 25 VAL 25 25 25 VAL VAL B . n 
B 1 26 THR 26 26 26 THR THR B . n 
B 1 27 GLU 27 27 27 GLU GLU B . n 
B 1 28 GLY 28 28 28 GLY GLY B . n 
B 1 29 LYS 29 29 29 LYS LYS B . n 
B 1 30 CYS 30 30 30 CYS CYS B . n 
B 1 31 ALA 31 31 31 ALA ALA B . n 
B 1 32 PRO 32 32 32 PRO PRO B . n 
B 1 33 PHE 33 33 33 PHE PHE B . n 
B 1 34 PHE 34 34 34 PHE PHE B . n 
B 1 35 TYR 35 35 35 TYR TYR B . n 
B 1 36 GLY 36 36 36 GLY GLY B . n 
B 1 37 GLY 37 37 37 GLY GLY B . n 
B 1 38 CYS 38 38 38 CYS CYS B . n 
B 1 39 GLY 39 39 39 GLY GLY B . n 
B 1 40 GLY 40 40 40 GLY GLY B . n 
B 1 41 ASN 41 41 41 ASN ASN B . n 
B 1 42 ARG 42 42 42 ARG ARG B . n 
B 1 43 ASN 43 43 43 ASN ASN B . n 
B 1 44 ASN 44 44 44 ASN ASN B . n 
B 1 45 PHE 45 45 45 PHE PHE B . n 
B 1 46 ASP 46 46 46 ASP ASP B . n 
B 1 47 THR 47 47 47 THR THR B . n 
B 1 48 GLU 48 48 48 GLU GLU B . n 
B 1 49 GLU 49 49 49 GLU GLU B . n 
B 1 50 TYR 50 50 50 TYR TYR B . n 
B 1 51 CYS 51 51 51 CYS CYS B . n 
B 1 52 MET 52 52 52 MET MET B . n 
B 1 53 ALA 53 53 53 ALA ALA B . n 
B 1 54 VAL 54 54 54 VAL VAL B . n 
B 1 55 CYS 55 55 55 CYS CYS B . n 
B 1 56 GLY 56 56 56 GLY GLY B . n 
B 1 57 SER 57 57 ?  ?   ?   B . n 
B 1 58 ALA 58 58 ?  ?   ?   B . n 
# 
loop_
_pdbx_nonpoly_scheme.asym_id 
_pdbx_nonpoly_scheme.entity_id 
_pdbx_nonpoly_scheme.mon_id 
_pdbx_nonpoly_scheme.ndb_seq_num 
_pdbx_nonpoly_scheme.pdb_seq_num 
_pdbx_nonpoly_scheme.auth_seq_num 
_pdbx_nonpoly_scheme.pdb_mon_id 
_pdbx_nonpoly_scheme.auth_mon_id 
_pdbx_nonpoly_scheme.pdb_strand_id 
_pdbx_nonpoly_scheme.pdb_ins_code 
C 2 HOH 1  201 201 HOH HOH A . 
C 2 HOH 2  202 202 HOH HOH A . 
C 2 HOH 3  203 203 HOH HOH A . 
C 2 HOH 4  204 204 HOH HOH A . 
C 2 HOH 5  205 205 HOH HOH A . 
C 2 HOH 6  207 207 HOH HOH A . 
C 2 HOH 7  208 208 HOH HOH A . 
C 2 HOH 8  209 209 HOH HOH A . 
C 2 HOH 9  210 210 HOH HOH A . 
C 2 HOH 10 211 211 HOH HOH A . 
C 2 HOH 11 212 212 HOH HOH A . 
C 2 HOH 12 213 213 HOH HOH A . 
C 2 HOH 13 214 214 HOH HOH A . 
C 2 HOH 14 215 215 HOH HOH A . 
C 2 HOH 15 216 216 HOH HOH A . 
C 2 HOH 16 217 217 HOH HOH A . 
C 2 HOH 17 218 218 HOH HOH A . 
C 2 HOH 18 219 219 HOH HOH A . 
C 2 HOH 19 221 221 HOH HOH A . 
C 2 HOH 20 222 222 HOH HOH A . 
C 2 HOH 21 223 223 HOH HOH A . 
C 2 HOH 22 224 224 HOH HOH A . 
C 2 HOH 23 225 225 HOH HOH A . 
C 2 HOH 24 226 226 HOH HOH A . 
C 2 HOH 25 227 227 HOH HOH A . 
C 2 HOH 26 228 228 HOH HOH A . 
C 2 HOH 27 229 229 HOH HOH A . 
C 2 HOH 28 230 230 HOH HOH A . 
C 2 HOH 29 231 231 HOH HOH A . 
C 2 HOH 30 232 232 HOH HOH A . 
C 2 HOH 31 233 233 HOH HOH A . 
C 2 HOH 32 234 234 HOH HOH A . 
C 2 HOH 33 235 235 HOH HOH A . 
C 2 HOH 34 236 236 HOH HOH A . 
C 2 HOH 35 238 238 HOH HOH A . 
C 2 HOH 36 239 239 HOH HOH A . 
C 2 HOH 37 241 241 HOH HOH A . 
C 2 HOH 38 242 242 HOH HOH A . 
C 2 HOH 39 243 243 HOH HOH A . 
C 2 HOH 40 244 244 HOH HOH A . 
C 2 HOH 41 245 245 HOH HOH A . 
C 2 HOH 42 246 246 HOH HOH A . 
C 2 HOH 43 247 247 HOH HOH A . 
C 2 HOH 44 248 248 HOH HOH A . 
C 2 HOH 45 249 249 HOH HOH A . 
C 2 HOH 46 250 250 HOH HOH A . 
C 2 HOH 47 251 251 HOH HOH A . 
C 2 HOH 48 252 252 HOH HOH A . 
C 2 HOH 49 253 253 HOH HOH A . 
C 2 HOH 50 255 255 HOH HOH A . 
C 2 HOH 51 263 263 HOH HOH A . 
C 2 HOH 52 278 278 HOH HOH A . 
C 2 HOH 53 279 279 HOH HOH A . 
C 2 HOH 54 285 285 HOH HOH A . 
C 2 HOH 55 296 296 HOH HOH A . 
C 2 HOH 56 297 297 HOH HOH A . 
C 2 HOH 57 299 299 HOH HOH A . 
C 2 HOH 58 300 300 HOH HOH A . 
C 2 HOH 59 303 303 HOH HOH A . 
C 2 HOH 60 304 304 HOH HOH A . 
D 2 HOH 1  206 206 HOH HOH B . 
D 2 HOH 2  220 220 HOH HOH B . 
D 2 HOH 3  237 237 HOH HOH B . 
D 2 HOH 4  240 240 HOH HOH B . 
D 2 HOH 5  254 254 HOH HOH B . 
D 2 HOH 6  256 256 HOH HOH B . 
D 2 HOH 7  257 257 HOH HOH B . 
D 2 HOH 8  258 258 HOH HOH B . 
D 2 HOH 9  259 259 HOH HOH B . 
D 2 HOH 10 260 260 HOH HOH B . 
D 2 HOH 11 261 261 HOH HOH B . 
D 2 HOH 12 262 262 HOH HOH B . 
D 2 HOH 13 264 264 HOH HOH B . 
D 2 HOH 14 265 265 HOH HOH B . 
D 2 HOH 15 266 266 HOH HOH B . 
D 2 HOH 16 267 267 HOH HOH B . 
D 2 HOH 17 268 268 HOH HOH B . 
D 2 HOH 18 269 269 HOH HOH B . 
D 2 HOH 19 270 270 HOH HOH B . 
D 2 HOH 20 271 271 HOH HOH B . 
D 2 HOH 21 272 272 HOH HOH B . 
D 2 HOH 22 273 273 HOH HOH B . 
D 2 HOH 23 274 274 HOH HOH B . 
D 2 HOH 24 275 275 HOH HOH B . 
D 2 HOH 25 276 276 HOH HOH B . 
D 2 HOH 26 277 277 HOH HOH B . 
D 2 HOH 27 280 280 HOH HOH B . 
D 2 HOH 28 281 281 HOH HOH B . 
D 2 HOH 29 282 282 HOH HOH B . 
D 2 HOH 30 283 283 HOH HOH B . 
D 2 HOH 31 284 284 HOH HOH B . 
D 2 HOH 32 286 286 HOH HOH B . 
D 2 HOH 33 287 287 HOH HOH B . 
D 2 HOH 34 288 288 HOH HOH B . 
D 2 HOH 35 289 289 HOH HOH B . 
D 2 HOH 36 290 290 HOH HOH B . 
D 2 HOH 37 291 291 HOH HOH B . 
D 2 HOH 38 292 292 HOH HOH B . 
D 2 HOH 39 293 293 HOH HOH B . 
D 2 HOH 40 294 294 HOH HOH B . 
D 2 HOH 41 295 295 HOH HOH B . 
D 2 HOH 42 298 298 HOH HOH B . 
D 2 HOH 43 301 301 HOH HOH B . 
D 2 HOH 44 302 302 HOH HOH B . 
D 2 HOH 45 305 305 HOH HOH B . 
# 
_software.name             PROLSQ 
_software.classification   refinement 
_software.version          . 
_software.citation_id      ? 
_software.pdbx_ordinal     1 
# 
_cell.entry_id           1AAP 
_cell.length_a           35.600 
_cell.length_b           38.900 
_cell.length_c           73.600 
_cell.angle_alpha        90.00 
_cell.angle_beta         90.00 
_cell.angle_gamma        90.00 
_cell.Z_PDB              8 
_cell.pdbx_unique_axis   ? 
# 
_symmetry.entry_id                         1AAP 
_symmetry.space_group_name_H-M             'P 21 21 21' 
_symmetry.pdbx_full_space_group_name_H-M   ? 
_symmetry.cell_setting                     ? 
_symmetry.Int_Tables_number                19 
# 
_exptl.entry_id          1AAP 
_exptl.method            'X-RAY DIFFRACTION' 
_exptl.crystals_number   ? 
# 
_exptl_crystal.id                    1 
_exptl_crystal.density_meas          ? 
_exptl_crystal.density_Matthews      1.98 
_exptl_crystal.density_percent_sol   38.00 
_exptl_crystal.description           ? 
# 
_diffrn.id                     1 
_diffrn.ambient_temp           ? 
_diffrn.ambient_temp_details   ? 
_diffrn.crystal_id             1 
# 
_diffrn_radiation.diffrn_id                        1 
_diffrn_radiation.wavelength_id                    1 
_diffrn_radiation.pdbx_monochromatic_or_laue_m_l   ? 
_diffrn_radiation.monochromator                    ? 
_diffrn_radiation.pdbx_diffrn_protocol             ? 
_diffrn_radiation.pdbx_scattering_type             x-ray 
# 
_diffrn_radiation_wavelength.id           1 
_diffrn_radiation_wavelength.wavelength   . 
_diffrn_radiation_wavelength.wt           1.0 
# 
_refine.entry_id                                 1AAP 
_refine.ls_number_reflns_obs                     11908 
_refine.ls_number_reflns_all                     ? 
_refine.pdbx_ls_sigma_I                          ? 
_refine.pdbx_ls_sigma_F                          ? 
_refine.pdbx_data_cutoff_high_absF               ? 
_refine.pdbx_data_cutoff_low_absF                ? 
_refine.pdbx_data_cutoff_high_rms_absF           ? 
_refine.ls_d_res_low                             8.0 
_refine.ls_d_res_high                            1.5 
_refine.ls_percent_reflns_obs                    ? 
_refine.ls_R_factor_obs                          0.177 
_refine.ls_R_factor_all                          ? 
_refine.ls_R_factor_R_work                       ? 
_refine.ls_R_factor_R_free                       ? 
_refine.ls_R_factor_R_free_error                 ? 
_refine.ls_R_factor_R_free_error_details         ? 
_refine.ls_percent_reflns_R_free                 ? 
_refine.ls_number_reflns_R_free                  ? 
_refine.ls_number_parameters                     ? 
_refine.ls_number_restraints                     ? 
_refine.occupancy_min                            ? 
_refine.occupancy_max                            ? 
_refine.B_iso_mean                               ? 
_refine.aniso_B[1][1]                            ? 
_refine.aniso_B[2][2]                            ? 
_refine.aniso_B[3][3]                            ? 
_refine.aniso_B[1][2]                            ? 
_refine.aniso_B[1][3]                            ? 
_refine.aniso_B[2][3]                            ? 
_refine.solvent_model_details                    ? 
_refine.solvent_model_param_ksol                 ? 
_refine.solvent_model_param_bsol                 ? 
_refine.pdbx_ls_cross_valid_method               ? 
_refine.details                                  ? 
_refine.pdbx_starting_model                      ? 
_refine.pdbx_method_to_determine_struct          ? 
_refine.pdbx_isotropic_thermal_model             ? 
_refine.pdbx_stereochemistry_target_values       ? 
_refine.pdbx_stereochem_target_val_spec_case     ? 
_refine.pdbx_R_Free_selection_details            ? 
_refine.pdbx_overall_ESU_R                       ? 
_refine.pdbx_overall_ESU_R_Free                  ? 
_refine.overall_SU_ML                            ? 
_refine.overall_SU_B                             ? 
_refine.pdbx_refine_id                           'X-RAY DIFFRACTION' 
_refine.pdbx_diffrn_id                           1 
_refine.pdbx_TLS_residual_ADP_flag               ? 
_refine.correlation_coeff_Fo_to_Fc               ? 
_refine.correlation_coeff_Fo_to_Fc_free          ? 
_refine.pdbx_solvent_vdw_probe_radii             ? 
_refine.pdbx_solvent_ion_probe_radii             ? 
_refine.pdbx_solvent_shrinkage_radii             ? 
_refine.pdbx_overall_phase_error                 ? 
_refine.overall_SU_R_Cruickshank_DPI             ? 
_refine.pdbx_overall_SU_R_free_Cruickshank_DPI   ? 
_refine.pdbx_overall_SU_R_Blow_DPI               ? 
_refine.pdbx_overall_SU_R_free_Blow_DPI          ? 
# 
_refine_hist.pdbx_refine_id                   'X-RAY DIFFRACTION' 
_refine_hist.cycle_id                         LAST 
_refine_hist.pdbx_number_atoms_protein        866 
_refine_hist.pdbx_number_atoms_nucleic_acid   0 
_refine_hist.pdbx_number_atoms_ligand         0 
_refine_hist.number_atoms_solvent             105 
_refine_hist.number_atoms_total               971 
_refine_hist.d_res_high                       1.5 
_refine_hist.d_res_low                        8.0 
# 
loop_
_refine_ls_restr.type 
_refine_ls_restr.dev_ideal 
_refine_ls_restr.dev_ideal_target 
_refine_ls_restr.weight 
_refine_ls_restr.number 
_refine_ls_restr.pdbx_refine_id 
_refine_ls_restr.pdbx_restraint_function 
p_bond_d  0.018 ? ? ? 'X-RAY DIFFRACTION' ? 
p_angle_d 0.033 ? ? ? 'X-RAY DIFFRACTION' ? 
# 
_struct.entry_id                  1AAP 
_struct.title                     
;X-RAY CRYSTAL STRUCTURE OF THE PROTEASE INHIBITOR DOMAIN OF ALZHEIMER'S AMYLOID BETA-PROTEIN PRECURSOR
;
_struct.pdbx_model_details        ? 
_struct.pdbx_CASP_flag            ? 
_struct.pdbx_model_type_details   ? 
# 
_struct_keywords.entry_id        1AAP 
_struct_keywords.pdbx_keywords   'PROTEINASE INHIBITOR (TRYPSIN)' 
_struct_keywords.text            'PROTEINASE INHIBITOR (TRYPSIN)' 
# 
loop_
_struct_asym.id 
_struct_asym.pdbx_blank_PDB_chainid_flag 
_struct_asym.pdbx_modified 
_struct_asym.entity_id 
_struct_asym.details 
A N N 1 ? 
B N N 1 ? 
C N N 2 ? 
D N N 2 ? 
# 
_struct_ref.id                         1 
_struct_ref.db_name                    UNP 
_struct_ref.db_code                    A4_HUMAN 
_struct_ref.entity_id                  1 
_struct_ref.pdbx_db_accession          P05067 
_struct_ref.pdbx_align_begin           1 
_struct_ref.pdbx_seq_one_letter_code   
;MLPGLALLLLAAWTARALEVPTDGNAGLLAEPQIAMFCGRLNMHMNVQNGKWDSDPSGTKTCIDTKEGILQYCQEVYPEL
QITNVVEANQPVTIQNWCKRGRKQCKTHPHFVIPYRCLVGEFVSDALLVPDKCKFLHQERMDVCETHLHWHTVAKETCSE
KSTNLHDYGMLLPCGIDKFRGVEFVCCPLAEESDNVDSADAEEDDSDVWWGGADTDYADGSEDKVVEVAEEEEVAEVEEE
EADDDEDDEDGDEVEEEAEEPYEEATERTTSIATTTTTTTESVEEVVREVCSEQAETGPCRAMISRWYFDVTEGKCAPFF
YGGCGGNRNNFDTEEYCMAVCGSAMSQSLLKTTQEPLARDPVKLPTTAASTPDAVDKYLETPGDENEHAHFQKAKERLEA
KHRERMSQVMREWEEAERQAKNLPKADKKAVIQHFQEKVESLEQEAANERQQLVETHMARVEAMLNDRRRLALENYITAL
QAVPPRPRHVFNMLKKYVRAEQKDRQHTLKHFEHVRMVDPKKAAQIRSQVMTHLRVIYERMNQSLSLLYNVPAVAEEIQD
EVDELLQKEQNYSDDVLANMISEPRISYGNDALMPSLTETKTTVELLPVNGEFSLDDLQPWHSFGADSVPANTENEVEPV
DARPAADRGLTTRPGSGLTNIKTEEISEVKMDAEFRHDSGYEVHHQKLVFFAEDVGSNKGAIIGLMVGGVVIATVIVITL
VMLKKKQYTSIHHGVVEVDAAVTPEERHLSKMQQNGYENPTYKFFEQMQN
;
_struct_ref.pdbx_db_isoform            ? 
# 
loop_
_struct_ref_seq.align_id 
_struct_ref_seq.ref_id 
_struct_ref_seq.pdbx_PDB_id_code 
_struct_ref_seq.pdbx_strand_id 
_struct_ref_seq.seq_align_beg 
_struct_ref_seq.pdbx_seq_align_beg_ins_code 
_struct_ref_seq.seq_align_end 
_struct_ref_seq.pdbx_seq_align_end_ins_code 
_struct_ref_seq.pdbx_db_accession 
_struct_ref_seq.db_align_beg 
_struct_ref_seq.pdbx_db_align_beg_ins_code 
_struct_ref_seq.db_align_end 
_struct_ref_seq.pdbx_db_align_end_ins_code 
_struct_ref_seq.pdbx_auth_seq_align_beg 
_struct_ref_seq.pdbx_auth_seq_align_end 
1 1 1AAP A 1 ? 58 ? P05067 287 ? 344 ? 1 58 
2 1 1AAP B 1 ? 58 ? P05067 287 ? 344 ? 1 58 
# 
_pdbx_struct_assembly.id                   1 
_pdbx_struct_assembly.details              author_defined_assembly 
_pdbx_struct_assembly.method_details       ? 
_pdbx_struct_assembly.oligomeric_details   dimeric 
_pdbx_struct_assembly.oligomeric_count     2 
# 
_pdbx_struct_assembly_gen.assembly_id       1 
_pdbx_struct_assembly_gen.oper_expression   1 
_pdbx_struct_assembly_gen.asym_id_list      A,B,C,D 
# 
_pdbx_struct_oper_list.id                   1 
_pdbx_struct_oper_list.type                 'identity operation' 
_pdbx_struct_oper_list.name                 1_555 
_pdbx_struct_oper_list.symmetry_operation   x,y,z 
_pdbx_struct_oper_list.matrix[1][1]         1.0000000000 
_pdbx_struct_oper_list.matrix[1][2]         0.0000000000 
_pdbx_struct_oper_list.matrix[1][3]         0.0000000000 
_pdbx_struct_oper_list.vector[1]            0.0000000000 
_pdbx_struct_oper_list.matrix[2][1]         0.0000000000 
_pdbx_struct_oper_list.matrix[2][2]         1.0000000000 
_pdbx_struct_oper_list.matrix[2][3]         0.0000000000 
_pdbx_struct_oper_list.vector[2]            0.0000000000 
_pdbx_struct_oper_list.matrix[3][1]         0.0000000000 
_pdbx_struct_oper_list.matrix[3][2]         0.0000000000 
_pdbx_struct_oper_list.matrix[3][3]         1.0000000000 
_pdbx_struct_oper_list.vector[3]            0.0000000000 
# 
_struct_biol.id   1 
# 
loop_
_struct_conf.conf_type_id 
_struct_conf.id 
_struct_conf.pdbx_PDB_helix_id 
_struct_conf.beg_label_comp_id 
_struct_conf.beg_label_asym_id 
_struct_conf.beg_label_seq_id 
_struct_conf.pdbx_beg_PDB_ins_code 
_struct_conf.end_label_comp_id 
_struct_conf.end_label_asym_id 
_struct_conf.end_label_seq_id 
_struct_conf.pdbx_end_PDB_ins_code 
_struct_conf.beg_auth_comp_id 
_struct_conf.beg_auth_asym_id 
_struct_conf.beg_auth_seq_id 
_struct_conf.end_auth_comp_id 
_struct_conf.end_auth_asym_id 
_struct_conf.end_auth_seq_id 
_struct_conf.pdbx_PDB_helix_class 
_struct_conf.details 
_struct_conf.pdbx_PDB_helix_length 
HELX_P HELX_P1 H1 THR A 47 ? GLY A 56 ? THR A 47 GLY A 56 1 ? 10 
HELX_P HELX_P2 H2 THR B 47 ? GLY B 56 ? THR B 47 GLY B 56 1 ? 10 
# 
_struct_conf_type.id          HELX_P 
_struct_conf_type.criteria    ? 
_struct_conf_type.reference   ? 
# 
loop_
_struct_conn.id 
_struct_conn.conn_type_id 
_struct_conn.pdbx_leaving_atom_flag 
_struct_conn.pdbx_PDB_id 
_struct_conn.ptnr1_label_asym_id 
_struct_conn.ptnr1_label_comp_id 
_struct_conn.ptnr1_label_seq_id 
_struct_conn.ptnr1_label_atom_id 
_struct_conn.pdbx_ptnr1_label_alt_id 
_struct_conn.pdbx_ptnr1_PDB_ins_code 
_struct_conn.pdbx_ptnr1_standard_comp_id 
_struct_conn.ptnr1_symmetry 
_struct_conn.ptnr2_label_asym_id 
_struct_conn.ptnr2_label_comp_id 
_struct_conn.ptnr2_label_seq_id 
_struct_conn.ptnr2_label_atom_id 
_struct_conn.pdbx_ptnr2_label_alt_id 
_struct_conn.pdbx_ptnr2_PDB_ins_code 
_struct_conn.ptnr1_auth_asym_id 
_struct_conn.ptnr1_auth_comp_id 
_struct_conn.ptnr1_auth_seq_id 
_struct_conn.ptnr2_auth_asym_id 
_struct_conn.ptnr2_auth_comp_id 
_struct_conn.ptnr2_auth_seq_id 
_struct_conn.ptnr2_symmetry 
_struct_conn.pdbx_ptnr3_label_atom_id 
_struct_conn.pdbx_ptnr3_label_seq_id 
_struct_conn.pdbx_ptnr3_label_comp_id 
_struct_conn.pdbx_ptnr3_label_asym_id 
_struct_conn.pdbx_ptnr3_label_alt_id 
_struct_conn.pdbx_ptnr3_PDB_ins_code 
_struct_conn.details 
_struct_conn.pdbx_dist_value 
_struct_conn.pdbx_value_order 
_struct_conn.pdbx_role 
disulf1 disulf ? ? A CYS 5  SG ? ? ? 1_555 A CYS 55 SG ? ? A CYS 5  A CYS 55 1_555 ? ? ? ? ? ? ? 2.014 ? ? 
disulf2 disulf ? ? A CYS 14 SG ? ? ? 1_555 A CYS 38 SG ? ? A CYS 14 A CYS 38 1_555 ? ? ? ? ? ? ? 2.024 ? ? 
disulf3 disulf ? ? A CYS 30 SG ? ? ? 1_555 A CYS 51 SG ? ? A CYS 30 A CYS 51 1_555 ? ? ? ? ? ? ? 2.025 ? ? 
disulf4 disulf ? ? B CYS 5  SG ? ? ? 1_555 B CYS 55 SG ? ? B CYS 5  B CYS 55 1_555 ? ? ? ? ? ? ? 1.970 ? ? 
disulf5 disulf ? ? B CYS 14 SG ? ? ? 1_555 B CYS 38 SG ? ? B CYS 14 B CYS 38 1_555 ? ? ? ? ? ? ? 2.017 ? ? 
disulf6 disulf ? ? B CYS 30 SG ? ? ? 1_555 B CYS 51 SG ? ? B CYS 30 B CYS 51 1_555 ? ? ? ? ? ? ? 2.055 ? ? 
# 
_struct_conn_type.id          disulf 
_struct_conn_type.criteria    ? 
_struct_conn_type.reference   ? 
# 
loop_
_pdbx_modification_feature.ordinal 
_pdbx_modification_feature.label_comp_id 
_pdbx_modification_feature.label_asym_id 
_pdbx_modification_feature.label_seq_id 
_pdbx_modification_feature.label_alt_id 
_pdbx_modification_feature.modified_residue_label_comp_id 
_pdbx_modification_feature.modified_residue_label_asym_id 
_pdbx_modification_feature.modified_residue_label_seq_id 
_pdbx_modification_feature.modified_residue_label_alt_id 
_pdbx_modification_feature.auth_comp_id 
_pdbx_modification_feature.auth_asym_id 
_pdbx_modification_feature.auth_seq_id 
_pdbx_modification_feature.PDB_ins_code 
_pdbx_modification_feature.symmetry 
_pdbx_modification_feature.modified_residue_auth_comp_id 
_pdbx_modification_feature.modified_residue_auth_asym_id 
_pdbx_modification_feature.modified_residue_auth_seq_id 
_pdbx_modification_feature.modified_residue_PDB_ins_code 
_pdbx_modification_feature.modified_residue_symmetry 
_pdbx_modification_feature.comp_id_linking_atom 
_pdbx_modification_feature.modified_residue_id_linking_atom 
_pdbx_modification_feature.modified_residue_id 
_pdbx_modification_feature.ref_pcm_id 
_pdbx_modification_feature.ref_comp_id 
_pdbx_modification_feature.type 
_pdbx_modification_feature.category 
1 CYS A 5  ? CYS A 55 ? CYS A 5  ? 1_555 CYS A 55 ? 1_555 SG SG . . . None 'Disulfide bridge' 
2 CYS A 14 ? CYS A 38 ? CYS A 14 ? 1_555 CYS A 38 ? 1_555 SG SG . . . None 'Disulfide bridge' 
3 CYS A 30 ? CYS A 51 ? CYS A 30 ? 1_555 CYS A 51 ? 1_555 SG SG . . . None 'Disulfide bridge' 
4 CYS B 5  ? CYS B 55 ? CYS B 5  ? 1_555 CYS B 55 ? 1_555 SG SG . . . None 'Disulfide bridge' 
5 CYS B 14 ? CYS B 38 ? CYS B 14 ? 1_555 CYS B 38 ? 1_555 SG SG . . . None 'Disulfide bridge' 
6 CYS B 30 ? CYS B 51 ? CYS B 30 ? 1_555 CYS B 51 ? 1_555 SG SG . . . None 'Disulfide bridge' 
# 
loop_
_struct_sheet.id 
_struct_sheet.type 
_struct_sheet.number_strands 
_struct_sheet.details 
A1 ? 3 ? 
B1 ? 3 ? 
# 
loop_
_struct_sheet_order.sheet_id 
_struct_sheet_order.range_id_1 
_struct_sheet_order.range_id_2 
_struct_sheet_order.offset 
_struct_sheet_order.sense 
A1 1 2 ? anti-parallel 
A1 2 3 ? anti-parallel 
B1 1 2 ? anti-parallel 
B1 2 3 ? anti-parallel 
# 
loop_
_struct_sheet_range.sheet_id 
_struct_sheet_range.id 
_struct_sheet_range.beg_label_comp_id 
_struct_sheet_range.beg_label_asym_id 
_struct_sheet_range.beg_label_seq_id 
_struct_sheet_range.pdbx_beg_PDB_ins_code 
_struct_sheet_range.end_label_comp_id 
_struct_sheet_range.end_label_asym_id 
_struct_sheet_range.end_label_seq_id 
_struct_sheet_range.pdbx_end_PDB_ins_code 
_struct_sheet_range.beg_auth_comp_id 
_struct_sheet_range.beg_auth_asym_id 
_struct_sheet_range.beg_auth_seq_id 
_struct_sheet_range.end_auth_comp_id 
_struct_sheet_range.end_auth_asym_id 
_struct_sheet_range.end_auth_seq_id 
A1 1 LYS A 29 ? TYR A 35 ? LYS A 29 TYR A 35 
A1 2 ILE A 18 ? ASP A 24 ? ILE A 18 ASP A 24 
A1 3 PHE A 45 ? PHE A 45 ? PHE A 45 PHE A 45 
B1 1 LYS B 29 ? TYR B 35 ? LYS B 29 TYR B 35 
B1 2 ILE B 18 ? ASP B 24 ? ILE B 18 ASP B 24 
B1 3 PHE B 45 ? PHE B 45 ? PHE B 45 PHE B 45 
# 
loop_
_pdbx_struct_sheet_hbond.sheet_id 
_pdbx_struct_sheet_hbond.range_id_1 
_pdbx_struct_sheet_hbond.range_id_2 
_pdbx_struct_sheet_hbond.range_1_label_atom_id 
_pdbx_struct_sheet_hbond.range_1_label_comp_id 
_pdbx_struct_sheet_hbond.range_1_label_asym_id 
_pdbx_struct_sheet_hbond.range_1_label_seq_id 
_pdbx_struct_sheet_hbond.range_1_PDB_ins_code 
_pdbx_struct_sheet_hbond.range_1_auth_atom_id 
_pdbx_struct_sheet_hbond.range_1_auth_comp_id 
_pdbx_struct_sheet_hbond.range_1_auth_asym_id 
_pdbx_struct_sheet_hbond.range_1_auth_seq_id 
_pdbx_struct_sheet_hbond.range_2_label_atom_id 
_pdbx_struct_sheet_hbond.range_2_label_comp_id 
_pdbx_struct_sheet_hbond.range_2_label_asym_id 
_pdbx_struct_sheet_hbond.range_2_label_seq_id 
_pdbx_struct_sheet_hbond.range_2_PDB_ins_code 
_pdbx_struct_sheet_hbond.range_2_auth_atom_id 
_pdbx_struct_sheet_hbond.range_2_auth_comp_id 
_pdbx_struct_sheet_hbond.range_2_auth_asym_id 
_pdbx_struct_sheet_hbond.range_2_auth_seq_id 
A1 1 2 O TYR A 35 ? O TYR A 35 N ILE A 18 ? N ILE A 18 
A1 2 3 O TRP A 21 ? O TRP A 21 N PHE A 45 ? N PHE A 45 
B1 1 2 O TYR B 35 ? O TYR B 35 N ILE B 18 ? N ILE B 18 
B1 2 3 O TRP B 21 ? O TRP B 21 N PHE B 45 ? N PHE B 45 
# 
_pdbx_entry_details.entry_id                   1AAP 
_pdbx_entry_details.compound_details           ? 
_pdbx_entry_details.source_details             ? 
_pdbx_entry_details.nonpolymer_details         ? 
_pdbx_entry_details.sequence_details           ? 
_pdbx_entry_details.has_ligand_of_interest     ? 
_pdbx_entry_details.has_protein_modification   Y 
# 
loop_
_pdbx_validate_rmsd_angle.id 
_pdbx_validate_rmsd_angle.PDB_model_num 
_pdbx_validate_rmsd_angle.auth_atom_id_1 
_pdbx_validate_rmsd_angle.auth_asym_id_1 
_pdbx_validate_rmsd_angle.auth_comp_id_1 
_pdbx_validate_rmsd_angle.auth_seq_id_1 
_pdbx_validate_rmsd_angle.PDB_ins_code_1 
_pdbx_validate_rmsd_angle.label_alt_id_1 
_pdbx_validate_rmsd_angle.auth_atom_id_2 
_pdbx_validate_rmsd_angle.auth_asym_id_2 
_pdbx_validate_rmsd_angle.auth_comp_id_2 
_pdbx_validate_rmsd_angle.auth_seq_id_2 
_pdbx_validate_rmsd_angle.PDB_ins_code_2 
_pdbx_validate_rmsd_angle.label_alt_id_2 
_pdbx_validate_rmsd_angle.auth_atom_id_3 
_pdbx_validate_rmsd_angle.auth_asym_id_3 
_pdbx_validate_rmsd_angle.auth_comp_id_3 
_pdbx_validate_rmsd_angle.auth_seq_id_3 
_pdbx_validate_rmsd_angle.PDB_ins_code_3 
_pdbx_validate_rmsd_angle.label_alt_id_3 
_pdbx_validate_rmsd_angle.angle_value 
_pdbx_validate_rmsd_angle.angle_target_value 
_pdbx_validate_rmsd_angle.angle_deviation 
_pdbx_validate_rmsd_angle.angle_standard_deviation 
_pdbx_validate_rmsd_angle.linker_flag 
1 1 CB A CYS 14 ? ? CA A CYS 14 ? ? C   A CYS 14 ? ? 119.56 111.50 8.06  1.20 N 
2 1 NE A ARG 20 ? ? CZ A ARG 20 ? ? NH1 A ARG 20 ? ? 124.52 120.30 4.22  0.50 N 
3 1 CB A TYR 50 ? ? CG A TYR 50 ? ? CD2 A TYR 50 ? ? 115.76 121.00 -5.24 0.60 N 
4 1 CB A TYR 50 ? ? CG A TYR 50 ? ? CD1 A TYR 50 ? ? 126.39 121.00 5.39  0.60 N 
5 1 CB B CYS 14 ? ? CA B CYS 14 ? ? C   B CYS 14 ? ? 122.02 111.50 10.52 1.20 N 
6 1 NE B ARG 20 ? ? CZ B ARG 20 ? ? NH1 B ARG 20 ? ? 124.92 120.30 4.62  0.50 N 
7 1 NE B ARG 20 ? ? CZ B ARG 20 ? ? NH2 B ARG 20 ? ? 116.15 120.30 -4.15 0.50 N 
8 1 CB B PHE 23 ? ? CG B PHE 23 ? ? CD1 B PHE 23 ? ? 116.60 120.80 -4.20 0.70 N 
# 
loop_
_pdbx_validate_torsion.id 
_pdbx_validate_torsion.PDB_model_num 
_pdbx_validate_torsion.auth_comp_id 
_pdbx_validate_torsion.auth_asym_id 
_pdbx_validate_torsion.auth_seq_id 
_pdbx_validate_torsion.PDB_ins_code 
_pdbx_validate_torsion.label_alt_id 
_pdbx_validate_torsion.phi 
_pdbx_validate_torsion.psi 
1 1 ARG A 2 ? ? 37.98 -78.13 
2 1 ARG B 2 ? ? 23.29 -64.65 
# 
loop_
_pdbx_unobs_or_zero_occ_residues.id 
_pdbx_unobs_or_zero_occ_residues.PDB_model_num 
_pdbx_unobs_or_zero_occ_residues.polymer_flag 
_pdbx_unobs_or_zero_occ_residues.occupancy_flag 
_pdbx_unobs_or_zero_occ_residues.auth_asym_id 
_pdbx_unobs_or_zero_occ_residues.auth_comp_id 
_pdbx_unobs_or_zero_occ_residues.auth_seq_id 
_pdbx_unobs_or_zero_occ_residues.PDB_ins_code 
_pdbx_unobs_or_zero_occ_residues.label_asym_id 
_pdbx_unobs_or_zero_occ_residues.label_comp_id 
_pdbx_unobs_or_zero_occ_residues.label_seq_id 
1 1 Y 1 A SER 57 ? A SER 57 
2 1 Y 1 A ALA 58 ? A ALA 58 
3 1 Y 1 B SER 57 ? B SER 57 
4 1 Y 1 B ALA 58 ? B ALA 58 
# 
loop_
_chem_comp_atom.comp_id 
_chem_comp_atom.atom_id 
_chem_comp_atom.type_symbol 
_chem_comp_atom.pdbx_aromatic_flag 
_chem_comp_atom.pdbx_stereo_config 
_chem_comp_atom.pdbx_ordinal 
ALA N    N N N 1   
ALA CA   C N S 2   
ALA C    C N N 3   
ALA O    O N N 4   
ALA CB   C N N 5   
ALA OXT  O N N 6   
ALA H    H N N 7   
ALA H2   H N N 8   
ALA HA   H N N 9   
ALA HB1  H N N 10  
ALA HB2  H N N 11  
ALA HB3  H N N 12  
ALA HXT  H N N 13  
ARG N    N N N 14  
ARG CA   C N S 15  
ARG C    C N N 16  
ARG O    O N N 17  
ARG CB   C N N 18  
ARG CG   C N N 19  
ARG CD   C N N 20  
ARG NE   N N N 21  
ARG CZ   C N N 22  
ARG NH1  N N N 23  
ARG NH2  N N N 24  
ARG OXT  O N N 25  
ARG H    H N N 26  
ARG H2   H N N 27  
ARG HA   H N N 28  
ARG HB2  H N N 29  
ARG HB3  H N N 30  
ARG HG2  H N N 31  
ARG HG3  H N N 32  
ARG HD2  H N N 33  
ARG HD3  H N N 34  
ARG HE   H N N 35  
ARG HH11 H N N 36  
ARG HH12 H N N 37  
ARG HH21 H N N 38  
ARG HH22 H N N 39  
ARG HXT  H N N 40  
ASN N    N N N 41  
ASN CA   C N S 42  
ASN C    C N N 43  
ASN O    O N N 44  
ASN CB   C N N 45  
ASN CG   C N N 46  
ASN OD1  O N N 47  
ASN ND2  N N N 48  
ASN OXT  O N N 49  
ASN H    H N N 50  
ASN H2   H N N 51  
ASN HA   H N N 52  
ASN HB2  H N N 53  
ASN HB3  H N N 54  
ASN HD21 H N N 55  
ASN HD22 H N N 56  
ASN HXT  H N N 57  
ASP N    N N N 58  
ASP CA   C N S 59  
ASP C    C N N 60  
ASP O    O N N 61  
ASP CB   C N N 62  
ASP CG   C N N 63  
ASP OD1  O N N 64  
ASP OD2  O N N 65  
ASP OXT  O N N 66  
ASP H    H N N 67  
ASP H2   H N N 68  
ASP HA   H N N 69  
ASP HB2  H N N 70  
ASP HB3  H N N 71  
ASP HD2  H N N 72  
ASP HXT  H N N 73  
CYS N    N N N 74  
CYS CA   C N R 75  
CYS C    C N N 76  
CYS O    O N N 77  
CYS CB   C N N 78  
CYS SG   S N N 79  
CYS OXT  O N N 80  
CYS H    H N N 81  
CYS H2   H N N 82  
CYS HA   H N N 83  
CYS HB2  H N N 84  
CYS HB3  H N N 85  
CYS HG   H N N 86  
CYS HXT  H N N 87  
GLN N    N N N 88  
GLN CA   C N S 89  
GLN C    C N N 90  
GLN O    O N N 91  
GLN CB   C N N 92  
GLN CG   C N N 93  
GLN CD   C N N 94  
GLN OE1  O N N 95  
GLN NE2  N N N 96  
GLN OXT  O N N 97  
GLN H    H N N 98  
GLN H2   H N N 99  
GLN HA   H N N 100 
GLN HB2  H N N 101 
GLN HB3  H N N 102 
GLN HG2  H N N 103 
GLN HG3  H N N 104 
GLN HE21 H N N 105 
GLN HE22 H N N 106 
GLN HXT  H N N 107 
GLU N    N N N 108 
GLU CA   C N S 109 
GLU C    C N N 110 
GLU O    O N N 111 
GLU CB   C N N 112 
GLU CG   C N N 113 
GLU CD   C N N 114 
GLU OE1  O N N 115 
GLU OE2  O N N 116 
GLU OXT  O N N 117 
GLU H    H N N 118 
GLU H2   H N N 119 
GLU HA   H N N 120 
GLU HB2  H N N 121 
GLU HB3  H N N 122 
GLU HG2  H N N 123 
GLU HG3  H N N 124 
GLU HE2  H N N 125 
GLU HXT  H N N 126 
GLY N    N N N 127 
GLY CA   C N N 128 
GLY C    C N N 129 
GLY O    O N N 130 
GLY OXT  O N N 131 
GLY H    H N N 132 
GLY H2   H N N 133 
GLY HA2  H N N 134 
GLY HA3  H N N 135 
GLY HXT  H N N 136 
HOH O    O N N 137 
HOH H1   H N N 138 
HOH H2   H N N 139 
ILE N    N N N 140 
ILE CA   C N S 141 
ILE C    C N N 142 
ILE O    O N N 143 
ILE CB   C N S 144 
ILE CG1  C N N 145 
ILE CG2  C N N 146 
ILE CD1  C N N 147 
ILE OXT  O N N 148 
ILE H    H N N 149 
ILE H2   H N N 150 
ILE HA   H N N 151 
ILE HB   H N N 152 
ILE HG12 H N N 153 
ILE HG13 H N N 154 
ILE HG21 H N N 155 
ILE HG22 H N N 156 
ILE HG23 H N N 157 
ILE HD11 H N N 158 
ILE HD12 H N N 159 
ILE HD13 H N N 160 
ILE HXT  H N N 161 
LYS N    N N N 162 
LYS CA   C N S 163 
LYS C    C N N 164 
LYS O    O N N 165 
LYS CB   C N N 166 
LYS CG   C N N 167 
LYS CD   C N N 168 
LYS CE   C N N 169 
LYS NZ   N N N 170 
LYS OXT  O N N 171 
LYS H    H N N 172 
LYS H2   H N N 173 
LYS HA   H N N 174 
LYS HB2  H N N 175 
LYS HB3  H N N 176 
LYS HG2  H N N 177 
LYS HG3  H N N 178 
LYS HD2  H N N 179 
LYS HD3  H N N 180 
LYS HE2  H N N 181 
LYS HE3  H N N 182 
LYS HZ1  H N N 183 
LYS HZ2  H N N 184 
LYS HZ3  H N N 185 
LYS HXT  H N N 186 
MET N    N N N 187 
MET CA   C N S 188 
MET C    C N N 189 
MET O    O N N 190 
MET CB   C N N 191 
MET CG   C N N 192 
MET SD   S N N 193 
MET CE   C N N 194 
MET OXT  O N N 195 
MET H    H N N 196 
MET H2   H N N 197 
MET HA   H N N 198 
MET HB2  H N N 199 
MET HB3  H N N 200 
MET HG2  H N N 201 
MET HG3  H N N 202 
MET HE1  H N N 203 
MET HE2  H N N 204 
MET HE3  H N N 205 
MET HXT  H N N 206 
PHE N    N N N 207 
PHE CA   C N S 208 
PHE C    C N N 209 
PHE O    O N N 210 
PHE CB   C N N 211 
PHE CG   C Y N 212 
PHE CD1  C Y N 213 
PHE CD2  C Y N 214 
PHE CE1  C Y N 215 
PHE CE2  C Y N 216 
PHE CZ   C Y N 217 
PHE OXT  O N N 218 
PHE H    H N N 219 
PHE H2   H N N 220 
PHE HA   H N N 221 
PHE HB2  H N N 222 
PHE HB3  H N N 223 
PHE HD1  H N N 224 
PHE HD2  H N N 225 
PHE HE1  H N N 226 
PHE HE2  H N N 227 
PHE HZ   H N N 228 
PHE HXT  H N N 229 
PRO N    N N N 230 
PRO CA   C N S 231 
PRO C    C N N 232 
PRO O    O N N 233 
PRO CB   C N N 234 
PRO CG   C N N 235 
PRO CD   C N N 236 
PRO OXT  O N N 237 
PRO H    H N N 238 
PRO HA   H N N 239 
PRO HB2  H N N 240 
PRO HB3  H N N 241 
PRO HG2  H N N 242 
PRO HG3  H N N 243 
PRO HD2  H N N 244 
PRO HD3  H N N 245 
PRO HXT  H N N 246 
SER N    N N N 247 
SER CA   C N S 248 
SER C    C N N 249 
SER O    O N N 250 
SER CB   C N N 251 
SER OG   O N N 252 
SER OXT  O N N 253 
SER H    H N N 254 
SER H2   H N N 255 
SER HA   H N N 256 
SER HB2  H N N 257 
SER HB3  H N N 258 
SER HG   H N N 259 
SER HXT  H N N 260 
THR N    N N N 261 
THR CA   C N S 262 
THR C    C N N 263 
THR O    O N N 264 
THR CB   C N R 265 
THR OG1  O N N 266 
THR CG2  C N N 267 
THR OXT  O N N 268 
THR H    H N N 269 
THR H2   H N N 270 
THR HA   H N N 271 
THR HB   H N N 272 
THR HG1  H N N 273 
THR HG21 H N N 274 
THR HG22 H N N 275 
THR HG23 H N N 276 
THR HXT  H N N 277 
TRP N    N N N 278 
TRP CA   C N S 279 
TRP C    C N N 280 
TRP O    O N N 281 
TRP CB   C N N 282 
TRP CG   C Y N 283 
TRP CD1  C Y N 284 
TRP CD2  C Y N 285 
TRP NE1  N Y N 286 
TRP CE2  C Y N 287 
TRP CE3  C Y N 288 
TRP CZ2  C Y N 289 
TRP CZ3  C Y N 290 
TRP CH2  C Y N 291 
TRP OXT  O N N 292 
TRP H    H N N 293 
TRP H2   H N N 294 
TRP HA   H N N 295 
TRP HB2  H N N 296 
TRP HB3  H N N 297 
TRP HD1  H N N 298 
TRP HE1  H N N 299 
TRP HE3  H N N 300 
TRP HZ2  H N N 301 
TRP HZ3  H N N 302 
TRP HH2  H N N 303 
TRP HXT  H N N 304 
TYR N    N N N 305 
TYR CA   C N S 306 
TYR C    C N N 307 
TYR O    O N N 308 
TYR CB   C N N 309 
TYR CG   C Y N 310 
TYR CD1  C Y N 311 
TYR CD2  C Y N 312 
TYR CE1  C Y N 313 
TYR CE2  C Y N 314 
TYR CZ   C Y N 315 
TYR OH   O N N 316 
TYR OXT  O N N 317 
TYR H    H N N 318 
TYR H2   H N N 319 
TYR HA   H N N 320 
TYR HB2  H N N 321 
TYR HB3  H N N 322 
TYR HD1  H N N 323 
TYR HD2  H N N 324 
TYR HE1  H N N 325 
TYR HE2  H N N 326 
TYR HH   H N N 327 
TYR HXT  H N N 328 
VAL N    N N N 329 
VAL CA   C N S 330 
VAL C    C N N 331 
VAL O    O N N 332 
VAL CB   C N N 333 
VAL CG1  C N N 334 
VAL CG2  C N N 335 
VAL OXT  O N N 336 
VAL H    H N N 337 
VAL H2   H N N 338 
VAL HA   H N N 339 
VAL HB   H N N 340 
VAL HG11 H N N 341 
VAL HG12 H N N 342 
VAL HG13 H N N 343 
VAL HG21 H N N 344 
VAL HG22 H N N 345 
VAL HG23 H N N 346 
VAL HXT  H N N 347 
# 
loop_
_chem_comp_bond.comp_id 
_chem_comp_bond.atom_id_1 
_chem_comp_bond.atom_id_2 
_chem_comp_bond.value_order 
_chem_comp_bond.pdbx_aromatic_flag 
_chem_comp_bond.pdbx_stereo_config 
_chem_comp_bond.pdbx_ordinal 
ALA N   CA   sing N N 1   
ALA N   H    sing N N 2   
ALA N   H2   sing N N 3   
ALA CA  C    sing N N 4   
ALA CA  CB   sing N N 5   
ALA CA  HA   sing N N 6   
ALA C   O    doub N N 7   
ALA C   OXT  sing N N 8   
ALA CB  HB1  sing N N 9   
ALA CB  HB2  sing N N 10  
ALA CB  HB3  sing N N 11  
ALA OXT HXT  sing N N 12  
ARG N   CA   sing N N 13  
ARG N   H    sing N N 14  
ARG N   H2   sing N N 15  
ARG CA  C    sing N N 16  
ARG CA  CB   sing N N 17  
ARG CA  HA   sing N N 18  
ARG C   O    doub N N 19  
ARG C   OXT  sing N N 20  
ARG CB  CG   sing N N 21  
ARG CB  HB2  sing N N 22  
ARG CB  HB3  sing N N 23  
ARG CG  CD   sing N N 24  
ARG CG  HG2  sing N N 25  
ARG CG  HG3  sing N N 26  
ARG CD  NE   sing N N 27  
ARG CD  HD2  sing N N 28  
ARG CD  HD3  sing N N 29  
ARG NE  CZ   sing N N 30  
ARG NE  HE   sing N N 31  
ARG CZ  NH1  sing N N 32  
ARG CZ  NH2  doub N N 33  
ARG NH1 HH11 sing N N 34  
ARG NH1 HH12 sing N N 35  
ARG NH2 HH21 sing N N 36  
ARG NH2 HH22 sing N N 37  
ARG OXT HXT  sing N N 38  
ASN N   CA   sing N N 39  
ASN N   H    sing N N 40  
ASN N   H2   sing N N 41  
ASN CA  C    sing N N 42  
ASN CA  CB   sing N N 43  
ASN CA  HA   sing N N 44  
ASN C   O    doub N N 45  
ASN C   OXT  sing N N 46  
ASN CB  CG   sing N N 47  
ASN CB  HB2  sing N N 48  
ASN CB  HB3  sing N N 49  
ASN CG  OD1  doub N N 50  
ASN CG  ND2  sing N N 51  
ASN ND2 HD21 sing N N 52  
ASN ND2 HD22 sing N N 53  
ASN OXT HXT  sing N N 54  
ASP N   CA   sing N N 55  
ASP N   H    sing N N 56  
ASP N   H2   sing N N 57  
ASP CA  C    sing N N 58  
ASP CA  CB   sing N N 59  
ASP CA  HA   sing N N 60  
ASP C   O    doub N N 61  
ASP C   OXT  sing N N 62  
ASP CB  CG   sing N N 63  
ASP CB  HB2  sing N N 64  
ASP CB  HB3  sing N N 65  
ASP CG  OD1  doub N N 66  
ASP CG  OD2  sing N N 67  
ASP OD2 HD2  sing N N 68  
ASP OXT HXT  sing N N 69  
CYS N   CA   sing N N 70  
CYS N   H    sing N N 71  
CYS N   H2   sing N N 72  
CYS CA  C    sing N N 73  
CYS CA  CB   sing N N 74  
CYS CA  HA   sing N N 75  
CYS C   O    doub N N 76  
CYS C   OXT  sing N N 77  
CYS CB  SG   sing N N 78  
CYS CB  HB2  sing N N 79  
CYS CB  HB3  sing N N 80  
CYS SG  HG   sing N N 81  
CYS OXT HXT  sing N N 82  
GLN N   CA   sing N N 83  
GLN N   H    sing N N 84  
GLN N   H2   sing N N 85  
GLN CA  C    sing N N 86  
GLN CA  CB   sing N N 87  
GLN CA  HA   sing N N 88  
GLN C   O    doub N N 89  
GLN C   OXT  sing N N 90  
GLN CB  CG   sing N N 91  
GLN CB  HB2  sing N N 92  
GLN CB  HB3  sing N N 93  
GLN CG  CD   sing N N 94  
GLN CG  HG2  sing N N 95  
GLN CG  HG3  sing N N 96  
GLN CD  OE1  doub N N 97  
GLN CD  NE2  sing N N 98  
GLN NE2 HE21 sing N N 99  
GLN NE2 HE22 sing N N 100 
GLN OXT HXT  sing N N 101 
GLU N   CA   sing N N 102 
GLU N   H    sing N N 103 
GLU N   H2   sing N N 104 
GLU CA  C    sing N N 105 
GLU CA  CB   sing N N 106 
GLU CA  HA   sing N N 107 
GLU C   O    doub N N 108 
GLU C   OXT  sing N N 109 
GLU CB  CG   sing N N 110 
GLU CB  HB2  sing N N 111 
GLU CB  HB3  sing N N 112 
GLU CG  CD   sing N N 113 
GLU CG  HG2  sing N N 114 
GLU CG  HG3  sing N N 115 
GLU CD  OE1  doub N N 116 
GLU CD  OE2  sing N N 117 
GLU OE2 HE2  sing N N 118 
GLU OXT HXT  sing N N 119 
GLY N   CA   sing N N 120 
GLY N   H    sing N N 121 
GLY N   H2   sing N N 122 
GLY CA  C    sing N N 123 
GLY CA  HA2  sing N N 124 
GLY CA  HA3  sing N N 125 
GLY C   O    doub N N 126 
GLY C   OXT  sing N N 127 
GLY OXT HXT  sing N N 128 
HOH O   H1   sing N N 129 
HOH O   H2   sing N N 130 
ILE N   CA   sing N N 131 
ILE N   H    sing N N 132 
ILE N   H2   sing N N 133 
ILE CA  C    sing N N 134 
ILE CA  CB   sing N N 135 
ILE CA  HA   sing N N 136 
ILE C   O    doub N N 137 
ILE C   OXT  sing N N 138 
ILE CB  CG1  sing N N 139 
ILE CB  CG2  sing N N 140 
ILE CB  HB   sing N N 141 
ILE CG1 CD1  sing N N 142 
ILE CG1 HG12 sing N N 143 
ILE CG1 HG13 sing N N 144 
ILE CG2 HG21 sing N N 145 
ILE CG2 HG22 sing N N 146 
ILE CG2 HG23 sing N N 147 
ILE CD1 HD11 sing N N 148 
ILE CD1 HD12 sing N N 149 
ILE CD1 HD13 sing N N 150 
ILE OXT HXT  sing N N 151 
LYS N   CA   sing N N 152 
LYS N   H    sing N N 153 
LYS N   H2   sing N N 154 
LYS CA  C    sing N N 155 
LYS CA  CB   sing N N 156 
LYS CA  HA   sing N N 157 
LYS C   O    doub N N 158 
LYS C   OXT  sing N N 159 
LYS CB  CG   sing N N 160 
LYS CB  HB2  sing N N 161 
LYS CB  HB3  sing N N 162 
LYS CG  CD   sing N N 163 
LYS CG  HG2  sing N N 164 
LYS CG  HG3  sing N N 165 
LYS CD  CE   sing N N 166 
LYS CD  HD2  sing N N 167 
LYS CD  HD3  sing N N 168 
LYS CE  NZ   sing N N 169 
LYS CE  HE2  sing N N 170 
LYS CE  HE3  sing N N 171 
LYS NZ  HZ1  sing N N 172 
LYS NZ  HZ2  sing N N 173 
LYS NZ  HZ3  sing N N 174 
LYS OXT HXT  sing N N 175 
MET N   CA   sing N N 176 
MET N   H    sing N N 177 
MET N   H2   sing N N 178 
MET CA  C    sing N N 179 
MET CA  CB   sing N N 180 
MET CA  HA   sing N N 181 
MET C   O    doub N N 182 
MET C   OXT  sing N N 183 
MET CB  CG   sing N N 184 
MET CB  HB2  sing N N 185 
MET CB  HB3  sing N N 186 
MET CG  SD   sing N N 187 
MET CG  HG2  sing N N 188 
MET CG  HG3  sing N N 189 
MET SD  CE   sing N N 190 
MET CE  HE1  sing N N 191 
MET CE  HE2  sing N N 192 
MET CE  HE3  sing N N 193 
MET OXT HXT  sing N N 194 
PHE N   CA   sing N N 195 
PHE N   H    sing N N 196 
PHE N   H2   sing N N 197 
PHE CA  C    sing N N 198 
PHE CA  CB   sing N N 199 
PHE CA  HA   sing N N 200 
PHE C   O    doub N N 201 
PHE C   OXT  sing N N 202 
PHE CB  CG   sing N N 203 
PHE CB  HB2  sing N N 204 
PHE CB  HB3  sing N N 205 
PHE CG  CD1  doub Y N 206 
PHE CG  CD2  sing Y N 207 
PHE CD1 CE1  sing Y N 208 
PHE CD1 HD1  sing N N 209 
PHE CD2 CE2  doub Y N 210 
PHE CD2 HD2  sing N N 211 
PHE CE1 CZ   doub Y N 212 
PHE CE1 HE1  sing N N 213 
PHE CE2 CZ   sing Y N 214 
PHE CE2 HE2  sing N N 215 
PHE CZ  HZ   sing N N 216 
PHE OXT HXT  sing N N 217 
PRO N   CA   sing N N 218 
PRO N   CD   sing N N 219 
PRO N   H    sing N N 220 
PRO CA  C    sing N N 221 
PRO CA  CB   sing N N 222 
PRO CA  HA   sing N N 223 
PRO C   O    doub N N 224 
PRO C   OXT  sing N N 225 
PRO CB  CG   sing N N 226 
PRO CB  HB2  sing N N 227 
PRO CB  HB3  sing N N 228 
PRO CG  CD   sing N N 229 
PRO CG  HG2  sing N N 230 
PRO CG  HG3  sing N N 231 
PRO CD  HD2  sing N N 232 
PRO CD  HD3  sing N N 233 
PRO OXT HXT  sing N N 234 
SER N   CA   sing N N 235 
SER N   H    sing N N 236 
SER N   H2   sing N N 237 
SER CA  C    sing N N 238 
SER CA  CB   sing N N 239 
SER CA  HA   sing N N 240 
SER C   O    doub N N 241 
SER C   OXT  sing N N 242 
SER CB  OG   sing N N 243 
SER CB  HB2  sing N N 244 
SER CB  HB3  sing N N 245 
SER OG  HG   sing N N 246 
SER OXT HXT  sing N N 247 
THR N   CA   sing N N 248 
THR N   H    sing N N 249 
THR N   H2   sing N N 250 
THR CA  C    sing N N 251 
THR CA  CB   sing N N 252 
THR CA  HA   sing N N 253 
THR C   O    doub N N 254 
THR C   OXT  sing N N 255 
THR CB  OG1  sing N N 256 
THR CB  CG2  sing N N 257 
THR CB  HB   sing N N 258 
THR OG1 HG1  sing N N 259 
THR CG2 HG21 sing N N 260 
THR CG2 HG22 sing N N 261 
THR CG2 HG23 sing N N 262 
THR OXT HXT  sing N N 263 
TRP N   CA   sing N N 264 
TRP N   H    sing N N 265 
TRP N   H2   sing N N 266 
TRP CA  C    sing N N 267 
TRP CA  CB   sing N N 268 
TRP CA  HA   sing N N 269 
TRP C   O    doub N N 270 
TRP C   OXT  sing N N 271 
TRP CB  CG   sing N N 272 
TRP CB  HB2  sing N N 273 
TRP CB  HB3  sing N N 274 
TRP CG  CD1  doub Y N 275 
TRP CG  CD2  sing Y N 276 
TRP CD1 NE1  sing Y N 277 
TRP CD1 HD1  sing N N 278 
TRP CD2 CE2  doub Y N 279 
TRP CD2 CE3  sing Y N 280 
TRP NE1 CE2  sing Y N 281 
TRP NE1 HE1  sing N N 282 
TRP CE2 CZ2  sing Y N 283 
TRP CE3 CZ3  doub Y N 284 
TRP CE3 HE3  sing N N 285 
TRP CZ2 CH2  doub Y N 286 
TRP CZ2 HZ2  sing N N 287 
TRP CZ3 CH2  sing Y N 288 
TRP CZ3 HZ3  sing N N 289 
TRP CH2 HH2  sing N N 290 
TRP OXT HXT  sing N N 291 
TYR N   CA   sing N N 292 
TYR N   H    sing N N 293 
TYR N   H2   sing N N 294 
TYR CA  C    sing N N 295 
TYR CA  CB   sing N N 296 
TYR CA  HA   sing N N 297 
TYR C   O    doub N N 298 
TYR C   OXT  sing N N 299 
TYR CB  CG   sing N N 300 
TYR CB  HB2  sing N N 301 
TYR CB  HB3  sing N N 302 
TYR CG  CD1  doub Y N 303 
TYR CG  CD2  sing Y N 304 
TYR CD1 CE1  sing Y N 305 
TYR CD1 HD1  sing N N 306 
TYR CD2 CE2  doub Y N 307 
TYR CD2 HD2  sing N N 308 
TYR CE1 CZ   doub Y N 309 
TYR CE1 HE1  sing N N 310 
TYR CE2 CZ   sing Y N 311 
TYR CE2 HE2  sing N N 312 
TYR CZ  OH   sing N N 313 
TYR OH  HH   sing N N 314 
TYR OXT HXT  sing N N 315 
VAL N   CA   sing N N 316 
VAL N   H    sing N N 317 
VAL N   H2   sing N N 318 
VAL CA  C    sing N N 319 
VAL CA  CB   sing N N 320 
VAL CA  HA   sing N N 321 
VAL C   O    doub N N 322 
VAL C   OXT  sing N N 323 
VAL CB  CG1  sing N N 324 
VAL CB  CG2  sing N N 325 
VAL CB  HB   sing N N 326 
VAL CG1 HG11 sing N N 327 
VAL CG1 HG12 sing N N 328 
VAL CG1 HG13 sing N N 329 
VAL CG2 HG21 sing N N 330 
VAL CG2 HG22 sing N N 331 
VAL CG2 HG23 sing N N 332 
VAL OXT HXT  sing N N 333 
# 
_atom_sites.entry_id                    1AAP 
_atom_sites.fract_transf_matrix[1][1]   0.02724853 
_atom_sites.fract_transf_matrix[1][2]   -0.00395508 
_atom_sites.fract_transf_matrix[1][3]   -0.00556083 
_atom_sites.fract_transf_matrix[2][1]   0.00022793 
_atom_sites.fract_transf_matrix[2][2]   -0.02040733 
_atom_sites.fract_transf_matrix[2][3]   0.01563135 
_atom_sites.fract_transf_matrix[3][1]   -0.00329848 
_atom_sites.fract_transf_matrix[3][2]   -0.00803804 
_atom_sites.fract_transf_matrix[3][3]   -0.01044588 
_atom_sites.fract_transf_vector[1]      0.456089 
_atom_sites.fract_transf_vector[2]      0.486423 
_atom_sites.fract_transf_vector[3]      0.495235 
# 
loop_
_atom_sites_footnote.id 
_atom_sites_footnote.text 
1 'ATOM NOT VISIBLE IN THE FINAL ELECTRON DENSITY MAP.' 
2 'INTERNAL WATER MOLECULE.'                            
# 
loop_
_atom_type.symbol 
C 
N 
O 
S 
# 
loop_
_atom_site.group_PDB 
_atom_site.id 
_atom_site.type_symbol 
_atom_site.label_atom_id 
_atom_site.label_alt_id 
_atom_site.label_comp_id 
_atom_site.label_asym_id 
_atom_site.label_entity_id 
_atom_site.label_seq_id 
_atom_site.pdbx_PDB_ins_code 
_atom_site.Cartn_x 
_atom_site.Cartn_y 
_atom_site.Cartn_z 
_atom_site.occupancy 
_atom_site.B_iso_or_equiv 
_atom_site.pdbx_formal_charge 
_atom_site.auth_seq_id 
_atom_site.auth_comp_id 
_atom_site.auth_asym_id 
_atom_site.auth_atom_id 
_atom_site.pdbx_PDB_model_num 
ATOM   1   N N   . VAL A 1 1  ? 7.498   -13.532 -2.183  1.00 42.90 ? 1   VAL A N   1 
ATOM   2   C CA  . VAL A 1 1  ? 7.076   -13.853 -0.790  1.00 38.68 ? 1   VAL A CA  1 
ATOM   3   C C   . VAL A 1 1  ? 7.381   -12.648 0.089   1.00 36.37 ? 1   VAL A C   1 
ATOM   4   O O   . VAL A 1 1  ? 8.316   -11.883 -0.209  1.00 38.11 ? 1   VAL A O   1 
ATOM   5   C CB  . VAL A 1 1  ? 7.747   -15.182 -0.401  1.00 46.05 ? 1   VAL A CB  1 
ATOM   6   C CG1 . VAL A 1 1  ? 7.264   -16.388 -1.200  1.00 49.11 ? 1   VAL A CG1 1 
ATOM   7   C CG2 . VAL A 1 1  ? 9.267   -15.092 -0.479  1.00 43.37 ? 1   VAL A CG2 1 
ATOM   8   N N   . ARG A 1 2  ? 6.628   -12.453 1.138   1.00 33.59 ? 2   ARG A N   1 
ATOM   9   C CA  . ARG A 1 2  ? 6.715   -11.372 2.096   1.00 28.92 ? 2   ARG A CA  1 
ATOM   10  C C   . ARG A 1 2  ? 7.048   -9.969  1.658   1.00 25.66 ? 2   ARG A C   1 
ATOM   11  O O   . ARG A 1 2  ? 6.084   -9.125  1.680   1.00 24.93 ? 2   ARG A O   1 
ATOM   12  C CB  . ARG A 1 2  ? 7.455   -11.728 3.380   1.00 43.02 ? 2   ARG A CB  1 
ATOM   13  C CG  . ARG A 1 2  ? 6.560   -12.099 4.561   1.00 0.00  ? 2   ARG A CG  1 
ATOM   14  C CD  . ARG A 1 2  ? 5.722   -10.955 5.011   1.00 0.00  ? 2   ARG A CD  1 
ATOM   15  N NE  . ARG A 1 2  ? 4.780   -11.287 6.059   1.00 0.00  ? 2   ARG A NE  1 
ATOM   16  C CZ  . ARG A 1 2  ? 3.629   -10.649 6.275   1.00 0.00  ? 2   ARG A CZ  1 
ATOM   17  N NH1 . ARG A 1 2  ? 3.206   -9.648  5.506   1.00 0.00  ? 2   ARG A NH1 1 
ATOM   18  N NH2 . ARG A 1 2  ? 2.882   -11.003 7.324   1.00 0.00  ? 2   ARG A NH2 1 
ATOM   19  N N   . GLU A 1 3  ? 8.250   -9.560  1.370   1.00 21.05 ? 3   GLU A N   1 
ATOM   20  C CA  . GLU A 1 3  ? 8.574   -8.175  1.000   1.00 16.84 ? 3   GLU A CA  1 
ATOM   21  C C   . GLU A 1 3  ? 7.736   -7.563  -0.086  1.00 15.69 ? 3   GLU A C   1 
ATOM   22  O O   . GLU A 1 3  ? 7.285   -6.378  0.078   1.00 13.75 ? 3   GLU A O   1 
ATOM   23  C CB  . GLU A 1 3  ? 10.067  -7.996  0.711   1.00 20.86 ? 3   GLU A CB  1 
ATOM   24  C CG  . GLU A 1 3  ? 10.538  -6.547  0.765   1.00 48.05 ? 3   GLU A CG  1 
ATOM   25  C CD  . GLU A 1 3  ? 11.854  -6.216  0.140   1.00 67.69 ? 3   GLU A CD  1 
ATOM   26  O OE1 . GLU A 1 3  ? 12.294  -5.070  0.071   1.00 73.25 ? 3   GLU A OE1 1 
ATOM   27  O OE2 . GLU A 1 3  ? 12.462  -7.217  -0.307  1.00 72.42 ? 3   GLU A OE2 1 
ATOM   28  N N   . VAL A 1 4  ? 7.437   -8.230  -1.168  1.00 12.03 ? 4   VAL A N   1 
ATOM   29  C CA  . VAL A 1 4  ? 6.618   -7.708  -2.269  1.00 11.99 ? 4   VAL A CA  1 
ATOM   30  C C   . VAL A 1 4  ? 5.166   -7.424  -1.819  1.00 10.77 ? 4   VAL A C   1 
ATOM   31  O O   . VAL A 1 4  ? 4.523   -6.527  -2.354  1.00 12.72 ? 4   VAL A O   1 
ATOM   32  C CB  . VAL A 1 4  ? 6.524   -8.717  -3.438  1.00 11.13 ? 4   VAL A CB  1 
ATOM   33  C CG1 . VAL A 1 4  ? 7.765   -8.656  -4.325  1.00 23.53 ? 4   VAL A CG1 1 
ATOM   34  C CG2 . VAL A 1 4  ? 6.269   -10.159 -2.980  1.00 12.70 ? 4   VAL A CG2 1 
ATOM   35  N N   . CYS A 1 5  ? 4.716   -8.179  -0.872  1.00 9.17  ? 5   CYS A N   1 
ATOM   36  C CA  . CYS A 1 5  ? 3.350   -8.141  -0.351  1.00 10.21 ? 5   CYS A CA  1 
ATOM   37  C C   . CYS A 1 5  ? 2.960   -6.884  0.439   1.00 7.43  ? 5   CYS A C   1 
ATOM   38  O O   . CYS A 1 5  ? 1.757   -6.755  0.760   1.00 8.33  ? 5   CYS A O   1 
ATOM   39  C CB  . CYS A 1 5  ? 3.147   -9.380  0.494   1.00 7.73  ? 5   CYS A CB  1 
ATOM   40  S SG  . CYS A 1 5  ? 3.536   -10.923 -0.300  1.00 10.70 ? 5   CYS A SG  1 
ATOM   41  N N   . SER A 1 6  ? 3.974   -6.011  0.632   1.00 6.98  ? 6   SER A N   1 
ATOM   42  C CA  . SER A 1 6  ? 3.633   -4.780  1.395   1.00 7.31  ? 6   SER A CA  1 
ATOM   43  C C   . SER A 1 6  ? 3.515   -3.590  0.518   1.00 7.86  ? 6   SER A C   1 
ATOM   44  O O   . SER A 1 6  ? 3.255   -2.533  1.092   1.00 7.62  ? 6   SER A O   1 
ATOM   45  C CB  . SER A 1 6  ? 4.608   -4.510  2.532   1.00 18.71 ? 6   SER A CB  1 
ATOM   46  O OG  . SER A 1 6  ? 5.909   -4.242  2.080   1.00 19.89 ? 6   SER A OG  1 
ATOM   47  N N   . GLU A 1 7  ? 3.743   -3.676  -0.793  1.00 3.41  ? 7   GLU A N   1 
ATOM   48  C CA  . GLU A 1 7  ? 3.577   -2.475  -1.618  1.00 2.95  ? 7   GLU A CA  1 
ATOM   49  C C   . GLU A 1 7  ? 2.074   -2.281  -1.864  1.00 3.74  ? 7   GLU A C   1 
ATOM   50  O O   . GLU A 1 7  ? 1.355   -3.299  -1.886  1.00 4.80  ? 7   GLU A O   1 
ATOM   51  C CB  . GLU A 1 7  ? 4.319   -2.610  -2.928  1.00 14.99 ? 7   GLU A CB  1 
ATOM   52  C CG  . GLU A 1 7  ? 5.827   -2.694  -2.891  1.00 33.34 ? 7   GLU A CG  1 
ATOM   53  C CD  . GLU A 1 7  ? 6.462   -3.456  -4.023  1.00 72.96 ? 7   GLU A CD  1 
ATOM   54  O OE1 . GLU A 1 7  ? 6.865   -2.901  -5.039  1.00 81.61 ? 7   GLU A OE1 1 
ATOM   55  O OE2 . GLU A 1 7  ? 6.520   -4.690  -3.788  1.00 87.03 ? 7   GLU A OE2 1 
ATOM   56  N N   . GLN A 1 8  ? 1.675   -1.046  -2.066  1.00 4.12  ? 8   GLN A N   1 
ATOM   57  C CA  . GLN A 1 8  ? 0.277   -0.757  -2.423  1.00 3.94  ? 8   GLN A CA  1 
ATOM   58  C C   . GLN A 1 8  ? -0.060  -1.335  -3.837  1.00 4.75  ? 8   GLN A C   1 
ATOM   59  O O   . GLN A 1 8  ? 0.818   -1.599  -4.679  1.00 6.33  ? 8   GLN A O   1 
ATOM   60  C CB  . GLN A 1 8  ? 0.086   0.777   -2.482  1.00 3.06  ? 8   GLN A CB  1 
ATOM   61  C CG  . GLN A 1 8  ? 0.149   1.345   -1.034  1.00 8.71  ? 8   GLN A CG  1 
ATOM   62  C CD  . GLN A 1 8  ? -0.091  2.831   -1.121  1.00 4.47  ? 8   GLN A CD  1 
ATOM   63  O OE1 . GLN A 1 8  ? -1.066  3.316   -1.700  1.00 9.29  ? 8   GLN A OE1 1 
ATOM   64  N NE2 . GLN A 1 8  ? 0.789   3.655   -0.572  1.00 10.83 ? 8   GLN A NE2 1 
ATOM   65  N N   . ALA A 1 9  ? -1.351  -1.498  -3.998  1.00 2.80  ? 9   ALA A N   1 
ATOM   66  C CA  . ALA A 1 9  ? -1.919  -1.909  -5.306  1.00 3.26  ? 9   ALA A CA  1 
ATOM   67  C C   . ALA A 1 9  ? -1.648  -0.729  -6.211  1.00 4.16  ? 9   ALA A C   1 
ATOM   68  O O   . ALA A 1 9  ? -2.008  0.436   -5.906  1.00 7.01  ? 9   ALA A O   1 
ATOM   69  C CB  . ALA A 1 9  ? -3.443  -2.098  -5.084  1.00 2.00  ? 9   ALA A CB  1 
ATOM   70  N N   . GLU A 1 10 ? -0.987  -0.967  -7.341  1.00 3.21  ? 10  GLU A N   1 
ATOM   71  C CA  . GLU A 1 10 ? -0.705  0.103   -8.308  1.00 3.68  ? 10  GLU A CA  1 
ATOM   72  C C   . GLU A 1 10 ? -1.340  -0.123  -9.678  1.00 3.53  ? 10  GLU A C   1 
ATOM   73  O O   . GLU A 1 10 ? -1.003  -1.147  -10.317 1.00 4.52  ? 10  GLU A O   1 
ATOM   74  C CB  . GLU A 1 10 ? 0.806   0.238   -8.470  1.00 17.52 ? 10  GLU A CB  1 
ATOM   75  C CG  . GLU A 1 10 ? 1.405   1.553   -9.023  1.00 28.71 ? 10  GLU A CG  1 
ATOM   76  C CD  . GLU A 1 10 ? 2.735   1.664   -8.270  1.00 48.56 ? 10  GLU A CD  1 
ATOM   77  O OE1 . GLU A 1 10 ? 3.650   0.914   -8.512  1.00 31.89 ? 10  GLU A OE1 1 
ATOM   78  O OE2 . GLU A 1 10 ? 2.676   2.456   -7.322  1.00 66.72 ? 10  GLU A OE2 1 
ATOM   79  N N   . THR A 1 11 ? -2.207  0.764   -10.087 1.00 4.28  ? 11  THR A N   1 
ATOM   80  C CA  . THR A 1 11 ? -2.864  0.632   -11.426 1.00 6.13  ? 11  THR A CA  1 
ATOM   81  C C   . THR A 1 11 ? -1.847  0.827   -12.554 1.00 7.95  ? 11  THR A C   1 
ATOM   82  O O   . THR A 1 11 ? -1.908  0.168   -13.634 1.00 4.07  ? 11  THR A O   1 
ATOM   83  C CB  . THR A 1 11 ? -4.071  1.640   -11.546 1.00 7.20  ? 11  THR A CB  1 
ATOM   84  O OG1 . THR A 1 11 ? -5.073  1.224   -10.569 1.00 7.51  ? 11  THR A OG1 1 
ATOM   85  C CG2 . THR A 1 11 ? -4.722  1.723   -12.934 1.00 2.82  ? 11  THR A CG2 1 
ATOM   86  N N   . GLY A 1 12 ? -0.869  1.746   -12.366 1.00 7.38  ? 12  GLY A N   1 
ATOM   87  C CA  . GLY A 1 12 ? 0.157   2.030   -13.332 1.00 4.11  ? 12  GLY A CA  1 
ATOM   88  C C   . GLY A 1 12 ? -0.388  3.070   -14.325 1.00 4.08  ? 12  GLY A C   1 
ATOM   89  O O   . GLY A 1 12 ? -1.539  3.468   -14.264 1.00 9.09  ? 12  GLY A O   1 
ATOM   90  N N   . PRO A 1 13 ? 0.478   3.413   -15.269 1.00 8.39  ? 13  PRO A N   1 
ATOM   91  C CA  . PRO A 1 13 ? 0.158   4.434   -16.249 1.00 8.38  ? 13  PRO A CA  1 
ATOM   92  C C   . PRO A 1 13 ? -0.543  3.980   -17.495 1.00 10.34 ? 13  PRO A C   1 
ATOM   93  O O   . PRO A 1 13 ? -0.942  4.924   -18.263 1.00 11.66 ? 13  PRO A O   1 
ATOM   94  C CB  . PRO A 1 13 ? 1.558   5.036   -16.473 1.00 9.58  ? 13  PRO A CB  1 
ATOM   95  C CG  . PRO A 1 13 ? 2.495   3.862   -16.400 1.00 8.94  ? 13  PRO A CG  1 
ATOM   96  C CD  . PRO A 1 13 ? 1.873   2.949   -15.366 1.00 7.73  ? 13  PRO A CD  1 
ATOM   97  N N   . CYS A 1 14 ? -0.832  2.689   -17.636 1.00 9.51  ? 14  CYS A N   1 
ATOM   98  C CA  . CYS A 1 14 ? -1.502  2.268   -18.907 1.00 9.32  ? 14  CYS A CA  1 
ATOM   99  C C   . CYS A 1 14 ? -2.991  2.368   -18.743 1.00 9.70  ? 14  CYS A C   1 
ATOM   100 O O   . CYS A 1 14 ? -3.453  2.495   -17.626 1.00 9.34  ? 14  CYS A O   1 
ATOM   101 C CB  . CYS A 1 14 ? -0.904  1.026   -19.498 1.00 5.94  ? 14  CYS A CB  1 
ATOM   102 S SG  . CYS A 1 14 ? 0.777   1.244   -20.089 1.00 6.78  ? 14  CYS A SG  1 
ATOM   103 N N   . ARG A 1 15 ? -3.702  2.373   -19.836 1.00 10.28 ? 15  ARG A N   1 
ATOM   104 C CA  . ARG A 1 15 ? -5.133  2.578   -19.954 1.00 9.68  ? 15  ARG A CA  1 
ATOM   105 C C   . ARG A 1 15 ? -6.145  1.489   -19.764 1.00 11.76 ? 15  ARG A C   1 
ATOM   106 O O   . ARG A 1 15 ? -7.380  1.830   -19.855 1.00 16.77 ? 15  ARG A O   1 
ATOM   107 C CB  . ARG A 1 15 ? -5.355  3.267   -21.352 1.00 11.77 ? 15  ARG A CB  1 
ATOM   108 C CG  . ARG A 1 15 ? -4.450  4.479   -21.573 1.00 30.88 ? 15  ARG A CG  1 
ATOM   109 C CD  . ARG A 1 15 ? -4.188  4.781   -23.009 1.00 59.70 ? 15  ARG A CD  1 
ATOM   110 N NE  . ARG A 1 15 ? -5.308  5.251   -23.794 1.00 64.54 ? 15  ARG A NE  1 
ATOM   111 C CZ  . ARG A 1 15 ? -5.264  6.135   -24.785 1.00 0.00  ? 15  ARG A CZ  1 
ATOM   112 N NH1 . ARG A 1 15 ? -6.378  6.510   -25.419 1.00 0.00  ? 15  ARG A NH1 1 
ATOM   113 N NH2 . ARG A 1 15 ? -4.109  6.679   -25.168 1.00 0.00  ? 15  ARG A NH2 1 
ATOM   114 N N   . ALA A 1 16 ? -5.824  0.265   -19.479 1.00 8.81  ? 16  ALA A N   1 
ATOM   115 C CA  . ALA A 1 16 ? -6.770  -0.823  -19.289 1.00 7.97  ? 16  ALA A CA  1 
ATOM   116 C C   . ALA A 1 16 ? -7.337  -0.771  -17.847 1.00 6.92  ? 16  ALA A C   1 
ATOM   117 O O   . ALA A 1 16 ? -6.865  -0.068  -16.941 1.00 8.72  ? 16  ALA A O   1 
ATOM   118 C CB  . ALA A 1 16 ? -6.170  -2.173  -19.618 1.00 4.79  ? 16  ALA A CB  1 
ATOM   119 N N   . MET A 1 17 ? -8.349  -1.622  -17.662 1.00 4.78  ? 17  MET A N   1 
ATOM   120 C CA  . MET A 1 17 ? -9.007  -1.819  -16.358 1.00 4.21  ? 17  MET A CA  1 
ATOM   121 C C   . MET A 1 17 ? -9.139  -3.323  -16.182 1.00 5.81  ? 17  MET A C   1 
ATOM   122 O O   . MET A 1 17 ? -10.223 -3.925  -16.344 1.00 10.86 ? 17  MET A O   1 
ATOM   123 C CB  . MET A 1 17 ? -10.325 -1.090  -16.232 1.00 10.51 ? 17  MET A CB  1 
ATOM   124 C CG  . MET A 1 17 ? -10.088 0.321   -15.676 1.00 19.44 ? 17  MET A CG  1 
ATOM   125 S SD  . MET A 1 17 ? -11.736 0.972   -15.253 1.00 43.48 ? 17  MET A SD  1 
ATOM   126 C CE  . MET A 1 17 ? -12.631 0.826   -16.842 1.00 23.07 ? 17  MET A CE  1 
ATOM   127 N N   . ILE A 1 18 ? -8.042  -3.994  -15.850 1.00 5.25  ? 18  ILE A N   1 
ATOM   128 C CA  . ILE A 1 18 ? -7.974  -5.436  -15.692 1.00 3.93  ? 18  ILE A CA  1 
ATOM   129 C C   . ILE A 1 18 ? -7.993  -5.841  -14.229 1.00 4.80  ? 18  ILE A C   1 
ATOM   130 O O   . ILE A 1 18 ? -7.125  -5.389  -13.491 1.00 4.64  ? 18  ILE A O   1 
ATOM   131 C CB  . ILE A 1 18 ? -6.693  -6.036  -16.408 1.00 5.47  ? 18  ILE A CB  1 
ATOM   132 C CG1 . ILE A 1 18 ? -6.588  -5.516  -17.847 1.00 5.78  ? 18  ILE A CG1 1 
ATOM   133 C CG2 . ILE A 1 18 ? -6.691  -7.579  -16.205 1.00 4.75  ? 18  ILE A CG2 1 
ATOM   134 C CD1 . ILE A 1 18 ? -5.203  -5.812  -18.500 1.00 8.34  ? 18  ILE A CD1 1 
ATOM   135 N N   . SER A 1 19 ? -8.901  -6.676  -13.841 1.00 4.29  ? 19  SER A N   1 
ATOM   136 C CA  . SER A 1 19 ? -9.073  -7.267  -12.537 1.00 4.35  ? 19  SER A CA  1 
ATOM   137 C C   . SER A 1 19 ? -7.820  -8.042  -12.155 1.00 5.43  ? 19  SER A C   1 
ATOM   138 O O   . SER A 1 19 ? -7.435  -8.991  -12.882 1.00 8.43  ? 19  SER A O   1 
ATOM   139 C CB  . SER A 1 19 ? -10.231 -8.382  -12.632 1.00 2.56  ? 19  SER A CB  1 
ATOM   140 O OG  . SER A 1 19 ? -11.415 -7.751  -12.289 1.00 15.83 ? 19  SER A OG  1 
ATOM   141 N N   . ARG A 1 20 ? -7.177  -7.734  -11.041 1.00 2.00  ? 20  ARG A N   1 
ATOM   142 C CA  . ARG A 1 20 ? -6.030  -8.385  -10.458 1.00 4.46  ? 20  ARG A CA  1 
ATOM   143 C C   . ARG A 1 20 ? -6.170  -8.413  -8.931  1.00 2.10  ? 20  ARG A C   1 
ATOM   144 O O   . ARG A 1 20 ? -7.184  -7.816  -8.428  1.00 3.79  ? 20  ARG A O   1 
ATOM   145 C CB  . ARG A 1 20 ? -4.759  -7.656  -10.866 1.00 3.83  ? 20  ARG A CB  1 
ATOM   146 C CG  . ARG A 1 20 ? -4.459  -7.753  -12.357 1.00 2.00  ? 20  ARG A CG  1 
ATOM   147 C CD  . ARG A 1 20 ? -4.011  -9.190  -12.655 1.00 5.68  ? 20  ARG A CD  1 
ATOM   148 N NE  . ARG A 1 20 ? -3.797  -9.268  -14.110 1.00 11.39 ? 20  ARG A NE  1 
ATOM   149 C CZ  . ARG A 1 20 ? -2.604  -8.985  -14.660 1.00 27.91 ? 20  ARG A CZ  1 
ATOM   150 N NH1 . ARG A 1 20 ? -1.540  -8.589  -13.981 1.00 10.46 ? 20  ARG A NH1 1 
ATOM   151 N NH2 . ARG A 1 20 ? -2.486  -9.097  -15.999 1.00 34.26 ? 20  ARG A NH2 1 
ATOM   152 N N   . TRP A 1 21 ? -5.340  -9.141  -8.250  1.00 2.00  ? 21  TRP A N   1 
ATOM   153 C CA  . TRP A 1 21 ? -5.436  -9.256  -6.786  1.00 2.14  ? 21  TRP A CA  1 
ATOM   154 C C   . TRP A 1 21 ? -4.142  -8.750  -6.192  1.00 2.46  ? 21  TRP A C   1 
ATOM   155 O O   . TRP A 1 21 ? -3.115  -8.920  -6.831  1.00 6.04  ? 21  TRP A O   1 
ATOM   156 C CB  . TRP A 1 21 ? -5.502  -10.800 -6.515  1.00 2.00  ? 21  TRP A CB  1 
ATOM   157 C CG  . TRP A 1 21 ? -6.893  -11.301 -6.791  1.00 5.76  ? 21  TRP A CG  1 
ATOM   158 C CD1 . TRP A 1 21 ? -7.366  -11.743 -8.003  1.00 17.75 ? 21  TRP A CD1 1 
ATOM   159 C CD2 . TRP A 1 21 ? -7.996  -11.311 -5.883  1.00 12.93 ? 21  TRP A CD2 1 
ATOM   160 N NE1 . TRP A 1 21 ? -8.705  -12.052 -7.881  1.00 22.13 ? 21  TRP A NE1 1 
ATOM   161 C CE2 . TRP A 1 21 ? -9.106  -11.810 -6.600  1.00 22.73 ? 21  TRP A CE2 1 
ATOM   162 C CE3 . TRP A 1 21 ? -8.132  -10.994 -4.544  1.00 11.78 ? 21  TRP A CE3 1 
ATOM   163 C CZ2 . TRP A 1 21 ? -10.353 -11.994 -6.020  1.00 25.92 ? 21  TRP A CZ2 1 
ATOM   164 C CZ3 . TRP A 1 21 ? -9.369  -11.171 -3.970  1.00 19.01 ? 21  TRP A CZ3 1 
ATOM   165 C CH2 . TRP A 1 21 ? -10.462 -11.647 -4.676  1.00 30.80 ? 21  TRP A CH2 1 
ATOM   166 N N   . TYR A 1 22 ? -4.203  -8.222  -4.991  1.00 2.14  ? 22  TYR A N   1 
ATOM   167 C CA  . TYR A 1 22 ? -3.013  -7.773  -4.235  1.00 2.00  ? 22  TYR A CA  1 
ATOM   168 C C   . TYR A 1 22 ? -3.255  -8.161  -2.766  1.00 2.00  ? 22  TYR A C   1 
ATOM   169 O O   . TYR A 1 22 ? -4.394  -8.327  -2.347  1.00 2.28  ? 22  TYR A O   1 
ATOM   170 C CB  . TYR A 1 22 ? -2.755  -6.235  -4.392  1.00 4.42  ? 22  TYR A CB  1 
ATOM   171 C CG  . TYR A 1 22 ? -3.670  -5.393  -3.515  1.00 4.39  ? 22  TYR A CG  1 
ATOM   172 C CD1 . TYR A 1 22 ? -3.177  -4.910  -2.283  1.00 9.71  ? 22  TYR A CD1 1 
ATOM   173 C CD2 . TYR A 1 22 ? -4.982  -5.158  -3.841  1.00 4.52  ? 22  TYR A CD2 1 
ATOM   174 C CE1 . TYR A 1 22 ? -4.015  -4.210  -1.420  1.00 3.17  ? 22  TYR A CE1 1 
ATOM   175 C CE2 . TYR A 1 22 ? -5.830  -4.451  -3.001  1.00 12.82 ? 22  TYR A CE2 1 
ATOM   176 C CZ  . TYR A 1 22 ? -5.336  -3.994  -1.794  1.00 16.92 ? 22  TYR A CZ  1 
ATOM   177 O OH  . TYR A 1 22 ? -6.166  -3.315  -0.930  1.00 15.33 ? 22  TYR A OH  1 
ATOM   178 N N   . PHE A 1 23 ? -2.195  -8.334  -2.041  1.00 5.88  ? 23  PHE A N   1 
ATOM   179 C CA  . PHE A 1 23 ? -2.246  -8.666  -0.597  1.00 2.29  ? 23  PHE A CA  1 
ATOM   180 C C   . PHE A 1 23 ? -2.375  -7.325  0.164   1.00 4.48  ? 23  PHE A C   1 
ATOM   181 O O   . PHE A 1 23 ? -1.504  -6.489  -0.065  1.00 2.84  ? 23  PHE A O   1 
ATOM   182 C CB  . PHE A 1 23 ? -1.015  -9.427  -0.122  1.00 2.00  ? 23  PHE A CB  1 
ATOM   183 C CG  . PHE A 1 23 ? -1.132  -9.834  1.335   1.00 7.86  ? 23  PHE A CG  1 
ATOM   184 C CD1 . PHE A 1 23 ? -0.513  -9.073  2.330   1.00 17.43 ? 23  PHE A CD1 1 
ATOM   185 C CD2 . PHE A 1 23 ? -1.808  -10.966 1.705   1.00 4.76  ? 23  PHE A CD2 1 
ATOM   186 C CE1 . PHE A 1 23 ? -0.620  -9.426  3.682   1.00 10.42 ? 23  PHE A CE1 1 
ATOM   187 C CE2 . PHE A 1 23 ? -1.888  -11.393 3.046   1.00 7.27  ? 23  PHE A CE2 1 
ATOM   188 C CZ  . PHE A 1 23 ? -1.315  -10.564 4.032   1.00 6.60  ? 23  PHE A CZ  1 
ATOM   189 N N   . ASP A 1 24 ? -3.393  -7.205  0.971   1.00 5.40  ? 24  ASP A N   1 
ATOM   190 C CA  . ASP A 1 24 ? -3.596  -6.001  1.791   1.00 6.79  ? 24  ASP A CA  1 
ATOM   191 C C   . ASP A 1 24 ? -3.157  -6.327  3.219   1.00 6.68  ? 24  ASP A C   1 
ATOM   192 O O   . ASP A 1 24 ? -3.785  -7.195  3.868   1.00 6.76  ? 24  ASP A O   1 
ATOM   193 C CB  . ASP A 1 24 ? -5.104  -5.649  1.666   1.00 2.00  ? 24  ASP A CB  1 
ATOM   194 C CG  . ASP A 1 24 ? -5.400  -4.301  2.338   1.00 5.67  ? 24  ASP A CG  1 
ATOM   195 O OD1 . ASP A 1 24 ? -5.691  -3.306  1.711   1.00 17.28 ? 24  ASP A OD1 1 
ATOM   196 O OD2 . ASP A 1 24 ? -5.240  -4.317  3.572   1.00 13.57 ? 24  ASP A OD2 1 
ATOM   197 N N   . VAL A 1 25 ? -2.089  -5.666  3.658   1.00 5.34  ? 25  VAL A N   1 
ATOM   198 C CA  . VAL A 1 25 ? -1.530  -5.895  5.004   1.00 8.82  ? 25  VAL A CA  1 
ATOM   199 C C   . VAL A 1 25 ? -2.514  -5.648  6.169   1.00 9.19  ? 25  VAL A C   1 
ATOM   200 O O   . VAL A 1 25 ? -2.426  -6.394  7.168   1.00 8.15  ? 25  VAL A O   1 
ATOM   201 C CB  . VAL A 1 25 ? -0.139  -5.270  5.217   1.00 9.26  ? 25  VAL A CB  1 
ATOM   202 C CG1 . VAL A 1 25 ? 0.871   -5.678  4.151   1.00 5.88  ? 25  VAL A CG1 1 
ATOM   203 C CG2 . VAL A 1 25 ? -0.120  -3.791  5.393   1.00 23.04 ? 25  VAL A CG2 1 
ATOM   204 N N   . THR A 1 26 ? -3.367  -4.660  6.007   1.00 12.62 ? 26  THR A N   1 
ATOM   205 C CA  . THR A 1 26 ? -4.368  -4.362  7.084   1.00 13.44 ? 26  THR A CA  1 
ATOM   206 C C   . THR A 1 26 ? -5.408  -5.441  7.284   1.00 13.62 ? 26  THR A C   1 
ATOM   207 O O   . THR A 1 26 ? -5.686  -5.853  8.434   1.00 13.08 ? 26  THR A O   1 
ATOM   208 C CB  . THR A 1 26 ? -4.974  -2.928  6.896   1.00 14.53 ? 26  THR A CB  1 
ATOM   209 O OG1 . THR A 1 26 ? -3.780  -2.078  6.981   1.00 21.47 ? 26  THR A OG1 1 
ATOM   210 C CG2 . THR A 1 26 ? -5.993  -2.525  7.954   1.00 25.45 ? 26  THR A CG2 1 
ATOM   211 N N   . GLU A 1 27 ? -5.989  -5.901  6.182   1.00 13.09 ? 27  GLU A N   1 
ATOM   212 C CA  . GLU A 1 27 ? -7.007  -6.969  6.243   1.00 11.78 ? 27  GLU A CA  1 
ATOM   213 C C   . GLU A 1 27 ? -6.366  -8.340  6.368   1.00 10.10 ? 27  GLU A C   1 
ATOM   214 O O   . GLU A 1 27 ? -7.047  -9.309  6.738   1.00 14.90 ? 27  GLU A O   1 
ATOM   215 C CB  . GLU A 1 27 ? -7.781  -7.035  4.946   1.00 22.27 ? 27  GLU A CB  1 
ATOM   216 C CG  . GLU A 1 27 ? -8.201  -5.680  4.341   1.00 25.32 ? 27  GLU A CG  1 
ATOM   217 C CD  . GLU A 1 27 ? -9.710  -5.730  4.121   1.00 55.98 ? 27  GLU A CD  1 
ATOM   218 O OE1 . GLU A 1 27 ? -10.455 -5.039  4.789   1.00 50.13 ? 27  GLU A OE1 1 
ATOM   219 O OE2 . GLU A 1 27 ? -10.008 -6.599  3.268   1.00 59.18 ? 27  GLU A OE2 1 
ATOM   220 N N   . GLY A 1 28 ? -5.126  -8.507  6.012   1.00 10.72 ? 28  GLY A N   1 
ATOM   221 C CA  . GLY A 1 28 ? -4.331  -9.700  6.046   1.00 9.80  ? 28  GLY A CA  1 
ATOM   222 C C   . GLY A 1 28 ? -4.823  -10.753 5.078   1.00 11.42 ? 28  GLY A C   1 
ATOM   223 O O   . GLY A 1 28 ? -4.718  -11.968 5.332   1.00 12.00 ? 28  GLY A O   1 
ATOM   224 N N   . LYS A 1 29 ? -5.300  -10.271 3.947   1.00 9.39  ? 29  LYS A N   1 
ATOM   225 C CA  . LYS A 1 29 ? -5.779  -11.187 2.882   1.00 10.04 ? 29  LYS A CA  1 
ATOM   226 C C   . LYS A 1 29 ? -5.718  -10.381 1.590   1.00 9.43  ? 29  LYS A C   1 
ATOM   227 O O   . LYS A 1 29 ? -5.443  -9.183  1.580   1.00 10.50 ? 29  LYS A O   1 
ATOM   228 C CB  . LYS A 1 29 ? -7.145  -11.789 3.122   1.00 16.83 ? 29  LYS A CB  1 
ATOM   229 C CG  . LYS A 1 29 ? -8.314  -10.810 3.120   1.00 26.73 ? 29  LYS A CG  1 
ATOM   230 C CD  . LYS A 1 29 ? -9.611  -11.592 3.369   1.00 41.48 ? 29  LYS A CD  1 
ATOM   231 C CE  . LYS A 1 29 ? -10.830 -10.697 3.311   1.00 67.44 ? 29  LYS A CE  1 
ATOM   232 N NZ  . LYS A 1 29 ? -12.048 -11.467 2.929   1.00 78.88 ? 29  LYS A NZ  1 
ATOM   233 N N   . CYS A 1 30 ? -5.928  -11.108 0.525   1.00 11.09 ? 30  CYS A N   1 
ATOM   234 C CA  . CYS A 1 30 ? -5.912  -10.554 -0.844  1.00 10.64 ? 30  CYS A CA  1 
ATOM   235 C C   . CYS A 1 30 ? -7.216  -9.875  -1.177  1.00 9.02  ? 30  CYS A C   1 
ATOM   236 O O   . CYS A 1 30 ? -8.278  -10.325 -0.678  1.00 10.70 ? 30  CYS A O   1 
ATOM   237 C CB  . CYS A 1 30 ? -5.491  -11.704 -1.753  1.00 6.99  ? 30  CYS A CB  1 
ATOM   238 S SG  . CYS A 1 30 ? -3.773  -12.209 -1.518  1.00 7.98  ? 30  CYS A SG  1 
ATOM   239 N N   . ALA A 1 31 ? -7.145  -8.798  -1.957  1.00 9.04  ? 31  ALA A N   1 
ATOM   240 C CA  . ALA A 1 31 ? -8.326  -8.030  -2.386  1.00 7.79  ? 31  ALA A CA  1 
ATOM   241 C C   . ALA A 1 31 ? -8.156  -7.643  -3.845  1.00 8.26  ? 31  ALA A C   1 
ATOM   242 O O   . ALA A 1 31 ? -7.034  -7.639  -4.382  1.00 6.66  ? 31  ALA A O   1 
ATOM   243 C CB  . ALA A 1 31 ? -8.496  -6.803  -1.486  1.00 4.21  ? 31  ALA A CB  1 
ATOM   244 N N   . PRO A 1 32 ? -9.244  -7.366  -4.529  1.00 8.11  ? 32  PRO A N   1 
ATOM   245 C CA  . PRO A 1 32 ? -9.194  -6.985  -5.963  1.00 7.73  ? 32  PRO A CA  1 
ATOM   246 C C   . PRO A 1 32 ? -8.840  -5.533  -6.166  1.00 9.34  ? 32  PRO A C   1 
ATOM   247 O O   . PRO A 1 32 ? -9.023  -4.663  -5.279  1.00 9.94  ? 32  PRO A O   1 
ATOM   248 C CB  . PRO A 1 32 ? -10.598 -7.349  -6.446  1.00 8.01  ? 32  PRO A CB  1 
ATOM   249 C CG  . PRO A 1 32 ? -11.478 -7.133  -5.231  1.00 10.78 ? 32  PRO A CG  1 
ATOM   250 C CD  . PRO A 1 32 ? -10.625 -7.336  -4.005  1.00 8.96  ? 32  PRO A CD  1 
ATOM   251 N N   . PHE A 1 33 ? -8.255  -5.227  -7.310  1.00 7.43  ? 33  PHE A N   1 
ATOM   252 C CA  . PHE A 1 33 ? -7.839  -3.925  -7.781  1.00 5.32  ? 33  PHE A CA  1 
ATOM   253 C C   . PHE A 1 33 ? -7.831  -4.000  -9.313  1.00 3.86  ? 33  PHE A C   1 
ATOM   254 O O   . PHE A 1 33 ? -7.864  -5.123  -9.834  1.00 6.26  ? 33  PHE A O   1 
ATOM   255 C CB  . PHE A 1 33 ? -6.484  -3.402  -7.267  1.00 3.45  ? 33  PHE A CB  1 
ATOM   256 C CG  . PHE A 1 33 ? -5.233  -3.896  -7.894  1.00 6.53  ? 33  PHE A CG  1 
ATOM   257 C CD1 . PHE A 1 33 ? -4.508  -3.047  -8.738  1.00 8.83  ? 33  PHE A CD1 1 
ATOM   258 C CD2 . PHE A 1 33 ? -4.748  -5.173  -7.597  1.00 7.38  ? 33  PHE A CD2 1 
ATOM   259 C CE1 . PHE A 1 33 ? -3.314  -3.450  -9.313  1.00 6.60  ? 33  PHE A CE1 1 
ATOM   260 C CE2 . PHE A 1 33 ? -3.547  -5.614  -8.233  1.00 3.98  ? 33  PHE A CE2 1 
ATOM   261 C CZ  . PHE A 1 33 ? -2.867  -4.748  -9.113  1.00 2.00  ? 33  PHE A CZ  1 
ATOM   262 N N   . PHE A 1 34 ? -7.800  -2.866  -9.916  1.00 5.47  ? 34  PHE A N   1 
ATOM   263 C CA  . PHE A 1 34 ? -7.737  -2.742  -11.379 1.00 5.50  ? 34  PHE A CA  1 
ATOM   264 C C   . PHE A 1 34 ? -6.302  -2.410  -11.785 1.00 7.51  ? 34  PHE A C   1 
ATOM   265 O O   . PHE A 1 34 ? -5.680  -1.460  -11.267 1.00 7.42  ? 34  PHE A O   1 
ATOM   266 C CB  . PHE A 1 34 ? -8.765  -1.718  -11.877 1.00 6.05  ? 34  PHE A CB  1 
ATOM   267 C CG  . PHE A 1 34 ? -10.167 -2.299  -11.921 1.00 7.14  ? 34  PHE A CG  1 
ATOM   268 C CD1 . PHE A 1 34 ? -11.135 -1.771  -11.075 1.00 16.80 ? 34  PHE A CD1 1 
ATOM   269 C CD2 . PHE A 1 34 ? -10.505 -3.311  -12.777 1.00 13.87 ? 34  PHE A CD2 1 
ATOM   270 C CE1 . PHE A 1 34 ? -12.436 -2.272  -11.066 1.00 10.10 ? 34  PHE A CE1 1 
ATOM   271 C CE2 . PHE A 1 34 ? -11.798 -3.848  -12.842 1.00 18.05 ? 34  PHE A CE2 1 
ATOM   272 C CZ  . PHE A 1 34 ? -12.774 -3.297  -11.967 1.00 25.49 ? 34  PHE A CZ  1 
ATOM   273 N N   . TYR A 1 35 ? -5.811  -3.171  -12.721 1.00 5.22  ? 35  TYR A N   1 
ATOM   274 C CA  . TYR A 1 35 ? -4.466  -2.962  -13.282 1.00 5.29  ? 35  TYR A CA  1 
ATOM   275 C C   . TYR A 1 35 ? -4.549  -2.337  -14.641 1.00 4.53  ? 35  TYR A C   1 
ATOM   276 O O   . TYR A 1 35 ? -5.409  -2.785  -15.451 1.00 5.66  ? 35  TYR A O   1 
ATOM   277 C CB  . TYR A 1 35 ? -3.740  -4.328  -13.265 1.00 3.11  ? 35  TYR A CB  1 
ATOM   278 C CG  . TYR A 1 35 ? -2.338  -4.235  -13.793 1.00 4.60  ? 35  TYR A CG  1 
ATOM   279 C CD1 . TYR A 1 35 ? -1.457  -3.309  -13.314 1.00 3.53  ? 35  TYR A CD1 1 
ATOM   280 C CD2 . TYR A 1 35 ? -1.921  -5.106  -14.811 1.00 6.14  ? 35  TYR A CD2 1 
ATOM   281 C CE1 . TYR A 1 35 ? -0.163  -3.212  -13.810 1.00 7.92  ? 35  TYR A CE1 1 
ATOM   282 C CE2 . TYR A 1 35 ? -0.626  -5.039  -15.295 1.00 9.09  ? 35  TYR A CE2 1 
ATOM   283 C CZ  . TYR A 1 35 ? 0.252   -4.066  -14.783 1.00 7.52  ? 35  TYR A CZ  1 
ATOM   284 O OH  . TYR A 1 35 ? 1.541   -4.088  -15.256 1.00 12.25 ? 35  TYR A OH  1 
ATOM   285 N N   . GLY A 1 36 ? -3.665  -1.396  -14.986 1.00 3.86  ? 36  GLY A N   1 
ATOM   286 C CA  . GLY A 1 36 ? -3.702  -0.714  -16.284 1.00 4.52  ? 36  GLY A CA  1 
ATOM   287 C C   . GLY A 1 36 ? -2.981  -1.425  -17.404 1.00 4.27  ? 36  GLY A C   1 
ATOM   288 O O   . GLY A 1 36 ? -3.143  -0.914  -18.537 1.00 2.85  ? 36  GLY A O   1 
ATOM   289 N N   . GLY A 1 37 ? -2.275  -2.488  -17.149 1.00 2.91  ? 37  GLY A N   1 
ATOM   290 C CA  . GLY A 1 37 ? -1.614  -3.225  -18.262 1.00 4.39  ? 37  GLY A CA  1 
ATOM   291 C C   . GLY A 1 37 ? -0.131  -3.057  -18.376 1.00 7.02  ? 37  GLY A C   1 
ATOM   292 O O   . GLY A 1 37 ? 0.525   -3.904  -19.019 1.00 6.35  ? 37  GLY A O   1 
ATOM   293 N N   . CYS A 1 38 ? 0.477   -2.130  -17.682 1.00 4.68  ? 38  CYS A N   1 
ATOM   294 C CA  . CYS A 1 38 ? 1.932   -1.943  -17.725 1.00 5.41  ? 38  CYS A CA  1 
ATOM   295 C C   . CYS A 1 38 ? 2.415   -1.313  -16.394 1.00 6.94  ? 38  CYS A C   1 
ATOM   296 O O   . CYS A 1 38 ? 1.583   -0.722  -15.720 1.00 8.61  ? 38  CYS A O   1 
ATOM   297 C CB  . CYS A 1 38 ? 2.290   -1.060  -18.902 1.00 5.27  ? 38  CYS A CB  1 
ATOM   298 S SG  . CYS A 1 38 ? 1.978   0.722   -18.545 1.00 6.37  ? 38  CYS A SG  1 
ATOM   299 N N   . GLY A 1 39 ? 3.689   -1.526  -16.133 1.00 5.05  ? 39  GLY A N   1 
ATOM   300 C CA  . GLY A 1 39 ? 4.231   -0.952  -14.897 1.00 7.12  ? 39  GLY A CA  1 
ATOM   301 C C   . GLY A 1 39 ? 3.555   -1.585  -13.668 1.00 6.69  ? 39  GLY A C   1 
ATOM   302 O O   . GLY A 1 39 ? 3.294   -2.785  -13.566 1.00 6.86  ? 39  GLY A O   1 
ATOM   303 N N   . GLY A 1 40 ? 3.465   -0.720  -12.623 1.00 10.39 ? 40  GLY A N   1 
ATOM   304 C CA  . GLY A 1 40 ? 2.875   -1.264  -11.336 1.00 10.71 ? 40  GLY A CA  1 
ATOM   305 C C   . GLY A 1 40 ? 3.985   -2.010  -10.593 1.00 8.90  ? 40  GLY A C   1 
ATOM   306 O O   . GLY A 1 40 ? 5.179   -1.667  -10.758 1.00 15.15 ? 40  GLY A O   1 
ATOM   307 N N   . ASN A 1 41 ? 3.677   -2.931  -9.770  1.00 6.29  ? 41  ASN A N   1 
ATOM   308 C CA  . ASN A 1 41 ? 4.609   -3.706  -8.956  1.00 8.00  ? 41  ASN A CA  1 
ATOM   309 C C   . ASN A 1 41 ? 4.244   -5.169  -8.943  1.00 7.31  ? 41  ASN A C   1 
ATOM   310 O O   . ASN A 1 41 ? 3.287   -5.598  -9.596  1.00 5.82  ? 41  ASN A O   1 
ATOM   311 C CB  . ASN A 1 41 ? 4.726   -3.036  -7.574  1.00 7.49  ? 41  ASN A CB  1 
ATOM   312 C CG  . ASN A 1 41 ? 3.390   -2.989  -6.834  1.00 2.00  ? 41  ASN A CG  1 
ATOM   313 O OD1 . ASN A 1 41 ? 2.752   -4.013  -6.657  1.00 4.49  ? 41  ASN A OD1 1 
ATOM   314 N ND2 . ASN A 1 41 ? 2.906   -1.815  -6.438  1.00 2.59  ? 41  ASN A ND2 1 
ATOM   315 N N   . ARG A 1 42 ? 4.981   -5.916  -8.151  1.00 8.73  ? 42  ARG A N   1 
ATOM   316 C CA  . ARG A 1 42 ? 4.870   -7.341  -7.946  1.00 8.26  ? 42  ARG A CA  1 
ATOM   317 C C   . ARG A 1 42 ? 3.772   -7.826  -7.069  1.00 4.22  ? 42  ARG A C   1 
ATOM   318 O O   . ARG A 1 42 ? 3.533   -9.030  -6.944  1.00 4.96  ? 42  ARG A O   1 
ATOM   319 C CB  . ARG A 1 42 ? 6.254   -7.923  -7.483  1.00 21.27 ? 42  ARG A CB  1 
ATOM   320 C CG  . ARG A 1 42 ? 7.252   -8.056  -8.662  1.00 20.90 ? 42  ARG A CG  1 
ATOM   321 C CD  . ARG A 1 42 ? 7.042   -9.347  -9.376  1.00 0.00  ? 42  ARG A CD  1 
ATOM   322 N NE  . ARG A 1 42 ? 7.402   -10.494 -8.560  1.00 0.00  ? 42  ARG A NE  1 
ATOM   323 C CZ  . ARG A 1 42 ? 7.262   -11.768 -8.909  1.00 0.00  ? 42  ARG A CZ  1 
ATOM   324 N NH1 . ARG A 1 42 ? 6.767   -12.143 -10.085 1.00 0.00  ? 42  ARG A NH1 1 
ATOM   325 N NH2 . ARG A 1 42 ? 7.619   -12.718 -8.040  1.00 0.00  ? 42  ARG A NH2 1 
ATOM   326 N N   . ASN A 1 43 ? 3.096   -6.908  -6.396  1.00 5.60  ? 43  ASN A N   1 
ATOM   327 C CA  . ASN A 1 43 ? 1.922   -7.328  -5.537  1.00 2.59  ? 43  ASN A CA  1 
ATOM   328 C C   . ASN A 1 43 ? 0.746   -7.277  -6.483  1.00 4.48  ? 43  ASN A C   1 
ATOM   329 O O   . ASN A 1 43 ? -0.176  -6.468  -6.385  1.00 2.00  ? 43  ASN A O   1 
ATOM   330 C CB  . ASN A 1 43 ? 1.817   -6.330  -4.364  1.00 3.41  ? 43  ASN A CB  1 
ATOM   331 C CG  . ASN A 1 43 ? 0.878   -6.824  -3.292  1.00 6.16  ? 43  ASN A CG  1 
ATOM   332 O OD1 . ASN A 1 43 ? 0.393   -7.976  -3.357  1.00 7.78  ? 43  ASN A OD1 1 
ATOM   333 N ND2 . ASN A 1 43 ? 0.667   -6.007  -2.255  1.00 10.08 ? 43  ASN A ND2 1 
ATOM   334 N N   . ASN A 1 44 ? 0.752   -8.185  -7.456  1.00 5.50  ? 44  ASN A N   1 
ATOM   335 C CA  . ASN A 1 44 ? -0.204  -8.206  -8.598  1.00 3.74  ? 44  ASN A CA  1 
ATOM   336 C C   . ASN A 1 44 ? -0.353  -9.648  -9.052  1.00 5.42  ? 44  ASN A C   1 
ATOM   337 O O   . ASN A 1 44 ? 0.655   -10.202 -9.576  1.00 7.34  ? 44  ASN A O   1 
ATOM   338 C CB  . ASN A 1 44 ? 0.357   -7.234  -9.652  1.00 2.00  ? 44  ASN A CB  1 
ATOM   339 C CG  . ASN A 1 44 ? -0.416  -7.016  -10.907 1.00 7.02  ? 44  ASN A CG  1 
ATOM   340 O OD1 . ASN A 1 44 ? -1.201  -7.849  -11.302 1.00 5.67  ? 44  ASN A OD1 1 
ATOM   341 N ND2 . ASN A 1 44 ? -0.179  -5.918  -11.595 1.00 5.69  ? 44  ASN A ND2 1 
ATOM   342 N N   . PHE A 1 45 ? -1.496  -10.208 -8.771  1.00 5.73  ? 45  PHE A N   1 
ATOM   343 C CA  . PHE A 1 45 ? -1.733  -11.644 -9.083  1.00 2.43  ? 45  PHE A CA  1 
ATOM   344 C C   . PHE A 1 45 ? -3.025  -11.799 -9.867  1.00 4.14  ? 45  PHE A C   1 
ATOM   345 O O   . PHE A 1 45 ? -4.051  -11.130 -9.622  1.00 5.83  ? 45  PHE A O   1 
ATOM   346 C CB  . PHE A 1 45 ? -1.835  -12.394 -7.740  1.00 5.25  ? 45  PHE A CB  1 
ATOM   347 C CG  . PHE A 1 45 ? -0.625  -12.179 -6.875  1.00 11.38 ? 45  PHE A CG  1 
ATOM   348 C CD1 . PHE A 1 45 ? -0.676  -11.195 -5.886  1.00 2.06  ? 45  PHE A CD1 1 
ATOM   349 C CD2 . PHE A 1 45 ? 0.539   -12.935 -7.084  1.00 6.58  ? 45  PHE A CD2 1 
ATOM   350 C CE1 . PHE A 1 45 ? 0.460   -10.935 -5.120  1.00 6.12  ? 45  PHE A CE1 1 
ATOM   351 C CE2 . PHE A 1 45 ? 1.688   -12.652 -6.318  1.00 10.11 ? 45  PHE A CE2 1 
ATOM   352 C CZ  . PHE A 1 45 ? 1.608   -11.665 -5.315  1.00 6.65  ? 45  PHE A CZ  1 
ATOM   353 N N   . ASP A 1 46 ? -3.000  -12.834 -10.707 1.00 4.18  ? 46  ASP A N   1 
ATOM   354 C CA  . ASP A 1 46 ? -4.250  -13.098 -11.517 1.00 7.74  ? 46  ASP A CA  1 
ATOM   355 C C   . ASP A 1 46 ? -5.339  -13.800 -10.780 1.00 6.22  ? 46  ASP A C   1 
ATOM   356 O O   . ASP A 1 46 ? -6.510  -13.752 -11.249 1.00 8.67  ? 46  ASP A O   1 
ATOM   357 C CB  . ASP A 1 46 ? -3.872  -13.710 -12.849 1.00 10.77 ? 46  ASP A CB  1 
ATOM   358 C CG  . ASP A 1 46 ? -3.369  -15.133 -12.739 1.00 15.64 ? 46  ASP A CG  1 
ATOM   359 O OD1 . ASP A 1 46 ? -3.732  -15.924 -13.621 1.00 9.14  ? 46  ASP A OD1 1 
ATOM   360 O OD2 . ASP A 1 46 ? -2.571  -15.434 -11.823 1.00 12.93 ? 46  ASP A OD2 1 
ATOM   361 N N   . THR A 1 47 ? -5.031  -14.445 -9.673  1.00 4.56  ? 47  THR A N   1 
ATOM   362 C CA  . THR A 1 47 ? -5.962  -15.136 -8.821  1.00 5.40  ? 47  THR A CA  1 
ATOM   363 C C   . THR A 1 47 ? -5.679  -14.865 -7.338  1.00 9.88  ? 47  THR A C   1 
ATOM   364 O O   . THR A 1 47 ? -4.575  -14.479 -6.957  1.00 8.04  ? 47  THR A O   1 
ATOM   365 C CB  . THR A 1 47 ? -6.016  -16.687 -9.021  1.00 9.65  ? 47  THR A CB  1 
ATOM   366 O OG1 . THR A 1 47 ? -4.761  -17.243 -8.560  1.00 5.82  ? 47  THR A OG1 1 
ATOM   367 C CG2 . THR A 1 47 ? -6.278  -17.050 -10.504 1.00 14.85 ? 47  THR A CG2 1 
ATOM   368 N N   . GLU A 1 48 ? -6.740  -15.045 -6.581  1.00 8.30  ? 48  GLU A N   1 
ATOM   369 C CA  . GLU A 1 48 ? -6.695  -14.939 -5.127  1.00 8.45  ? 48  GLU A CA  1 
ATOM   370 C C   . GLU A 1 48 ? -5.834  -16.067 -4.626  1.00 9.01  ? 48  GLU A C   1 
ATOM   371 O O   . GLU A 1 48 ? -5.034  -15.912 -3.659  1.00 8.93  ? 48  GLU A O   1 
ATOM   372 C CB  . GLU A 1 48 ? -8.100  -15.012 -4.498  1.00 9.70  ? 48  GLU A CB  1 
ATOM   373 C CG  . GLU A 1 48 ? -8.107  -14.659 -2.978  1.00 12.16 ? 48  GLU A CG  1 
ATOM   374 C CD  . GLU A 1 48 ? -9.451  -14.942 -2.356  1.00 35.27 ? 48  GLU A CD  1 
ATOM   375 O OE1 . GLU A 1 48 ? -10.254 -15.731 -2.846  1.00 42.66 ? 48  GLU A OE1 1 
ATOM   376 O OE2 . GLU A 1 48 ? -9.700  -14.278 -1.340  1.00 35.80 ? 48  GLU A OE2 1 
ATOM   377 N N   . GLU A 1 49 ? -5.964  -17.233 -5.200  1.00 8.49  ? 49  GLU A N   1 
ATOM   378 C CA  . GLU A 1 49 ? -5.195  -18.418 -4.721  1.00 10.43 ? 49  GLU A CA  1 
ATOM   379 C C   . GLU A 1 49 ? -3.702  -18.190 -4.810  1.00 8.96  ? 49  GLU A C   1 
ATOM   380 O O   . GLU A 1 49 ? -2.924  -18.503 -3.888  1.00 9.72  ? 49  GLU A O   1 
ATOM   381 C CB  . GLU A 1 49 ? -5.509  -19.705 -5.540  1.00 18.42 ? 49  GLU A CB  1 
ATOM   382 C CG  . GLU A 1 49 ? -5.123  -20.979 -4.784  1.00 28.32 ? 49  GLU A CG  1 
ATOM   383 C CD  . GLU A 1 49 ? -5.434  -22.320 -5.330  1.00 57.12 ? 49  GLU A CD  1 
ATOM   384 O OE1 . GLU A 1 49 ? -6.081  -23.208 -4.791  1.00 67.14 ? 49  GLU A OE1 1 
ATOM   385 O OE2 . GLU A 1 49 ? -4.922  -22.515 -6.456  1.00 69.82 ? 49  GLU A OE2 1 
ATOM   386 N N   . TYR A 1 50 ? -3.282  -17.649 -5.940  1.00 7.13  ? 50  TYR A N   1 
ATOM   387 C CA  . TYR A 1 50 ? -1.887  -17.338 -6.217  1.00 4.32  ? 50  TYR A CA  1 
ATOM   388 C C   . TYR A 1 50 ? -1.382  -16.252 -5.289  1.00 5.85  ? 50  TYR A C   1 
ATOM   389 O O   . TYR A 1 50 ? -0.269  -16.382 -4.756  1.00 6.81  ? 50  TYR A O   1 
ATOM   390 C CB  . TYR A 1 50 ? -1.643  -17.108 -7.676  1.00 4.58  ? 50  TYR A CB  1 
ATOM   391 C CG  . TYR A 1 50 ? -0.224  -16.815 -8.092  1.00 4.55  ? 50  TYR A CG  1 
ATOM   392 C CD1 . TYR A 1 50 ? 0.948   -17.294 -7.467  1.00 6.74  ? 50  TYR A CD1 1 
ATOM   393 C CD2 . TYR A 1 50 ? -0.074  -16.023 -9.262  1.00 4.82  ? 50  TYR A CD2 1 
ATOM   394 C CE1 . TYR A 1 50 ? 2.203   -16.968 -7.984  1.00 7.67  ? 50  TYR A CE1 1 
ATOM   395 C CE2 . TYR A 1 50 ? 1.184   -15.739 -9.783  1.00 14.67 ? 50  TYR A CE2 1 
ATOM   396 C CZ  . TYR A 1 50 ? 2.322   -16.214 -9.114  1.00 11.74 ? 50  TYR A CZ  1 
ATOM   397 O OH  . TYR A 1 50 ? 3.505   -15.865 -9.695  1.00 13.42 ? 50  TYR A OH  1 
ATOM   398 N N   . CYS A 1 51 ? -2.186  -15.238 -5.139  1.00 5.25  ? 51  CYS A N   1 
ATOM   399 C CA  . CYS A 1 51 ? -1.826  -14.129 -4.200  1.00 5.25  ? 51  CYS A CA  1 
ATOM   400 C C   . CYS A 1 51 ? -1.641  -14.699 -2.824  1.00 3.57  ? 51  CYS A C   1 
ATOM   401 O O   . CYS A 1 51 ? -0.642  -14.310 -2.127  1.00 5.63  ? 51  CYS A O   1 
ATOM   402 C CB  . CYS A 1 51 ? -2.984  -13.123 -4.246  1.00 2.00  ? 51  CYS A CB  1 
ATOM   403 S SG  . CYS A 1 51 ? -2.739  -11.660 -3.170  1.00 4.68  ? 51  CYS A SG  1 
ATOM   404 N N   . MET A 1 52 ? -2.528  -15.527 -2.342  1.00 5.14  ? 52  MET A N   1 
ATOM   405 C CA  . MET A 1 52 ? -2.473  -16.117 -1.005  1.00 8.58  ? 52  MET A CA  1 
ATOM   406 C C   . MET A 1 52 ? -1.302  -17.098 -0.917  1.00 8.98  ? 52  MET A C   1 
ATOM   407 O O   . MET A 1 52 ? -0.658  -17.108 0.183   1.00 11.39 ? 52  MET A O   1 
ATOM   408 C CB  . MET A 1 52 ? -3.807  -16.583 -0.500  1.00 8.73  ? 52  MET A CB  1 
ATOM   409 C CG  . MET A 1 52 ? -4.798  -15.472 -0.284  1.00 13.23 ? 52  MET A CG  1 
ATOM   410 S SD  . MET A 1 52 ? -4.289  -14.409 1.109   1.00 14.75 ? 52  MET A SD  1 
ATOM   411 C CE  . MET A 1 52 ? -5.646  -14.753 2.229   1.00 36.55 ? 52  MET A CE  1 
ATOM   412 N N   . ALA A 1 53 ? -0.939  -17.805 -1.954  1.00 9.67  ? 53  ALA A N   1 
ATOM   413 C CA  . ALA A 1 53 ? 0.208   -18.685 -1.957  1.00 8.11  ? 53  ALA A CA  1 
ATOM   414 C C   . ALA A 1 53 ? 1.512   -17.915 -1.660  1.00 10.49 ? 53  ALA A C   1 
ATOM   415 O O   . ALA A 1 53 ? 2.365   -18.351 -0.853  1.00 12.38 ? 53  ALA A O   1 
ATOM   416 C CB  . ALA A 1 53 ? 0.391   -19.431 -3.282  1.00 4.45  ? 53  ALA A CB  1 
ATOM   417 N N   . VAL A 1 54 ? 1.690   -16.776 -2.328  1.00 10.54 ? 54  VAL A N   1 
ATOM   418 C CA  . VAL A 1 54 ? 2.834   -15.938 -2.192  1.00 9.80  ? 54  VAL A CA  1 
ATOM   419 C C   . VAL A 1 54 ? 2.841   -15.149 -0.867  1.00 11.85 ? 54  VAL A C   1 
ATOM   420 O O   . VAL A 1 54 ? 3.874   -15.117 -0.202  1.00 8.42  ? 54  VAL A O   1 
ATOM   421 C CB  . VAL A 1 54 ? 2.995   -14.978 -3.389  1.00 6.16  ? 54  VAL A CB  1 
ATOM   422 C CG1 . VAL A 1 54 ? 4.217   -14.077 -3.174  1.00 11.78 ? 54  VAL A CG1 1 
ATOM   423 C CG2 . VAL A 1 54 ? 3.195   -15.696 -4.719  1.00 8.43  ? 54  VAL A CG2 1 
ATOM   424 N N   . CYS A 1 55 ? 1.716   -14.544 -0.593  1.00 13.09 ? 55  CYS A N   1 
ATOM   425 C CA  . CYS A 1 55 ? 1.630   -13.648 0.555   1.00 13.27 ? 55  CYS A CA  1 
ATOM   426 C C   . CYS A 1 55 ? 0.957   -14.104 1.783   1.00 15.58 ? 55  CYS A C   1 
ATOM   427 O O   . CYS A 1 55 ? 1.271   -13.554 2.846   1.00 13.60 ? 55  CYS A O   1 
ATOM   428 C CB  . CYS A 1 55 ? 0.970   -12.369 0.003   1.00 6.14  ? 55  CYS A CB  1 
ATOM   429 S SG  . CYS A 1 55 ? 1.832   -11.473 -1.222  1.00 7.70  ? 55  CYS A SG  1 
ATOM   430 N N   . GLY A 1 56 ? 0.012   -14.994 1.641   1.00 20.73 ? 56  GLY A N   1 
ATOM   431 C CA  . GLY A 1 56 ? -0.790  -15.527 2.786   1.00 22.42 ? 56  GLY A CA  1 
ATOM   432 C C   . GLY A 1 56 ? 0.237   -16.442 3.518   1.00 23.97 ? 56  GLY A C   1 
ATOM   433 O O   . GLY A 1 56 ? 0.255   -16.197 4.750   1.00 30.37 ? 56  GLY A O   1 
ATOM   434 N N   . VAL B 1 1  ? 12.106  9.185   -0.544  1.00 59.25 ? 1   VAL B N   1 
ATOM   435 C CA  . VAL B 1 1  ? 11.729  9.781   -1.853  1.00 56.57 ? 1   VAL B CA  1 
ATOM   436 C C   . VAL B 1 1  ? 10.940  8.722   -2.639  1.00 53.36 ? 1   VAL B C   1 
ATOM   437 O O   . VAL B 1 1  ? 11.174  7.528   -2.430  1.00 53.47 ? 1   VAL B O   1 
ATOM   438 C CB  . VAL B 1 1  ? 12.950  10.387  -2.554  1.00 58.53 ? 1   VAL B CB  1 
ATOM   439 C CG1 . VAL B 1 1  ? 13.218  11.807  -2.066  1.00 75.49 ? 1   VAL B CG1 1 
ATOM   440 C CG2 . VAL B 1 1  ? 14.200  9.535   -2.452  1.00 57.09 ? 1   VAL B CG2 1 
ATOM   441 N N   . ARG B 1 2  ? 10.015  9.175   -3.449  1.00 49.17 ? 2   ARG B N   1 
ATOM   442 C CA  . ARG B 1 2  ? 9.128   8.427   -4.303  1.00 42.50 ? 2   ARG B CA  1 
ATOM   443 C C   . ARG B 1 2  ? 8.867   6.987   -3.907  1.00 38.53 ? 2   ARG B C   1 
ATOM   444 O O   . ARG B 1 2  ? 7.724   6.570   -3.641  1.00 39.24 ? 2   ARG B O   1 
ATOM   445 C CB  . ARG B 1 2  ? 9.611   8.469   -5.760  1.00 52.29 ? 2   ARG B CB  1 
ATOM   446 C CG  . ARG B 1 2  ? 8.560   8.645   -6.826  1.00 0.00  ? 2   ARG B CG  1 
ATOM   447 C CD  . ARG B 1 2  ? 8.057   7.361   -7.395  1.00 0.00  ? 2   ARG B CD  1 
ATOM   448 N NE  . ARG B 1 2  ? 6.770   7.559   -8.054  1.00 0.00  ? 2   ARG B NE  1 
ATOM   449 C CZ  . ARG B 1 2  ? 5.762   6.691   -8.035  1.00 0.00  ? 2   ARG B CZ  1 
ATOM   450 N NH1 . ARG B 1 2  ? 5.852   5.488   -7.476  1.00 0.00  ? 2   ARG B NH1 1 
ATOM   451 N NH2 . ARG B 1 2  ? 4.573   7.084   -8.505  1.00 0.00  ? 2   ARG B NH2 1 
ATOM   452 N N   . GLU B 1 3  ? 9.860   6.151   -3.930  1.00 33.73 ? 3   GLU B N   1 
ATOM   453 C CA  . GLU B 1 3  ? 9.864   4.760   -3.597  1.00 28.62 ? 3   GLU B CA  1 
ATOM   454 C C   . GLU B 1 3  ? 9.176   4.462   -2.286  1.00 25.86 ? 3   GLU B C   1 
ATOM   455 O O   . GLU B 1 3  ? 8.234   3.596   -2.297  1.00 28.29 ? 3   GLU B O   1 
ATOM   456 C CB  . GLU B 1 3  ? 11.281  4.188   -3.603  1.00 31.71 ? 3   GLU B CB  1 
ATOM   457 C CG  . GLU B 1 3  ? 11.386  2.890   -4.397  1.00 58.10 ? 3   GLU B CG  1 
ATOM   458 C CD  . GLU B 1 3  ? 12.648  2.105   -4.202  1.00 68.51 ? 3   GLU B CD  1 
ATOM   459 O OE1 . GLU B 1 3  ? 12.607  0.887   -4.116  1.00 69.47 ? 3   GLU B OE1 1 
ATOM   460 O OE2 . GLU B 1 3  ? 13.663  2.839   -4.160  1.00 79.54 ? 3   GLU B OE2 1 
ATOM   461 N N   . VAL B 1 4  ? 9.535   5.114   -1.206  1.00 20.90 ? 4   VAL B N   1 
ATOM   462 C CA  . VAL B 1 4  ? 8.869   4.877   0.083   1.00 18.66 ? 4   VAL B CA  1 
ATOM   463 C C   . VAL B 1 4  ? 7.401   5.273   0.104   1.00 17.58 ? 4   VAL B C   1 
ATOM   464 O O   . VAL B 1 4  ? 6.681   4.729   0.992   1.00 21.74 ? 4   VAL B O   1 
ATOM   465 C CB  . VAL B 1 4  ? 9.631   5.565   1.226   1.00 29.41 ? 4   VAL B CB  1 
ATOM   466 C CG1 . VAL B 1 4  ? 10.963  4.860   1.461   1.00 38.82 ? 4   VAL B CG1 1 
ATOM   467 C CG2 . VAL B 1 4  ? 9.755   7.056   0.966   1.00 23.04 ? 4   VAL B CG2 1 
ATOM   468 N N   . CYS B 1 5  ? 6.954   6.133   -0.764  1.00 14.38 ? 5   CYS B N   1 
ATOM   469 C CA  . CYS B 1 5  ? 5.569   6.591   -0.847  1.00 10.38 ? 5   CYS B CA  1 
ATOM   470 C C   . CYS B 1 5  ? 4.585   5.536   -1.289  1.00 10.16 ? 5   CYS B C   1 
ATOM   471 O O   . CYS B 1 5  ? 3.356   5.784   -1.243  1.00 10.82 ? 5   CYS B O   1 
ATOM   472 C CB  . CYS B 1 5  ? 5.487   7.807   -1.772  1.00 7.76  ? 5   CYS B CB  1 
ATOM   473 S SG  . CYS B 1 5  ? 6.464   9.179   -1.132  1.00 15.11 ? 5   CYS B SG  1 
ATOM   474 N N   . SER B 1 6  ? 5.061   4.422   -1.747  1.00 10.58 ? 6   SER B N   1 
ATOM   475 C CA  . SER B 1 6  ? 4.257   3.315   -2.239  1.00 9.64  ? 6   SER B CA  1 
ATOM   476 C C   . SER B 1 6  ? 4.120   2.131   -1.334  1.00 8.59  ? 6   SER B C   1 
ATOM   477 O O   . SER B 1 6  ? 3.467   1.149   -1.744  1.00 11.50 ? 6   SER B O   1 
ATOM   478 C CB  . SER B 1 6  ? 4.717   2.887   -3.654  1.00 27.99 ? 6   SER B CB  1 
ATOM   479 O OG  . SER B 1 6  ? 5.954   2.209   -3.610  1.00 19.69 ? 6   SER B OG  1 
ATOM   480 N N   . GLU B 1 7  ? 4.624   2.170   -0.124  1.00 8.93  ? 7   GLU B N   1 
ATOM   481 C CA  . GLU B 1 7  ? 4.440   1.023   0.812   1.00 7.50  ? 7   GLU B CA  1 
ATOM   482 C C   . GLU B 1 7  ? 3.063   1.261   1.451   1.00 4.77  ? 7   GLU B C   1 
ATOM   483 O O   . GLU B 1 7  ? 2.665   2.423   1.594   1.00 6.03  ? 7   GLU B O   1 
ATOM   484 C CB  . GLU B 1 7  ? 5.498   0.862   1.876   1.00 27.25 ? 7   GLU B CB  1 
ATOM   485 C CG  . GLU B 1 7  ? 6.820   1.579   1.682   1.00 54.89 ? 7   GLU B CG  1 
ATOM   486 C CD  . GLU B 1 7  ? 7.988   1.331   2.567   1.00 65.48 ? 7   GLU B CD  1 
ATOM   487 O OE1 . GLU B 1 7  ? 8.135   0.357   3.286   1.00 76.62 ? 7   GLU B OE1 1 
ATOM   488 O OE2 . GLU B 1 7  ? 8.863   2.238   2.487   1.00 67.27 ? 7   GLU B OE2 1 
ATOM   489 N N   . GLN B 1 8  ? 2.404   0.148   1.772   1.00 4.70  ? 8   GLN B N   1 
ATOM   490 C CA  . GLN B 1 8  ? 1.099   0.196   2.411   1.00 3.26  ? 8   GLN B CA  1 
ATOM   491 C C   . GLN B 1 8  ? 1.292   0.766   3.856   1.00 3.36  ? 8   GLN B C   1 
ATOM   492 O O   . GLN B 1 8  ? 2.364   0.596   4.434   1.00 6.06  ? 8   GLN B O   1 
ATOM   493 C CB  . GLN B 1 8  ? 0.448   -1.184  2.535   1.00 7.77  ? 8   GLN B CB  1 
ATOM   494 C CG  . GLN B 1 8  ? 0.038   -1.707  1.120   1.00 3.24  ? 8   GLN B CG  1 
ATOM   495 C CD  . GLN B 1 8  ? -0.527  -3.118  1.228   1.00 5.40  ? 8   GLN B CD  1 
ATOM   496 O OE1 . GLN B 1 8  ? -1.391  -3.320  2.164   1.00 3.81  ? 8   GLN B OE1 1 
ATOM   497 N NE2 . GLN B 1 8  ? -0.146  -4.030  0.476   1.00 11.04 ? 8   GLN B NE2 1 
ATOM   498 N N   . ALA B 1 9  ? 0.258   1.427   4.286   1.00 3.07  ? 9   ALA B N   1 
ATOM   499 C CA  . ALA B 1 9  ? 0.164   1.929   5.691   1.00 8.13  ? 9   ALA B CA  1 
ATOM   500 C C   . ALA B 1 9  ? 0.253   0.717   6.618   1.00 9.43  ? 9   ALA B C   1 
ATOM   501 O O   . ALA B 1 9  ? -0.478  -0.313  6.543   1.00 9.09  ? 9   ALA B O   1 
ATOM   502 C CB  . ALA B 1 9  ? -1.176  2.680   5.819   1.00 5.72  ? 9   ALA B CB  1 
ATOM   503 N N   . GLU B 1 10 ? 1.167   0.827   7.605   1.00 5.93  ? 10  GLU B N   1 
ATOM   504 C CA  . GLU B 1 10 ? 1.401   -0.244  8.554   1.00 6.50  ? 10  GLU B CA  1 
ATOM   505 C C   . GLU B 1 10 ? 1.219   0.183   10.000  1.00 9.03  ? 10  GLU B C   1 
ATOM   506 O O   . GLU B 1 10 ? 2.088   0.975   10.462  1.00 9.77  ? 10  GLU B O   1 
ATOM   507 C CB  . GLU B 1 10 ? 2.800   -0.730  8.304   1.00 10.31 ? 10  GLU B CB  1 
ATOM   508 C CG  . GLU B 1 10 ? 3.415   -1.780  9.167   1.00 33.91 ? 10  GLU B CG  1 
ATOM   509 C CD  . GLU B 1 10 ? 4.070   -2.890  8.387   1.00 64.93 ? 10  GLU B CD  1 
ATOM   510 O OE1 . GLU B 1 10 ? 3.460   -3.917  8.134   1.00 71.44 ? 10  GLU B OE1 1 
ATOM   511 O OE2 . GLU B 1 10 ? 5.221   -2.612  7.999   1.00 69.24 ? 10  GLU B OE2 1 
ATOM   512 N N   . THR B 1 11 ? 0.165   -0.266  10.644  1.00 6.66  ? 11  THR B N   1 
ATOM   513 C CA  . THR B 1 11 ? -0.102  0.106   12.038  1.00 8.69  ? 11  THR B CA  1 
ATOM   514 C C   . THR B 1 11 ? 0.999   -0.431  12.949  1.00 10.85 ? 11  THR B C   1 
ATOM   515 O O   . THR B 1 11 ? 1.337   0.298   13.903  1.00 9.54  ? 11  THR B O   1 
ATOM   516 C CB  . THR B 1 11 ? -1.513  -0.338  12.554  1.00 16.28 ? 11  THR B CB  1 
ATOM   517 O OG1 . THR B 1 11 ? -2.524  0.335   11.774  1.00 9.65  ? 11  THR B OG1 1 
ATOM   518 C CG2 . THR B 1 11 ? -1.718  0.003   14.062  1.00 11.69 ? 11  THR B CG2 1 
ATOM   519 N N   . GLY B 1 12 ? 1.559   -1.592  12.677  1.00 10.48 ? 12  GLY B N   1 
ATOM   520 C CA  . GLY B 1 12 ? 2.647   -2.138  13.545  1.00 8.70  ? 12  GLY B CA  1 
ATOM   521 C C   . GLY B 1 12 ? 1.963   -2.836  14.732  1.00 9.40  ? 12  GLY B C   1 
ATOM   522 O O   . GLY B 1 12 ? 0.726   -2.755  14.884  1.00 10.81 ? 12  GLY B O   1 
ATOM   523 N N   . PRO B 1 13 ? 2.793   -3.464  15.541  1.00 13.12 ? 13  PRO B N   1 
ATOM   524 C CA  . PRO B 1 13 ? 2.338   -4.233  16.707  1.00 13.49 ? 13  PRO B CA  1 
ATOM   525 C C   . PRO B 1 13 ? 2.062   -3.525  18.033  1.00 12.20 ? 13  PRO B C   1 
ATOM   526 O O   . PRO B 1 13 ? 1.572   -4.216  18.939  1.00 12.12 ? 13  PRO B O   1 
ATOM   527 C CB  . PRO B 1 13 ? 3.473   -5.287  16.846  1.00 13.41 ? 13  PRO B CB  1 
ATOM   528 C CG  . PRO B 1 13 ? 4.713   -4.565  16.384  1.00 9.97  ? 13  PRO B CG  1 
ATOM   529 C CD  . PRO B 1 13 ? 4.256   -3.555  15.369  1.00 10.15 ? 13  PRO B CD  1 
ATOM   530 N N   . CYS B 1 14 ? 2.379   -2.251  18.095  1.00 10.00 ? 14  CYS B N   1 
ATOM   531 C CA  . CYS B 1 14 ? 2.143   -1.550  19.431  1.00 9.94  ? 14  CYS B CA  1 
ATOM   532 C C   . CYS B 1 14 ? 0.688   -1.127  19.441  1.00 9.63  ? 14  CYS B C   1 
ATOM   533 O O   . CYS B 1 14 ? -0.074  -1.175  18.428  1.00 10.53 ? 14  CYS B O   1 
ATOM   534 C CB  . CYS B 1 14 ? 3.236   -0.601  19.713  1.00 9.44  ? 14  CYS B CB  1 
ATOM   535 S SG  . CYS B 1 14 ? 4.880   -1.247  19.960  1.00 13.77 ? 14  CYS B SG  1 
ATOM   536 N N   . ARG B 1 15 ? 0.257   -0.759  20.635  1.00 11.11 ? 15  ARG B N   1 
ATOM   537 C CA  . ARG B 1 15 ? -1.110  -0.430  20.968  1.00 13.51 ? 15  ARG B CA  1 
ATOM   538 C C   . ARG B 1 15 ? -1.504  1.023   21.075  1.00 13.87 ? 15  ARG B C   1 
ATOM   539 O O   . ARG B 1 15 ? -2.663  1.253   21.533  1.00 17.38 ? 15  ARG B O   1 
ATOM   540 C CB  . ARG B 1 15 ? -1.510  -1.216  22.245  1.00 26.78 ? 15  ARG B CB  1 
ATOM   541 C CG  . ARG B 1 15 ? -1.480  -2.741  22.029  1.00 42.54 ? 15  ARG B CG  1 
ATOM   542 C CD  . ARG B 1 15 ? -2.639  -3.361  22.751  1.00 63.08 ? 15  ARG B CD  1 
ATOM   543 N NE  . ARG B 1 15 ? -2.311  -4.667  23.295  1.00 88.03 ? 15  ARG B NE  1 
ATOM   544 C CZ  . ARG B 1 15 ? -3.136  -5.447  23.989  1.00 0.00  ? 15  ARG B CZ  1 
ATOM   545 N NH1 . ARG B 1 15 ? -2.765  -6.674  24.364  1.00 0.00  ? 15  ARG B NH1 1 
ATOM   546 N NH2 . ARG B 1 15 ? -4.344  -5.018  24.348  1.00 0.00  ? 15  ARG B NH2 1 
ATOM   547 N N   . ALA B 1 16 ? -0.682  1.957   20.651  1.00 11.15 ? 16  ALA B N   1 
ATOM   548 C CA  . ALA B 1 16 ? -1.134  3.374   20.679  1.00 6.56  ? 16  ALA B CA  1 
ATOM   549 C C   . ALA B 1 16 ? -2.034  3.563   19.447  1.00 8.15  ? 16  ALA B C   1 
ATOM   550 O O   . ALA B 1 16 ? -2.106  2.698   18.530  1.00 7.97  ? 16  ALA B O   1 
ATOM   551 C CB  . ALA B 1 16 ? -0.003  4.333   20.817  1.00 4.76  ? 16  ALA B CB  1 
ATOM   552 N N   . MET B 1 17 ? -2.724  4.676   19.428  1.00 4.71  ? 17  MET B N   1 
ATOM   553 C CA  . MET B 1 17 ? -3.632  5.075   18.312  1.00 7.03  ? 17  MET B CA  1 
ATOM   554 C C   . MET B 1 17 ? -3.215  6.495   17.920  1.00 6.57  ? 17  MET B C   1 
ATOM   555 O O   . MET B 1 17 ? -3.910  7.490   18.166  1.00 7.07  ? 17  MET B O   1 
ATOM   556 C CB  . MET B 1 17 ? -5.094  4.881   18.684  1.00 9.01  ? 17  MET B CB  1 
ATOM   557 C CG  . MET B 1 17 ? -5.564  3.480   18.924  1.00 5.80  ? 17  MET B CG  1 
ATOM   558 S SD  . MET B 1 17 ? -5.458  2.491   17.391  1.00 14.84 ? 17  MET B SD  1 
ATOM   559 C CE  . MET B 1 17 ? -7.151  2.946   16.873  1.00 12.89 ? 17  MET B CE  1 
ATOM   560 N N   . ILE B 1 18 ? -2.034  6.597   17.297  1.00 5.92  ? 18  ILE B N   1 
ATOM   561 C CA  . ILE B 1 18 ? -1.387  7.831   16.843  1.00 5.99  ? 18  ILE B CA  1 
ATOM   562 C C   . ILE B 1 18 ? -1.816  8.159   15.423  1.00 6.19  ? 18  ILE B C   1 
ATOM   563 O O   . ILE B 1 18 ? -1.661  7.348   14.508  1.00 9.02  ? 18  ILE B O   1 
ATOM   564 C CB  . ILE B 1 18 ? 0.195   7.816   16.961  1.00 3.89  ? 18  ILE B CB  1 
ATOM   565 C CG1 . ILE B 1 18 ? 0.690   7.369   18.336  1.00 5.30  ? 18  ILE B CG1 1 
ATOM   566 C CG2 . ILE B 1 18 ? 0.765   9.230   16.589  1.00 7.60  ? 18  ILE B CG2 1 
ATOM   567 C CD1 . ILE B 1 18 ? 2.189   7.047   18.492  1.00 13.21 ? 18  ILE B CD1 1 
ATOM   568 N N   . SER B 1 19 ? -2.407  9.322   15.256  1.00 6.43  ? 19  SER B N   1 
ATOM   569 C CA  . SER B 1 19 ? -2.932  9.730   13.919  1.00 9.50  ? 19  SER B CA  1 
ATOM   570 C C   . SER B 1 19 ? -1.728  10.180  13.093  1.00 8.38  ? 19  SER B C   1 
ATOM   571 O O   . SER B 1 19 ? -0.952  11.093  13.454  1.00 7.89  ? 19  SER B O   1 
ATOM   572 C CB  . SER B 1 19 ? -4.054  10.770  14.056  1.00 14.63 ? 19  SER B CB  1 
ATOM   573 O OG  . SER B 1 19 ? -4.923  10.576  12.911  1.00 48.68 ? 19  SER B OG  1 
ATOM   574 N N   . ARG B 1 20 ? -1.503  9.441   12.017  1.00 6.99  ? 20  ARG B N   1 
ATOM   575 C CA  . ARG B 1 20 ? -0.402  9.680   11.069  1.00 4.72  ? 20  ARG B CA  1 
ATOM   576 C C   . ARG B 1 20 ? -0.973  9.716   9.653   1.00 6.03  ? 20  ARG B C   1 
ATOM   577 O O   . ARG B 1 20 ? -2.183  9.533   9.466   1.00 6.99  ? 20  ARG B O   1 
ATOM   578 C CB  . ARG B 1 20 ? 0.630   8.548   11.248  1.00 2.00  ? 20  ARG B CB  1 
ATOM   579 C CG  . ARG B 1 20 ? 1.336   8.579   12.611  1.00 3.85  ? 20  ARG B CG  1 
ATOM   580 C CD  . ARG B 1 20 ? 2.316   9.721   12.601  1.00 7.11  ? 20  ARG B CD  1 
ATOM   581 N NE  . ARG B 1 20 ? 3.149   9.857   13.782  1.00 8.88  ? 20  ARG B NE  1 
ATOM   582 C CZ  . ARG B 1 20 ? 4.246   9.144   14.070  1.00 21.18 ? 20  ARG B CZ  1 
ATOM   583 N NH1 . ARG B 1 20 ? 4.801   8.226   13.263  1.00 10.11 ? 20  ARG B NH1 1 
ATOM   584 N NH2 . ARG B 1 20 ? 4.722   9.268   15.326  1.00 15.64 ? 20  ARG B NH2 1 
ATOM   585 N N   . TRP B 1 21 ? -0.131  10.091  8.726   1.00 4.42  ? 21  TRP B N   1 
ATOM   586 C CA  . TRP B 1 21 ? -0.515  10.258  7.292   1.00 3.29  ? 21  TRP B CA  1 
ATOM   587 C C   . TRP B 1 21 ? 0.389   9.395   6.442   1.00 4.01  ? 21  TRP B C   1 
ATOM   588 O O   . TRP B 1 21 ? 1.578   9.200   6.714   1.00 2.39  ? 21  TRP B O   1 
ATOM   589 C CB  . TRP B 1 21 ? -0.463  11.732  6.951   1.00 4.81  ? 21  TRP B CB  1 
ATOM   590 C CG  . TRP B 1 21 ? -1.580  12.505  7.596   1.00 5.57  ? 21  TRP B CG  1 
ATOM   591 C CD1 . TRP B 1 21 ? -1.601  13.011  8.850   1.00 9.93  ? 21  TRP B CD1 1 
ATOM   592 C CD2 . TRP B 1 21 ? -2.827  12.834  6.984   1.00 2.00  ? 21  TRP B CD2 1 
ATOM   593 N NE1 . TRP B 1 21 ? -2.820  13.599  9.074   1.00 11.32 ? 21  TRP B NE1 1 
ATOM   594 C CE2 . TRP B 1 21 ? -3.600  13.504  7.952   1.00 10.62 ? 21  TRP B CE2 1 
ATOM   595 C CE3 . TRP B 1 21 ? -3.389  12.600  5.727   1.00 2.00  ? 21  TRP B CE3 1 
ATOM   596 C CZ2 . TRP B 1 21 ? -4.867  13.994  7.682   1.00 6.94  ? 21  TRP B CZ2 1 
ATOM   597 C CZ3 . TRP B 1 21 ? -4.644  13.046  5.447   1.00 12.42 ? 21  TRP B CZ3 1 
ATOM   598 C CH2 . TRP B 1 21 ? -5.378  13.766  6.408   1.00 10.07 ? 21  TRP B CH2 1 
ATOM   599 N N   . TYR B 1 22 ? -0.204  8.819   5.389   1.00 3.69  ? 22  TYR B N   1 
ATOM   600 C CA  . TYR B 1 22 ? 0.544   7.992   4.421   1.00 4.35  ? 22  TYR B CA  1 
ATOM   601 C C   . TYR B 1 22 ? 0.133   8.384   3.040   1.00 2.11  ? 22  TYR B C   1 
ATOM   602 O O   . TYR B 1 22 ? -0.992  8.871   2.868   1.00 4.79  ? 22  TYR B O   1 
ATOM   603 C CB  . TYR B 1 22 ? 0.422   6.443   4.725   1.00 6.38  ? 22  TYR B CB  1 
ATOM   604 C CG  . TYR B 1 22 ? -0.885  5.883   4.177   1.00 10.77 ? 22  TYR B CG  1 
ATOM   605 C CD1 . TYR B 1 22 ? -0.910  5.188   2.952   1.00 7.32  ? 22  TYR B CD1 1 
ATOM   606 C CD2 . TYR B 1 22 ? -2.068  6.141   4.826   1.00 2.00  ? 22  TYR B CD2 1 
ATOM   607 C CE1 . TYR B 1 22 ? -2.123  4.759   2.434   1.00 7.98  ? 22  TYR B CE1 1 
ATOM   608 C CE2 . TYR B 1 22 ? -3.278  5.664   4.312   1.00 6.07  ? 22  TYR B CE2 1 
ATOM   609 C CZ  . TYR B 1 22 ? -3.302  4.995   3.113   1.00 8.90  ? 22  TYR B CZ  1 
ATOM   610 O OH  . TYR B 1 22 ? -4.501  4.575   2.592   1.00 11.30 ? 22  TYR B OH  1 
ATOM   611 N N   . PHE B 1 23 ? 1.060   8.214   2.068   1.00 3.17  ? 23  PHE B N   1 
ATOM   612 C CA  . PHE B 1 23 ? 0.625   8.572   0.681   1.00 2.34  ? 23  PHE B CA  1 
ATOM   613 C C   . PHE B 1 23 ? -0.111  7.357   0.072   1.00 3.43  ? 23  PHE B C   1 
ATOM   614 O O   . PHE B 1 23 ? 0.422   6.248   0.060   1.00 2.00  ? 23  PHE B O   1 
ATOM   615 C CB  . PHE B 1 23 ? 1.813   9.047   -0.130  1.00 2.00  ? 23  PHE B CB  1 
ATOM   616 C CG  . PHE B 1 23 ? 1.386   9.474   -1.519  1.00 6.55  ? 23  PHE B CG  1 
ATOM   617 C CD1 . PHE B 1 23 ? 1.477   8.496   -2.538  1.00 8.89  ? 23  PHE B CD1 1 
ATOM   618 C CD2 . PHE B 1 23 ? 0.857   10.731  -1.774  1.00 8.93  ? 23  PHE B CD2 1 
ATOM   619 C CE1 . PHE B 1 23 ? 1.073   8.839   -3.835  1.00 9.62  ? 23  PHE B CE1 1 
ATOM   620 C CE2 . PHE B 1 23 ? 0.416   11.015  -3.057  1.00 13.38 ? 23  PHE B CE2 1 
ATOM   621 C CZ  . PHE B 1 23 ? 0.528   10.062  -4.084  1.00 9.65  ? 23  PHE B CZ  1 
ATOM   622 N N   . ASP B 1 24 ? -1.302  7.613   -0.404  1.00 6.07  ? 24  ASP B N   1 
ATOM   623 C CA  . ASP B 1 24 ? -2.186  6.613   -1.054  1.00 5.51  ? 24  ASP B CA  1 
ATOM   624 C C   . ASP B 1 24 ? -2.099  6.779   -2.584  1.00 6.94  ? 24  ASP B C   1 
ATOM   625 O O   . ASP B 1 24 ? -2.530  7.762   -3.134  1.00 7.01  ? 24  ASP B O   1 
ATOM   626 C CB  . ASP B 1 24 ? -3.608  6.689   -0.450  1.00 9.29  ? 24  ASP B CB  1 
ATOM   627 C CG  . ASP B 1 24 ? -4.401  5.438   -0.835  1.00 18.96 ? 24  ASP B CG  1 
ATOM   628 O OD1 . ASP B 1 24 ? -4.768  4.578   -0.011  1.00 15.63 ? 24  ASP B OD1 1 
ATOM   629 O OD2 . ASP B 1 24 ? -4.606  5.251   -2.048  1.00 9.20  ? 24  ASP B OD2 1 
ATOM   630 N N   . VAL B 1 25 ? -1.496  5.765   -3.208  1.00 6.88  ? 25  VAL B N   1 
ATOM   631 C CA  . VAL B 1 25 ? -1.258  5.750   -4.637  1.00 10.60 ? 25  VAL B CA  1 
ATOM   632 C C   . VAL B 1 25 ? -2.561  5.660   -5.442  1.00 10.26 ? 25  VAL B C   1 
ATOM   633 O O   . VAL B 1 25 ? -2.527  6.206   -6.560  1.00 16.15 ? 25  VAL B O   1 
ATOM   634 C CB  . VAL B 1 25 ? -0.255  4.664   -5.092  1.00 15.96 ? 25  VAL B CB  1 
ATOM   635 C CG1 . VAL B 1 25 ? 1.067   4.726   -4.370  1.00 7.48  ? 25  VAL B CG1 1 
ATOM   636 C CG2 . VAL B 1 25 ? -0.835  3.281   -4.963  1.00 22.21 ? 25  VAL B CG2 1 
ATOM   637 N N   . THR B 1 26 ? -3.562  5.050   -4.894  1.00 13.44 ? 26  THR B N   1 
ATOM   638 C CA  . THR B 1 26 ? -4.882  4.905   -5.561  1.00 15.68 ? 26  THR B CA  1 
ATOM   639 C C   . THR B 1 26 ? -5.680  6.202   -5.567  1.00 18.63 ? 26  THR B C   1 
ATOM   640 O O   . THR B 1 26 ? -6.310  6.619   -6.555  1.00 21.18 ? 26  THR B O   1 
ATOM   641 C CB  . THR B 1 26 ? -5.712  3.748   -4.866  1.00 23.86 ? 26  THR B CB  1 
ATOM   642 O OG1 . THR B 1 26 ? -5.060  2.494   -5.258  1.00 31.74 ? 26  THR B OG1 1 
ATOM   643 C CG2 . THR B 1 26 ? -7.204  3.711   -5.168  1.00 51.85 ? 26  THR B CG2 1 
ATOM   644 N N   . GLU B 1 27 ? -5.668  6.867   -4.447  1.00 14.18 ? 27  GLU B N   1 
ATOM   645 C CA  . GLU B 1 27 ? -6.314  8.140   -4.167  1.00 14.80 ? 27  GLU B CA  1 
ATOM   646 C C   . GLU B 1 27 ? -5.505  9.280   -4.740  1.00 12.47 ? 27  GLU B C   1 
ATOM   647 O O   . GLU B 1 27 ? -6.042  10.334  -5.092  1.00 14.83 ? 27  GLU B O   1 
ATOM   648 C CB  . GLU B 1 27 ? -6.533  8.307   -2.689  1.00 15.81 ? 27  GLU B CB  1 
ATOM   649 C CG  . GLU B 1 27 ? -7.878  7.753   -2.159  1.00 40.06 ? 27  GLU B CG  1 
ATOM   650 C CD  . GLU B 1 27 ? -8.049  7.868   -0.670  1.00 52.11 ? 27  GLU B CD  1 
ATOM   651 O OE1 . GLU B 1 27 ? -8.195  6.922   0.084   1.00 56.60 ? 27  GLU B OE1 1 
ATOM   652 O OE2 . GLU B 1 27 ? -8.017  9.055   -0.265  1.00 71.25 ? 27  GLU B OE2 1 
ATOM   653 N N   . GLY B 1 28 ? -4.206  9.102   -4.838  1.00 13.82 ? 28  GLY B N   1 
ATOM   654 C CA  . GLY B 1 28 ? -3.240  10.045  -5.379  1.00 12.07 ? 28  GLY B CA  1 
ATOM   655 C C   . GLY B 1 28 ? -2.925  11.184  -4.429  1.00 14.58 ? 28  GLY B C   1 
ATOM   656 O O   . GLY B 1 28 ? -2.560  12.275  -4.902  1.00 15.83 ? 28  GLY B O   1 
ATOM   657 N N   . LYS B 1 29 ? -3.121  10.901  -3.118  1.00 11.63 ? 29  LYS B N   1 
ATOM   658 C CA  . LYS B 1 29 ? -2.874  11.979  -2.123  1.00 9.83  ? 29  LYS B CA  1 
ATOM   659 C C   . LYS B 1 29 ? -2.651  11.286  -0.793  1.00 5.97  ? 29  LYS B C   1 
ATOM   660 O O   . LYS B 1 29 ? -2.766  10.078  -0.705  1.00 5.35  ? 29  LYS B O   1 
ATOM   661 C CB  . LYS B 1 29 ? -4.089  12.899  -2.082  1.00 8.92  ? 29  LYS B CB  1 
ATOM   662 C CG  . LYS B 1 29 ? -5.368  12.223  -1.606  1.00 7.61  ? 29  LYS B CG  1 
ATOM   663 C CD  . LYS B 1 29 ? -6.551  13.208  -1.630  1.00 25.67 ? 29  LYS B CD  1 
ATOM   664 C CE  . LYS B 1 29 ? -7.889  12.510  -1.482  1.00 24.30 ? 29  LYS B CE  1 
ATOM   665 N NZ  . LYS B 1 29 ? -8.800  13.356  -0.693  1.00 27.02 ? 29  LYS B NZ  1 
ATOM   666 N N   . CYS B 1 30 ? -2.350  12.146  0.232   1.00 4.15  ? 30  CYS B N   1 
ATOM   667 C CA  . CYS B 1 30 ? -2.152  11.550  1.571   1.00 2.36  ? 30  CYS B CA  1 
ATOM   668 C C   . CYS B 1 30 ? -3.475  11.313  2.268   1.00 5.58  ? 30  CYS B C   1 
ATOM   669 O O   . CYS B 1 30 ? -4.494  12.053  2.084   1.00 9.04  ? 30  CYS B O   1 
ATOM   670 C CB  . CYS B 1 30 ? -1.242  12.504  2.324   1.00 2.00  ? 30  CYS B CB  1 
ATOM   671 S SG  . CYS B 1 30 ? 0.428   12.590  1.555   1.00 8.87  ? 30  CYS B SG  1 
ATOM   672 N N   . ALA B 1 31 ? -3.508  10.252  3.062   1.00 4.62  ? 31  ALA B N   1 
ATOM   673 C CA  . ALA B 1 31 ? -4.695  9.837   3.832   1.00 6.31  ? 31  ALA B CA  1 
ATOM   674 C C   . ALA B 1 31 ? -4.248  9.483   5.246   1.00 4.91  ? 31  ALA B C   1 
ATOM   675 O O   . ALA B 1 31 ? -3.087  9.190   5.437   1.00 6.23  ? 31  ALA B O   1 
ATOM   676 C CB  . ALA B 1 31 ? -5.287  8.581   3.184   1.00 7.21  ? 31  ALA B CB  1 
ATOM   677 N N   . PRO B 1 32 ? -5.190  9.547   6.193   1.00 6.92  ? 32  PRO B N   1 
ATOM   678 C CA  . PRO B 1 32 ? -4.861  9.249   7.599   1.00 6.27  ? 32  PRO B CA  1 
ATOM   679 C C   . PRO B 1 32 ? -4.889  7.759   7.905   1.00 7.13  ? 32  PRO B C   1 
ATOM   680 O O   . PRO B 1 32 ? -5.503  6.976   7.152   1.00 7.82  ? 32  PRO B O   1 
ATOM   681 C CB  . PRO B 1 32 ? -5.888  10.080  8.366   1.00 8.61  ? 32  PRO B CB  1 
ATOM   682 C CG  . PRO B 1 32 ? -7.081  10.090  7.506   1.00 10.62 ? 32  PRO B CG  1 
ATOM   683 C CD  . PRO B 1 32 ? -6.592  9.966   6.032   1.00 8.84  ? 32  PRO B CD  1 
ATOM   684 N N   . PHE B 1 33 ? -4.247  7.364   8.973   1.00 5.43  ? 33  PHE B N   1 
ATOM   685 C CA  . PHE B 1 33 ? -4.220  5.994   9.463   1.00 3.73  ? 33  PHE B CA  1 
ATOM   686 C C   . PHE B 1 33 ? -3.780  6.091   10.937  1.00 2.00  ? 33  PHE B C   1 
ATOM   687 O O   . PHE B 1 33 ? -3.152  7.098   11.272  1.00 4.38  ? 33  PHE B O   1 
ATOM   688 C CB  . PHE B 1 33 ? -3.340  5.070   8.631   1.00 4.02  ? 33  PHE B CB  1 
ATOM   689 C CG  . PHE B 1 33 ? -1.837  5.102   8.867   1.00 2.00  ? 33  PHE B CG  1 
ATOM   690 C CD1 . PHE B 1 33 ? -1.236  4.015   9.491   1.00 6.89  ? 33  PHE B CD1 1 
ATOM   691 C CD2 . PHE B 1 33 ? -1.098  6.204   8.451   1.00 2.00  ? 33  PHE B CD2 1 
ATOM   692 C CE1 . PHE B 1 33 ? 0.162   3.959   9.639   1.00 4.37  ? 33  PHE B CE1 1 
ATOM   693 C CE2 . PHE B 1 33 ? 0.303   6.173   8.657   1.00 2.00  ? 33  PHE B CE2 1 
ATOM   694 C CZ  . PHE B 1 33 ? 0.952   5.080   9.288   1.00 4.28  ? 33  PHE B CZ  1 
ATOM   695 N N   . PHE B 1 34 ? -4.045  5.085   11.666  1.00 3.77  ? 34  PHE B N   1 
ATOM   696 C CA  . PHE B 1 34 ? -3.650  5.013   13.094  1.00 5.00  ? 34  PHE B CA  1 
ATOM   697 C C   . PHE B 1 34 ? -2.397  4.195   13.191  1.00 5.37  ? 34  PHE B C   1 
ATOM   698 O O   . PHE B 1 34 ? -2.391  3.017   12.784  1.00 8.33  ? 34  PHE B O   1 
ATOM   699 C CB  . PHE B 1 34 ? -4.812  4.440   13.899  1.00 7.08  ? 34  PHE B CB  1 
ATOM   700 C CG  . PHE B 1 34 ? -5.810  5.517   14.246  1.00 16.14 ? 34  PHE B CG  1 
ATOM   701 C CD1 . PHE B 1 34 ? -5.417  6.556   15.079  1.00 11.41 ? 34  PHE B CD1 1 
ATOM   702 C CD2 . PHE B 1 34 ? -7.112  5.455   13.780  1.00 18.82 ? 34  PHE B CD2 1 
ATOM   703 C CE1 . PHE B 1 34 ? -6.316  7.558   15.450  1.00 15.28 ? 34  PHE B CE1 1 
ATOM   704 C CE2 . PHE B 1 34 ? -8.025  6.459   14.141  1.00 13.39 ? 34  PHE B CE2 1 
ATOM   705 C CZ  . PHE B 1 34 ? -7.621  7.502   14.958  1.00 13.07 ? 34  PHE B CZ  1 
ATOM   706 N N   . TYR B 1 35 ? -1.334  4.820   13.671  1.00 5.26  ? 35  TYR B N   1 
ATOM   707 C CA  . TYR B 1 35 ? -0.054  4.086   13.880  1.00 4.94  ? 35  TYR B CA  1 
ATOM   708 C C   . TYR B 1 35 ? 0.077   3.617   15.313  1.00 6.40  ? 35  TYR B C   1 
ATOM   709 O O   . TYR B 1 35 ? -0.177  4.413   16.243  1.00 5.68  ? 35  TYR B O   1 
ATOM   710 C CB  . TYR B 1 35 ? 1.048   5.065   13.419  1.00 3.67  ? 35  TYR B CB  1 
ATOM   711 C CG  . TYR B 1 35 ? 2.445   4.519   13.672  1.00 12.85 ? 35  TYR B CG  1 
ATOM   712 C CD1 . TYR B 1 35 ? 2.841   3.207   13.271  1.00 2.00  ? 35  TYR B CD1 1 
ATOM   713 C CD2 . TYR B 1 35 ? 3.344   5.303   14.366  1.00 11.72 ? 35  TYR B CD2 1 
ATOM   714 C CE1 . TYR B 1 35 ? 4.117   2.746   13.559  1.00 6.04  ? 35  TYR B CE1 1 
ATOM   715 C CE2 . TYR B 1 35 ? 4.623   4.833   14.625  1.00 5.18  ? 35  TYR B CE2 1 
ATOM   716 C CZ  . TYR B 1 35 ? 4.999   3.573   14.205  1.00 5.24  ? 35  TYR B CZ  1 
ATOM   717 O OH  . TYR B 1 35 ? 6.297   3.211   14.434  1.00 12.22 ? 35  TYR B OH  1 
ATOM   718 N N   . GLY B 1 36 ? 0.471   2.414   15.587  1.00 7.19  ? 36  GLY B N   1 
ATOM   719 C CA  . GLY B 1 36 ? 0.606   1.785   16.886  1.00 8.54  ? 36  GLY B CA  1 
ATOM   720 C C   . GLY B 1 36 ? 1.695   2.313   17.797  1.00 10.72 ? 36  GLY B C   1 
ATOM   721 O O   . GLY B 1 36 ? 1.592   2.088   19.021  1.00 8.77  ? 36  GLY B O   1 
ATOM   722 N N   . GLY B 1 37 ? 2.700   2.944   17.214  1.00 9.70  ? 37  GLY B N   1 
ATOM   723 C CA  . GLY B 1 37 ? 3.784   3.500   18.026  1.00 9.88  ? 37  GLY B CA  1 
ATOM   724 C C   . GLY B 1 37 ? 5.104   2.811   17.765  1.00 12.18 ? 37  GLY B C   1 
ATOM   725 O O   . GLY B 1 37 ? 6.089   3.468   18.189  1.00 11.70 ? 37  GLY B O   1 
ATOM   726 N N   . CYS B 1 38 ? 5.166   1.642   17.179  1.00 11.65 ? 38  CYS B N   1 
ATOM   727 C CA  . CYS B 1 38 ? 6.472   0.992   16.865  1.00 9.66  ? 38  CYS B CA  1 
ATOM   728 C C   . CYS B 1 38 ? 6.360   0.226   15.540  1.00 9.05  ? 38  CYS B C   1 
ATOM   729 O O   . CYS B 1 38 ? 5.280   -0.162  15.081  1.00 8.00  ? 38  CYS B O   1 
ATOM   730 C CB  . CYS B 1 38 ? 6.863   0.060   18.001  1.00 15.10 ? 38  CYS B CB  1 
ATOM   731 S SG  . CYS B 1 38 ? 5.807   -1.385  18.173  1.00 14.51 ? 38  CYS B SG  1 
ATOM   732 N N   . GLY B 1 39 ? 7.520   -0.015  14.963  1.00 11.68 ? 39  GLY B N   1 
ATOM   733 C CA  . GLY B 1 39 ? 7.591   -0.800  13.680  1.00 11.84 ? 39  GLY B CA  1 
ATOM   734 C C   . GLY B 1 39 ? 7.050   0.065   12.542  1.00 13.92 ? 39  GLY B C   1 
ATOM   735 O O   . GLY B 1 39 ? 7.299   1.275   12.465  1.00 17.10 ? 39  GLY B O   1 
ATOM   736 N N   . GLY B 1 40 ? 6.322   -0.590  11.647  1.00 17.71 ? 40  GLY B N   1 
ATOM   737 C CA  . GLY B 1 40 ? 5.699   0.233   10.551  1.00 19.47 ? 40  GLY B CA  1 
ATOM   738 C C   . GLY B 1 40 ? 6.799   0.586   9.552   1.00 20.31 ? 40  GLY B C   1 
ATOM   739 O O   . GLY B 1 40 ? 7.851   -0.096  9.618   1.00 24.70 ? 40  GLY B O   1 
ATOM   740 N N   . ASN B 1 41 ? 6.550   1.525   8.683   1.00 16.41 ? 41  ASN B N   1 
ATOM   741 C CA  . ASN B 1 41 ? 7.554   1.853   7.629   1.00 15.47 ? 41  ASN B CA  1 
ATOM   742 C C   . ASN B 1 41 ? 7.737   3.351   7.456   1.00 14.27 ? 41  ASN B C   1 
ATOM   743 O O   . ASN B 1 41 ? 7.216   4.195   8.222   1.00 11.02 ? 41  ASN B O   1 
ATOM   744 C CB  . ASN B 1 41 ? 7.142   1.113   6.339   1.00 11.56 ? 41  ASN B CB  1 
ATOM   745 C CG  . ASN B 1 41 ? 5.752   1.556   5.886   1.00 9.69  ? 41  ASN B CG  1 
ATOM   746 O OD1 . ASN B 1 41 ? 5.405   2.734   5.790   1.00 9.38  ? 41  ASN B OD1 1 
ATOM   747 N ND2 . ASN B 1 41 ? 4.887   0.571   5.644   1.00 10.83 ? 41  ASN B ND2 1 
ATOM   748 N N   . ARG B 1 42 ? 8.376   3.688   6.325   1.00 11.35 ? 42  ARG B N   1 
ATOM   749 C CA  . ARG B 1 42 ? 8.669   5.065   5.981   1.00 12.36 ? 42  ARG B CA  1 
ATOM   750 C C   . ARG B 1 42 ? 7.531   5.901   5.456   1.00 7.82  ? 42  ARG B C   1 
ATOM   751 O O   . ARG B 1 42 ? 7.609   7.161   5.491   1.00 7.77  ? 42  ARG B O   1 
ATOM   752 C CB  . ARG B 1 42 ? 9.860   5.088   4.991   1.00 30.72 ? 42  ARG B CB  1 
ATOM   753 C CG  . ARG B 1 42 ? 11.180  4.659   5.603   1.00 57.03 ? 42  ARG B CG  1 
ATOM   754 C CD  . ARG B 1 42 ? 12.362  4.958   4.748   1.00 0.00  ? 42  ARG B CD  1 
ATOM   755 N NE  . ARG B 1 42 ? 13.604  4.645   5.442   1.00 0.00  ? 42  ARG B NE  1 
ATOM   756 C CZ  . ARG B 1 42 ? 14.745  5.316   5.329   1.00 0.00  ? 42  ARG B CZ  1 
ATOM   757 N NH1 . ARG B 1 42 ? 14.893  6.359   4.517   1.00 0.00  ? 42  ARG B NH1 1 
ATOM   758 N NH2 . ARG B 1 42 ? 15.779  4.958   6.100   1.00 0.00  ? 42  ARG B NH2 1 
ATOM   759 N N   . ASN B 1 43 ? 6.462   5.258   5.036   1.00 5.90  ? 43  ASN B N   1 
ATOM   760 C CA  . ASN B 1 43 ? 5.276   5.982   4.531   1.00 3.54  ? 43  ASN B CA  1 
ATOM   761 C C   . ASN B 1 43 ? 4.396   6.295   5.740   1.00 6.71  ? 43  ASN B C   1 
ATOM   762 O O   . ASN B 1 43 ? 3.323   5.702   5.904   1.00 4.65  ? 43  ASN B O   1 
ATOM   763 C CB  . ASN B 1 43 ? 4.538   5.074   3.540   1.00 2.00  ? 43  ASN B CB  1 
ATOM   764 C CG  . ASN B 1 43 ? 3.635   5.892   2.695   1.00 2.06  ? 43  ASN B CG  1 
ATOM   765 O OD1 . ASN B 1 43 ? 3.537   7.143   2.650   1.00 2.10  ? 43  ASN B OD1 1 
ATOM   766 N ND2 . ASN B 1 43 ? 2.864   5.190   1.823   1.00 4.45  ? 43  ASN B ND2 1 
ATOM   767 N N   . ASN B 1 44 ? 4.920   7.189   6.542   1.00 4.21  ? 44  ASN B N   1 
ATOM   768 C CA  . ASN B 1 44 ? 4.345   7.546   7.868   1.00 2.46  ? 44  ASN B CA  1 
ATOM   769 C C   . ASN B 1 44 ? 4.858   8.940   8.238   1.00 4.36  ? 44  ASN B C   1 
ATOM   770 O O   . ASN B 1 44 ? 6.017   9.067   8.657   1.00 5.91  ? 44  ASN B O   1 
ATOM   771 C CB  . ASN B 1 44 ? 4.779   6.399   8.786   1.00 2.45  ? 44  ASN B CB  1 
ATOM   772 C CG  . ASN B 1 44 ? 4.382   6.521   10.215  1.00 7.54  ? 44  ASN B CG  1 
ATOM   773 O OD1 . ASN B 1 44 ? 4.082   7.626   10.691  1.00 5.26  ? 44  ASN B OD1 1 
ATOM   774 N ND2 . ASN B 1 44 ? 4.333   5.390   10.931  1.00 2.43  ? 44  ASN B ND2 1 
ATOM   775 N N   . PHE B 1 45 ? 3.997   9.911   8.100   1.00 3.22  ? 45  PHE B N   1 
ATOM   776 C CA  . PHE B 1 45 ? 4.263   11.330  8.282   1.00 5.36  ? 45  PHE B CA  1 
ATOM   777 C C   . PHE B 1 45 ? 3.413   11.919  9.393   1.00 5.04  ? 45  PHE B C   1 
ATOM   778 O O   . PHE B 1 45 ? 2.244   11.558  9.469   1.00 7.18  ? 45  PHE B O   1 
ATOM   779 C CB  . PHE B 1 45 ? 4.016   12.022  6.938   1.00 5.54  ? 45  PHE B CB  1 
ATOM   780 C CG  . PHE B 1 45 ? 4.888   11.438  5.857   1.00 10.39 ? 45  PHE B CG  1 
ATOM   781 C CD1 . PHE B 1 45 ? 4.426   10.403  5.037   1.00 17.07 ? 45  PHE B CD1 1 
ATOM   782 C CD2 . PHE B 1 45 ? 6.176   11.938  5.694   1.00 6.93  ? 45  PHE B CD2 1 
ATOM   783 C CE1 . PHE B 1 45 ? 5.231   9.875   4.045   1.00 12.69 ? 45  PHE B CE1 1 
ATOM   784 C CE2 . PHE B 1 45 ? 6.999   11.419  4.682   1.00 22.93 ? 45  PHE B CE2 1 
ATOM   785 C CZ  . PHE B 1 45 ? 6.517   10.380  3.861   1.00 18.62 ? 45  PHE B CZ  1 
ATOM   786 N N   . ASP B 1 46 ? 3.955   12.824  10.162  1.00 4.93  ? 46  ASP B N   1 
ATOM   787 C CA  . ASP B 1 46 ? 3.228   13.389  11.304  1.00 3.31  ? 46  ASP B CA  1 
ATOM   788 C C   . ASP B 1 46 ? 1.956   14.117  10.939  1.00 5.26  ? 46  ASP B C   1 
ATOM   789 O O   . ASP B 1 46 ? 0.992   14.157  11.786  1.00 8.33  ? 46  ASP B O   1 
ATOM   790 C CB  . ASP B 1 46 ? 4.209   14.314  12.063  1.00 8.61  ? 46  ASP B CB  1 
ATOM   791 C CG  . ASP B 1 46 ? 5.320   13.467  12.655  1.00 18.09 ? 46  ASP B CG  1 
ATOM   792 O OD1 . ASP B 1 46 ? 5.357   13.244  13.869  1.00 31.66 ? 46  ASP B OD1 1 
ATOM   793 O OD2 . ASP B 1 46 ? 6.140   13.016  11.816  1.00 20.84 ? 46  ASP B OD2 1 
ATOM   794 N N   . THR B 1 47 ? 1.974   14.813  9.860   1.00 4.64  ? 47  THR B N   1 
ATOM   795 C CA  . THR B 1 47 ? 0.906   15.643  9.394   1.00 7.97  ? 47  THR B CA  1 
ATOM   796 C C   . THR B 1 47 ? 0.674   15.443  7.919   1.00 8.39  ? 47  THR B C   1 
ATOM   797 O O   . THR B 1 47 ? 1.539   14.939  7.174   1.00 10.14 ? 47  THR B O   1 
ATOM   798 C CB  . THR B 1 47 ? 1.222   17.175  9.703   1.00 12.04 ? 47  THR B CB  1 
ATOM   799 O OG1 . THR B 1 47 ? 2.185   17.588  8.678   1.00 12.55 ? 47  THR B OG1 1 
ATOM   800 C CG2 . THR B 1 47 ? 1.789   17.463  11.110  1.00 15.39 ? 47  THR B CG2 1 
ATOM   801 N N   . GLU B 1 48 ? -0.519  15.899  7.512   1.00 7.53  ? 48  GLU B N   1 
ATOM   802 C CA  . GLU B 1 48 ? -0.879  15.793  6.088   1.00 7.83  ? 48  GLU B CA  1 
ATOM   803 C C   . GLU B 1 48 ? 0.030   16.594  5.192   1.00 6.80  ? 48  GLU B C   1 
ATOM   804 O O   . GLU B 1 48 ? 0.447   16.127  4.121   1.00 10.82 ? 48  GLU B O   1 
ATOM   805 C CB  . GLU B 1 48 ? -2.346  16.303  5.967   1.00 7.62  ? 48  GLU B CB  1 
ATOM   806 C CG  . GLU B 1 48 ? -2.891  16.129  4.541   1.00 6.22  ? 48  GLU B CG  1 
ATOM   807 C CD  . GLU B 1 48 ? -4.338  16.587  4.415   1.00 18.67 ? 48  GLU B CD  1 
ATOM   808 O OE1 . GLU B 1 48 ? -5.029  16.942  5.370   1.00 15.15 ? 48  GLU B OE1 1 
ATOM   809 O OE2 . GLU B 1 48 ? -4.675  16.564  3.231   1.00 13.00 ? 48  GLU B OE2 1 
ATOM   810 N N   . GLU B 1 49 ? 0.370   17.828  5.554   1.00 11.38 ? 49  GLU B N   1 
ATOM   811 C CA  . GLU B 1 49 ? 1.255   18.703  4.751   1.00 9.22  ? 49  GLU B CA  1 
ATOM   812 C C   . GLU B 1 49 ? 2.672   18.147  4.558   1.00 7.41  ? 49  GLU B C   1 
ATOM   813 O O   . GLU B 1 49 ? 3.273   18.330  3.508   1.00 10.52 ? 49  GLU B O   1 
ATOM   814 C CB  . GLU B 1 49 ? 1.370   20.123  5.318   1.00 26.63 ? 49  GLU B CB  1 
ATOM   815 C CG  . GLU B 1 49 ? 2.307   20.355  6.495   1.00 48.62 ? 49  GLU B CG  1 
ATOM   816 C CD  . GLU B 1 49 ? 2.685   21.724  6.931   1.00 64.43 ? 49  GLU B CD  1 
ATOM   817 O OE1 . GLU B 1 49 ? 3.529   22.433  6.391   1.00 61.07 ? 49  GLU B OE1 1 
ATOM   818 O OE2 . GLU B 1 49 ? 2.064   22.101  7.957   1.00 59.52 ? 49  GLU B OE2 1 
ATOM   819 N N   . TYR B 1 50 ? 3.145   17.438  5.615   1.00 7.28  ? 50  TYR B N   1 
ATOM   820 C CA  . TYR B 1 50 ? 4.470   16.848  5.565   1.00 6.06  ? 50  TYR B CA  1 
ATOM   821 C C   . TYR B 1 50 ? 4.459   15.717  4.513   1.00 8.06  ? 50  TYR B C   1 
ATOM   822 O O   . TYR B 1 50 ? 5.373   15.587  3.675   1.00 4.71  ? 50  TYR B O   1 
ATOM   823 C CB  . TYR B 1 50 ? 4.951   16.470  6.932   1.00 11.64 ? 50  TYR B CB  1 
ATOM   824 C CG  . TYR B 1 50 ? 6.266   15.804  7.169   1.00 4.82  ? 50  TYR B CG  1 
ATOM   825 C CD1 . TYR B 1 50 ? 7.360   16.112  6.312   1.00 12.99 ? 50  TYR B CD1 1 
ATOM   826 C CD2 . TYR B 1 50 ? 6.486   14.942  8.218   1.00 12.30 ? 50  TYR B CD2 1 
ATOM   827 C CE1 . TYR B 1 50 ? 8.593   15.506  6.500   1.00 16.28 ? 50  TYR B CE1 1 
ATOM   828 C CE2 . TYR B 1 50 ? 7.720   14.340  8.439   1.00 17.29 ? 50  TYR B CE2 1 
ATOM   829 C CZ  . TYR B 1 50 ? 8.769   14.641  7.565   1.00 15.26 ? 50  TYR B CZ  1 
ATOM   830 O OH  . TYR B 1 50 ? 10.005  14.083  7.795   1.00 25.05 ? 50  TYR B OH  1 
ATOM   831 N N   . CYS B 1 51 ? 3.433   14.900  4.638   1.00 6.75  ? 51  CYS B N   1 
ATOM   832 C CA  . CYS B 1 51 ? 3.188   13.778  3.722   1.00 6.07  ? 51  CYS B CA  1 
ATOM   833 C C   . CYS B 1 51 ? 3.159   14.315  2.312   1.00 5.92  ? 51  CYS B C   1 
ATOM   834 O O   . CYS B 1 51 ? 3.832   13.676  1.442   1.00 6.21  ? 51  CYS B O   1 
ATOM   835 C CB  . CYS B 1 51 ? 1.890   13.076  4.133   1.00 3.23  ? 51  CYS B CB  1 
ATOM   836 S SG  . CYS B 1 51 ? 1.541   11.667  3.015   1.00 5.87  ? 51  CYS B SG  1 
ATOM   837 N N   . MET B 1 52 ? 2.388   15.371  2.117   1.00 8.16  ? 52  MET B N   1 
ATOM   838 C CA  . MET B 1 52 ? 2.291   16.007  0.777   1.00 9.00  ? 52  MET B CA  1 
ATOM   839 C C   . MET B 1 52 ? 3.620   16.662  0.355   1.00 9.35  ? 52  MET B C   1 
ATOM   840 O O   . MET B 1 52 ? 3.927   16.627  -0.849  1.00 11.36 ? 52  MET B O   1 
ATOM   841 C CB  . MET B 1 52 ? 1.127   16.946  0.637   1.00 4.68  ? 52  MET B CB  1 
ATOM   842 C CG  . MET B 1 52 ? -0.200  16.206  0.848   1.00 14.86 ? 52  MET B CG  1 
ATOM   843 S SD  . MET B 1 52 ? -0.466  15.080  -0.590  1.00 20.77 ? 52  MET B SD  1 
ATOM   844 C CE  . MET B 1 52 ? -1.169  16.354  -1.705  1.00 30.50 ? 52  MET B CE  1 
ATOM   845 N N   . ALA B 1 53 ? 4.368   17.231  1.267   1.00 11.12 ? 53  ALA B N   1 
ATOM   846 C CA  . ALA B 1 53 ? 5.653   17.846  0.974   1.00 13.94 ? 53  ALA B CA  1 
ATOM   847 C C   . ALA B 1 53 ? 6.636   16.839  0.391   1.00 13.52 ? 53  ALA B C   1 
ATOM   848 O O   . ALA B 1 53 ? 7.409   17.147  -0.524  1.00 17.53 ? 53  ALA B O   1 
ATOM   849 C CB  . ALA B 1 53 ? 6.190   18.486  2.248   1.00 13.61 ? 53  ALA B CB  1 
ATOM   850 N N   . VAL B 1 54 ? 6.587   15.614  0.857   1.00 13.67 ? 54  VAL B N   1 
ATOM   851 C CA  . VAL B 1 54 ? 7.485   14.527  0.511   1.00 14.21 ? 54  VAL B CA  1 
ATOM   852 C C   . VAL B 1 54 ? 6.999   13.583  -0.573  1.00 17.42 ? 54  VAL B C   1 
ATOM   853 O O   . VAL B 1 54 ? 7.809   13.062  -1.417  1.00 16.77 ? 54  VAL B O   1 
ATOM   854 C CB  . VAL B 1 54 ? 7.873   13.796  1.829   1.00 15.73 ? 54  VAL B CB  1 
ATOM   855 C CG1 . VAL B 1 54 ? 8.615   12.488  1.666   1.00 20.81 ? 54  VAL B CG1 1 
ATOM   856 C CG2 . VAL B 1 54 ? 8.549   14.748  2.796   1.00 12.25 ? 54  VAL B CG2 1 
ATOM   857 N N   . CYS B 1 55 ? 5.723   13.256  -0.526  1.00 16.47 ? 55  CYS B N   1 
ATOM   858 C CA  . CYS B 1 55 ? 5.109   12.315  -1.443  1.00 17.46 ? 55  CYS B CA  1 
ATOM   859 C C   . CYS B 1 55 ? 4.251   12.944  -2.501  1.00 21.22 ? 55  CYS B C   1 
ATOM   860 O O   . CYS B 1 55 ? 4.215   12.381  -3.617  1.00 22.97 ? 55  CYS B O   1 
ATOM   861 C CB  . CYS B 1 55 ? 4.345   11.286  -0.617  1.00 12.24 ? 55  CYS B CB  1 
ATOM   862 S SG  . CYS B 1 55 ? 5.381   10.112  0.223   1.00 11.29 ? 55  CYS B SG  1 
ATOM   863 N N   . GLY B 1 56 ? 3.568   14.020  -2.152  1.00 23.56 ? 56  GLY B N   1 
ATOM   864 C CA  . GLY B 1 56 ? 2.663   14.740  -3.061  1.00 26.37 ? 56  GLY B CA  1 
ATOM   865 C C   . GLY B 1 56 ? 3.592   15.543  -4.010  1.00 30.67 ? 56  GLY B C   1 
ATOM   866 O O   . GLY B 1 56 ? 3.177   15.774  -5.141  1.00 36.04 ? 56  GLY B O   1 
HETATM 867 O O   . HOH C 2 .  ? 0.639   -3.352  -10.016 1.00 5.67  ? 201 HOH A O   1 
HETATM 868 O O   . HOH C 2 .  ? 0.220   -3.847  -7.343  1.00 4.25  ? 202 HOH A O   1 
HETATM 869 O O   . HOH C 2 .  ? -0.708  0.377   -16.136 1.00 2.00  ? 203 HOH A O   1 
HETATM 870 O O   . HOH C 2 .  ? -9.997  -2.258  -20.110 1.00 14.22 ? 204 HOH A O   1 
HETATM 871 O O   . HOH C 2 .  ? -3.174  -0.642  -1.585  0.90 12.46 ? 205 HOH A O   1 
HETATM 872 O O   . HOH C 2 .  ? -6.142  2.522   -16.349 0.99 18.02 ? 207 HOH A O   1 
HETATM 873 O O   . HOH C 2 .  ? 4.005   1.993   -12.643 1.00 17.99 ? 208 HOH A O   1 
HETATM 874 O O   . HOH C 2 .  ? -4.290  5.952   -18.446 1.00 39.68 ? 209 HOH A O   1 
HETATM 875 O O   . HOH C 2 .  ? -9.746  -9.478  -8.937  0.73 24.37 ? 210 HOH A O   1 
HETATM 876 O O   . HOH C 2 .  ? -9.234  -15.864 -7.896  1.00 13.34 ? 211 HOH A O   1 
HETATM 877 O O   . HOH C 2 .  ? -3.948  -5.569  10.726  1.00 36.50 ? 212 HOH A O   1 
HETATM 878 O O   . HOH C 2 .  ? -10.878 -10.461 -0.207  0.83 68.03 ? 213 HOH A O   1 
HETATM 879 O O   . HOH C 2 .  ? -3.067  -17.760 -10.536 1.00 10.67 ? 214 HOH A O   1 
HETATM 880 O O   . HOH C 2 .  ? 8.805   -2.425  -8.804  0.70 46.39 ? 215 HOH A O   1 
HETATM 881 O O   . HOH C 2 .  ? 5.804   -15.933 -8.061  0.81 17.57 ? 216 HOH A O   1 
HETATM 882 O O   . HOH C 2 .  ? -9.623  -11.141 7.637   0.94 66.61 ? 217 HOH A O   1 
HETATM 883 O O   . HOH C 2 .  ? 10.368  -3.266  1.924   0.97 50.08 ? 218 HOH A O   1 
HETATM 884 O O   . HOH C 2 .  ? 7.437   -4.661  -6.952  0.53 17.20 ? 219 HOH A O   1 
HETATM 885 O O   . HOH C 2 .  ? -0.590  3.827   -9.918  1.00 28.76 ? 221 HOH A O   1 
HETATM 886 O O   . HOH C 2 .  ? -7.760  -0.128  -8.295  1.00 23.89 ? 222 HOH A O   1 
HETATM 887 O O   . HOH C 2 .  ? -8.182  -1.402  -5.229  1.00 46.31 ? 223 HOH A O   1 
HETATM 888 O O   . HOH C 2 .  ? -3.222  2.628   -8.221  1.00 17.70 ? 224 HOH A O   1 
HETATM 889 O O   . HOH C 2 .  ? -2.553  4.942   -11.976 0.86 30.99 ? 225 HOH A O   1 
HETATM 890 O O   . HOH C 2 .  ? -0.761  3.940   -22.295 0.88 21.33 ? 226 HOH A O   1 
HETATM 891 O O   . HOH C 2 .  ? -7.513  -11.812 -12.892 1.00 38.31 ? 227 HOH A O   1 
HETATM 892 O O   . HOH C 2 .  ? -11.802 -13.848 1.723   0.79 48.65 ? 228 HOH A O   1 
HETATM 893 O O   . HOH C 2 .  ? -7.839  -13.688 0.224   1.00 23.61 ? 229 HOH A O   1 
HETATM 894 O O   . HOH C 2 .  ? -10.425 -3.827  -2.719  1.00 34.42 ? 230 HOH A O   1 
HETATM 895 O O   . HOH C 2 .  ? -11.411 -4.587  -8.789  1.00 27.18 ? 231 HOH A O   1 
HETATM 896 O O   . HOH C 2 .  ? 3.144   -5.238  -12.261 0.61 14.72 ? 232 HOH A O   1 
HETATM 897 O O   . HOH C 2 .  ? 2.622   -4.888  -20.216 1.00 28.72 ? 233 HOH A O   1 
HETATM 898 O O   . HOH C 2 .  ? 1.937   -7.887  -14.259 0.98 33.85 ? 234 HOH A O   1 
HETATM 899 O O   . HOH C 2 .  ? -8.567  -17.914 -6.307  1.00 22.18 ? 235 HOH A O   1 
HETATM 900 O O   . HOH C 2 .  ? 8.187   -3.900  -0.319  1.00 25.34 ? 236 HOH A O   1 
HETATM 901 O O   . HOH C 2 .  ? -12.593 -13.007 -2.927  0.93 37.51 ? 238 HOH A O   1 
HETATM 902 O O   . HOH C 2 .  ? -12.662 -14.297 -10.695 0.78 28.40 ? 239 HOH A O   1 
HETATM 903 O O   . HOH C 2 .  ? -3.791  4.546   -15.384 0.87 29.28 ? 241 HOH A O   1 
HETATM 904 O O   . HOH C 2 .  ? -0.139  -13.895 -12.243 0.99 19.29 ? 242 HOH A O   1 
HETATM 905 O O   . HOH C 2 .  ? 1.389   5.399   -12.489 0.97 26.24 ? 243 HOH A O   1 
HETATM 906 O O   . HOH C 2 .  ? -3.310  -20.101 -1.938  0.86 24.16 ? 244 HOH A O   1 
HETATM 907 O O   . HOH C 2 .  ? -4.842  -10.823 -16.836 0.89 33.54 ? 245 HOH A O   1 
HETATM 908 O O   . HOH C 2 .  ? -12.592 -15.081 -4.576  1.00 27.31 ? 246 HOH A O   1 
HETATM 909 O O   . HOH C 2 .  ? 1.823   6.616   -20.692 1.00 42.28 ? 247 HOH A O   1 
HETATM 910 O O   . HOH C 2 .  ? 10.046  -10.023 -1.905  0.97 32.44 ? 248 HOH A O   1 
HETATM 911 O O   . HOH C 2 .  ? -1.790  -1.855  9.100   0.98 20.64 ? 249 HOH A O   1 
HETATM 912 O O   . HOH C 2 .  ? 4.108   -11.448 -8.837  1.00 32.93 ? 250 HOH A O   1 
HETATM 913 O O   . HOH C 2 .  ? -1.532  6.647   -21.193 1.00 55.33 ? 251 HOH A O   1 
HETATM 914 O O   . HOH C 2 .  ? -0.834  -10.757 -12.484 0.51 12.11 ? 252 HOH A O   1 
HETATM 915 O O   . HOH C 2 .  ? 4.767   0.046   -6.503  1.00 34.65 ? 253 HOH A O   1 
HETATM 916 O O   . HOH C 2 .  ? -1.018  -8.429  7.644   0.91 49.78 ? 255 HOH A O   1 
HETATM 917 O O   . HOH C 2 .  ? -9.571  0.479   -21.598 1.00 30.53 ? 263 HOH A O   1 
HETATM 918 O O   . HOH C 2 .  ? -3.208  -0.143  5.387   0.98 50.45 ? 278 HOH A O   1 
HETATM 919 O O   . HOH C 2 .  ? -0.382  -4.203  8.888   0.70 49.62 ? 279 HOH A O   1 
HETATM 920 O O   . HOH C 2 .  ? -9.700  -16.832 -10.517 1.00 27.93 ? 285 HOH A O   1 
HETATM 921 O O   . HOH C 2 .  ? -10.025 -13.927 -10.478 0.79 33.80 ? 296 HOH A O   1 
HETATM 922 O O   . HOH C 2 .  ? -6.200  5.112   -14.013 0.78 40.23 ? 297 HOH A O   1 
HETATM 923 O O   . HOH C 2 .  ? -6.280  -10.761 -14.737 1.00 35.77 ? 299 HOH A O   1 
HETATM 924 O O   . HOH C 2 .  ? 0.570   -12.889 5.798   0.77 45.70 ? 300 HOH A O   1 
HETATM 925 O O   . HOH C 2 .  ? -12.100 -14.918 -0.657  0.64 28.96 ? 303 HOH A O   1 
HETATM 926 O O   . HOH C 2 .  ? -4.182  -9.610  -19.092 0.97 37.21 ? 304 HOH A O   1 
HETATM 927 O O   . HOH D 2 .  ? -5.397  0.408   -7.388  1.00 19.76 ? 206 HOH B O   1 
HETATM 928 O O   . HOH D 2 .  ? -2.228  1.000   2.563   1.00 10.84 ? 220 HOH B O   1 
HETATM 929 O O   . HOH D 2 .  ? -6.928  12.321  11.608  1.00 38.75 ? 237 HOH B O   1 
HETATM 930 O O   . HOH D 2 .  ? -2.480  17.226  9.336   1.00 12.01 ? 240 HOH B O   1 
HETATM 931 O O   . HOH D 2 .  ? -3.437  1.954   -3.407  1.00 32.95 ? 254 HOH B O   1 
HETATM 932 O O   . HOH D 2 .  ? 3.013   3.190   6.996   1.00 7.06  ? 256 HOH B O   1 
HETATM 933 O O   . HOH D 2 .  ? 4.173   2.663   9.492   1.00 8.11  ? 257 HOH B O   1 
HETATM 934 O O   . HOH D 2 .  ? 2.878   -0.095  16.204  1.00 9.02  ? 258 HOH B O   1 
HETATM 935 O O   . HOH D 2 .  ? -4.149  14.545  1.156   1.00 16.35 ? 259 HOH B O   1 
HETATM 936 O O   . HOH D 2 .  ? -7.338  12.211  2.583   1.00 25.20 ? 260 HOH B O   1 
HETATM 937 O O   . HOH D 2 .  ? 7.939   0.441   -1.964  1.00 28.04 ? 261 HOH B O   1 
HETATM 938 O O   . HOH D 2 .  ? 1.394   -3.441  10.532  1.00 23.08 ? 262 HOH B O   1 
HETATM 939 O O   . HOH D 2 .  ? -1.458  -2.427  16.795  0.78 17.39 ? 264 HOH B O   1 
HETATM 940 O O   . HOH D 2 .  ? 8.535   -4.446  18.635  1.00 34.97 ? 265 HOH B O   1 
HETATM 941 O O   . HOH D 2 .  ? 9.361   -2.891  16.235  0.98 27.26 ? 266 HOH B O   1 
HETATM 942 O O   . HOH D 2 .  ? 7.453   3.880   11.180  0.84 23.10 ? 267 HOH B O   1 
HETATM 943 O O   . HOH D 2 .  ? 10.076  11.560  9.620   0.85 19.74 ? 268 HOH B O   1 
HETATM 944 O O   . HOH D 2 .  ? 9.031   13.451  12.188  0.96 28.39 ? 269 HOH B O   1 
HETATM 945 O O   . HOH D 2 .  ? -4.899  17.530  8.035   0.75 19.96 ? 270 HOH B O   1 
HETATM 946 O O   . HOH D 2 .  ? -5.757  16.716  -0.028  0.81 35.72 ? 271 HOH B O   1 
HETATM 947 O O   . HOH D 2 .  ? 2.295   -4.984  21.472  1.00 50.91 ? 272 HOH B O   1 
HETATM 948 O O   . HOH D 2 .  ? -2.644  0.355   17.691  1.00 22.56 ? 273 HOH B O   1 
HETATM 949 O O   . HOH D 2 .  ? -6.550  8.677   11.712  1.00 31.62 ? 274 HOH B O   1 
HETATM 950 O O   . HOH D 2 .  ? -6.077  3.850   6.762   0.62 17.86 ? 275 HOH B O   1 
HETATM 951 O O   . HOH D 2 .  ? 14.867  9.157   4.606   0.99 36.05 ? 276 HOH B O   1 
HETATM 952 O O   . HOH D 2 .  ? -1.155  19.102  1.709   0.84 33.75 ? 277 HOH B O   1 
HETATM 953 O O   . HOH D 2 .  ? 2.882   20.490  1.965   1.00 35.73 ? 280 HOH B O   1 
HETATM 954 O O   . HOH D 2 .  ? 7.580   18.140  -2.966  0.80 52.95 ? 281 HOH B O   1 
HETATM 955 O O   . HOH D 2 .  ? 1.381   20.514  9.782   1.00 21.97 ? 282 HOH B O   1 
HETATM 956 O O   . HOH D 2 .  ? -4.565  1.936   4.304   0.94 33.86 ? 283 HOH B O   1 
HETATM 957 O O   . HOH D 2 .  ? 7.491   6.811   12.210  0.88 29.45 ? 284 HOH B O   1 
HETATM 958 O O   . HOH D 2 .  ? 6.975   -1.040  -0.137  0.83 28.18 ? 286 HOH B O   1 
HETATM 959 O O   . HOH D 2 .  ? 8.579   20.042  -0.893  0.91 45.55 ? 287 HOH B O   1 
HETATM 960 O O   . HOH D 2 .  ? -0.685  7.604   -7.604  0.88 27.73 ? 288 HOH B O   1 
HETATM 961 O O   . HOH D 2 .  ? -6.346  3.558   10.456  0.88 25.45 ? 289 HOH B O   1 
HETATM 962 O O   . HOH D 2 .  ? 12.870  5.915   -1.477  1.00 38.64 ? 290 HOH B O   1 
HETATM 963 O O   . HOH D 2 .  ? 7.165   9.876   11.471  0.87 36.21 ? 291 HOH B O   1 
HETATM 964 O O   . HOH D 2 .  ? 2.628   11.929  15.547  0.60 16.44 ? 292 HOH B O   1 
HETATM 965 O O   . HOH D 2 .  ? 10.066  1.791   0.110   0.71 33.30 ? 293 HOH B O   1 
HETATM 966 O O   . HOH D 2 .  ? -3.391  0.738   9.011   0.91 32.36 ? 294 HOH B O   1 
HETATM 967 O O   . HOH D 2 .  ? -3.373  2.056   0.062   0.72 21.20 ? 295 HOH B O   1 
HETATM 968 O O   . HOH D 2 .  ? 8.593   7.459   8.814   0.86 32.31 ? 298 HOH B O   1 
HETATM 969 O O   . HOH D 2 .  ? 4.014   -4.159  5.627   0.65 36.16 ? 301 HOH B O   1 
HETATM 970 O O   . HOH D 2 .  ? 4.681   22.428  3.924   1.00 28.47 ? 302 HOH B O   1 
HETATM 971 O O   . HOH D 2 .  ? -6.076  6.093   -9.229  1.00 41.45 ? 305 HOH B O   1 
# 
